data_2EDJ
#
_entry.id   2EDJ
#
_entity_poly.entity_id   1
_entity_poly.type   'polypeptide(L)'
_entity_poly.pdbx_seq_one_letter_code
;GSSGSSGPPIILQGPANQTLAVDGTALLKCKATGDPLPVISWLKEGFTFPGRDPRATIQEQGTLQIKNLRISDTGTYTCV
ATSSSGETSWSAVLDVTESG
;
_entity_poly.pdbx_strand_id   A
#
# COMPACT_ATOMS: atom_id res chain seq x y z
N GLY A 1 17.62 1.37 -9.09
CA GLY A 1 17.14 0.34 -10.00
C GLY A 1 17.70 0.49 -11.40
N SER A 2 17.11 -0.23 -12.34
CA SER A 2 17.55 -0.18 -13.73
C SER A 2 16.67 0.76 -14.55
N SER A 3 17.22 1.91 -14.93
CA SER A 3 16.48 2.89 -15.71
C SER A 3 16.58 2.58 -17.19
N GLY A 4 15.60 1.85 -17.71
CA GLY A 4 15.58 1.49 -19.11
C GLY A 4 15.32 0.01 -19.34
N SER A 5 14.21 -0.47 -18.81
CA SER A 5 13.85 -1.88 -18.96
C SER A 5 12.48 -2.02 -19.62
N SER A 6 12.13 -3.24 -19.99
CA SER A 6 10.86 -3.52 -20.64
C SER A 6 10.14 -4.68 -19.97
N GLY A 7 8.96 -4.41 -19.42
CA GLY A 7 8.20 -5.45 -18.74
C GLY A 7 7.14 -4.88 -17.83
N PRO A 8 6.64 -5.71 -16.90
CA PRO A 8 5.61 -5.31 -15.94
C PRO A 8 6.14 -4.33 -14.90
N PRO A 9 5.22 -3.71 -14.15
CA PRO A 9 5.57 -2.73 -13.11
C PRO A 9 6.24 -3.39 -11.91
N ILE A 10 7.36 -2.81 -11.49
CA ILE A 10 8.10 -3.34 -10.35
C ILE A 10 8.01 -2.40 -9.14
N ILE A 11 7.91 -2.99 -7.96
CA ILE A 11 7.82 -2.20 -6.73
C ILE A 11 9.17 -2.12 -6.03
N LEU A 12 9.97 -1.12 -6.41
CA LEU A 12 11.29 -0.92 -5.82
C LEU A 12 11.25 -1.18 -4.32
N GLN A 13 10.23 -0.64 -3.65
CA GLN A 13 10.09 -0.83 -2.21
C GLN A 13 8.61 -0.77 -1.80
N GLY A 14 8.11 -1.88 -1.26
CA GLY A 14 6.72 -1.92 -0.84
C GLY A 14 6.57 -1.94 0.67
N PRO A 15 5.35 -2.18 1.15
CA PRO A 15 5.05 -2.22 2.59
C PRO A 15 5.65 -3.44 3.27
N ALA A 16 5.86 -3.34 4.58
CA ALA A 16 6.43 -4.44 5.35
C ALA A 16 5.60 -4.72 6.60
N ASN A 17 5.88 -5.85 7.24
CA ASN A 17 5.16 -6.22 8.45
C ASN A 17 5.58 -5.37 9.63
N GLN A 18 4.75 -4.41 9.99
CA GLN A 18 5.03 -3.51 11.11
C GLN A 18 3.98 -3.66 12.20
N THR A 19 4.43 -3.66 13.46
CA THR A 19 3.54 -3.79 14.59
C THR A 19 3.37 -2.47 15.33
N LEU A 20 2.33 -1.73 14.96
CA LEU A 20 2.06 -0.44 15.58
C LEU A 20 1.06 -0.58 16.74
N ALA A 21 0.85 0.51 17.47
CA ALA A 21 -0.08 0.50 18.59
C ALA A 21 -1.34 1.29 18.26
N VAL A 22 -2.50 0.69 18.53
CA VAL A 22 -3.77 1.33 18.26
C VAL A 22 -3.74 2.80 18.67
N ASP A 23 -4.54 3.62 18.00
CA ASP A 23 -4.61 5.04 18.29
C ASP A 23 -3.34 5.74 17.83
N GLY A 24 -2.73 5.23 16.77
CA GLY A 24 -1.51 5.82 16.25
C GLY A 24 -1.61 6.16 14.78
N THR A 25 -0.46 6.28 14.11
CA THR A 25 -0.43 6.60 12.70
C THR A 25 0.31 5.53 11.91
N ALA A 26 -0.38 4.91 10.96
CA ALA A 26 0.21 3.88 10.13
C ALA A 26 0.69 4.44 8.80
N LEU A 27 1.96 4.22 8.48
CA LEU A 27 2.54 4.70 7.23
C LEU A 27 3.05 3.54 6.39
N LEU A 28 2.33 3.22 5.32
CA LEU A 28 2.73 2.13 4.43
C LEU A 28 3.43 2.68 3.19
N LYS A 29 4.75 2.55 3.16
CA LYS A 29 5.53 3.02 2.04
C LYS A 29 5.37 2.10 0.83
N CYS A 30 5.26 2.70 -0.36
CA CYS A 30 5.10 1.93 -1.59
C CYS A 30 5.61 2.72 -2.79
N LYS A 31 6.69 2.25 -3.38
CA LYS A 31 7.27 2.91 -4.55
C LYS A 31 7.36 1.95 -5.73
N ALA A 32 6.76 2.34 -6.85
CA ALA A 32 6.76 1.52 -8.05
C ALA A 32 7.12 2.35 -9.28
N THR A 33 7.87 1.74 -10.20
CA THR A 33 8.27 2.42 -11.43
C THR A 33 7.67 1.75 -12.65
N GLY A 34 7.45 2.55 -13.70
CA GLY A 34 6.87 2.03 -14.92
C GLY A 34 6.79 3.07 -16.02
N ASP A 35 6.53 2.61 -17.24
CA ASP A 35 6.43 3.51 -18.38
C ASP A 35 5.23 3.16 -19.25
N PRO A 36 4.10 3.83 -18.98
CA PRO A 36 4.00 4.83 -17.92
C PRO A 36 4.08 4.21 -16.53
N LEU A 37 3.96 5.06 -15.50
CA LEU A 37 4.03 4.58 -14.12
C LEU A 37 2.76 3.83 -13.74
N PRO A 38 2.91 2.83 -12.86
CA PRO A 38 1.79 2.01 -12.39
C PRO A 38 0.84 2.80 -11.48
N VAL A 39 -0.38 2.31 -11.34
CA VAL A 39 -1.38 2.96 -10.50
C VAL A 39 -1.43 2.32 -9.12
N ILE A 40 -0.83 3.00 -8.13
CA ILE A 40 -0.80 2.49 -6.77
C ILE A 40 -2.22 2.30 -6.23
N SER A 41 -2.42 1.21 -5.50
CA SER A 41 -3.73 0.92 -4.93
C SER A 41 -3.60 0.01 -3.71
N TRP A 42 -4.39 0.27 -2.68
CA TRP A 42 -4.37 -0.52 -1.46
C TRP A 42 -5.64 -1.33 -1.31
N LEU A 43 -5.50 -2.64 -1.18
CA LEU A 43 -6.66 -3.53 -1.02
C LEU A 43 -6.67 -4.16 0.36
N LYS A 44 -7.73 -3.91 1.11
CA LYS A 44 -7.88 -4.44 2.45
C LYS A 44 -8.66 -5.76 2.43
N GLU A 45 -7.94 -6.87 2.54
CA GLU A 45 -8.56 -8.18 2.53
C GLU A 45 -9.34 -8.42 1.25
N GLY A 46 -8.86 -7.81 0.16
CA GLY A 46 -9.51 -7.96 -1.12
C GLY A 46 -10.69 -7.02 -1.29
N PHE A 47 -10.51 -5.78 -0.84
CA PHE A 47 -11.57 -4.78 -0.93
C PHE A 47 -10.97 -3.38 -1.11
N THR A 48 -11.67 -2.53 -1.86
CA THR A 48 -11.21 -1.18 -2.12
C THR A 48 -10.90 -0.46 -0.81
N PHE A 49 -9.73 0.17 -0.75
CA PHE A 49 -9.31 0.90 0.44
C PHE A 49 -8.14 1.82 0.13
N PRO A 50 -8.17 3.03 0.73
CA PRO A 50 -9.25 3.45 1.63
C PRO A 50 -10.56 3.68 0.89
N GLY A 51 -10.46 4.16 -0.35
CA GLY A 51 -11.65 4.41 -1.14
C GLY A 51 -12.47 5.56 -0.59
N ARG A 52 -13.29 5.27 0.43
CA ARG A 52 -14.14 6.29 1.04
C ARG A 52 -13.85 6.41 2.53
N ASP A 53 -12.74 7.08 2.86
CA ASP A 53 -12.35 7.27 4.24
C ASP A 53 -11.63 8.61 4.43
N PRO A 54 -12.15 9.44 5.33
CA PRO A 54 -11.58 10.76 5.62
C PRO A 54 -10.24 10.66 6.34
N ARG A 55 -10.18 9.83 7.38
CA ARG A 55 -8.96 9.65 8.14
C ARG A 55 -7.85 9.06 7.27
N ALA A 56 -8.20 8.04 6.51
CA ALA A 56 -7.24 7.38 5.63
C ALA A 56 -7.03 8.19 4.34
N THR A 57 -5.81 8.18 3.84
CA THR A 57 -5.47 8.91 2.62
C THR A 57 -4.13 8.46 2.06
N ILE A 58 -3.82 8.90 0.84
CA ILE A 58 -2.57 8.55 0.19
C ILE A 58 -1.85 9.79 -0.32
N GLN A 59 -0.54 9.83 -0.13
CA GLN A 59 0.27 10.96 -0.58
C GLN A 59 0.77 10.74 -2.01
N GLU A 60 1.31 11.80 -2.61
CA GLU A 60 1.82 11.72 -3.97
C GLU A 60 2.77 10.53 -4.13
N GLN A 61 3.42 10.15 -3.04
CA GLN A 61 4.36 9.04 -3.06
C GLN A 61 3.68 7.75 -2.61
N GLY A 62 2.48 7.50 -3.13
CA GLY A 62 1.76 6.30 -2.76
C GLY A 62 1.97 5.91 -1.32
N THR A 63 1.85 6.88 -0.42
CA THR A 63 2.04 6.64 1.01
C THR A 63 0.70 6.61 1.74
N LEU A 64 0.29 5.40 2.15
CA LEU A 64 -0.98 5.24 2.86
C LEU A 64 -0.83 5.65 4.33
N GLN A 65 -1.49 6.75 4.69
CA GLN A 65 -1.44 7.25 6.06
C GLN A 65 -2.80 7.14 6.73
N ILE A 66 -2.84 6.39 7.83
CA ILE A 66 -4.09 6.21 8.57
C ILE A 66 -3.93 6.64 10.03
N LYS A 67 -4.78 7.56 10.46
CA LYS A 67 -4.74 8.07 11.83
C LYS A 67 -5.84 7.41 12.68
N ASN A 68 -5.63 7.39 13.99
CA ASN A 68 -6.60 6.81 14.90
C ASN A 68 -6.79 5.32 14.62
N LEU A 69 -5.68 4.62 14.43
CA LEU A 69 -5.71 3.18 14.16
C LEU A 69 -6.68 2.47 15.10
N ARG A 70 -6.92 1.20 14.82
CA ARG A 70 -7.82 0.40 15.65
C ARG A 70 -7.46 -1.08 15.59
N ILE A 71 -7.61 -1.77 16.71
CA ILE A 71 -7.30 -3.20 16.78
C ILE A 71 -8.02 -3.97 15.68
N SER A 72 -9.08 -3.38 15.15
CA SER A 72 -9.86 -4.02 14.09
C SER A 72 -9.23 -3.75 12.71
N ASP A 73 -8.56 -2.60 12.60
CA ASP A 73 -7.92 -2.23 11.35
C ASP A 73 -6.96 -3.32 10.88
N THR A 74 -6.30 -3.97 11.83
CA THR A 74 -5.35 -5.03 11.52
C THR A 74 -5.86 -5.89 10.36
N GLY A 75 -5.12 -5.87 9.26
CA GLY A 75 -5.51 -6.66 8.10
C GLY A 75 -4.37 -6.87 7.13
N THR A 76 -4.68 -7.39 5.94
CA THR A 76 -3.67 -7.64 4.93
C THR A 76 -3.69 -6.56 3.84
N TYR A 77 -2.65 -5.75 3.80
CA TYR A 77 -2.54 -4.68 2.82
C TYR A 77 -1.83 -5.16 1.56
N THR A 78 -2.36 -4.77 0.40
CA THR A 78 -1.77 -5.16 -0.88
C THR A 78 -1.63 -3.96 -1.81
N CYS A 79 -0.41 -3.47 -1.96
CA CYS A 79 -0.13 -2.33 -2.82
C CYS A 79 -0.04 -2.76 -4.28
N VAL A 80 -1.14 -2.62 -5.00
CA VAL A 80 -1.18 -2.99 -6.42
C VAL A 80 -0.72 -1.84 -7.31
N ALA A 81 0.15 -2.14 -8.26
CA ALA A 81 0.67 -1.13 -9.17
C ALA A 81 0.51 -1.57 -10.63
N THR A 82 -0.70 -1.38 -11.17
CA THR A 82 -0.98 -1.76 -12.54
C THR A 82 -0.50 -0.69 -13.52
N SER A 83 0.17 -1.13 -14.58
CA SER A 83 0.69 -0.20 -15.58
C SER A 83 0.42 -0.73 -16.99
N SER A 84 0.27 0.19 -17.93
CA SER A 84 0.00 -0.18 -19.32
C SER A 84 0.77 -1.44 -19.71
N SER A 85 1.97 -1.57 -19.14
CA SER A 85 2.81 -2.74 -19.43
C SER A 85 2.21 -4.01 -18.84
N GLY A 86 2.28 -4.13 -17.52
CA GLY A 86 1.74 -5.31 -16.86
C GLY A 86 1.05 -4.97 -15.56
N GLU A 87 1.25 -5.82 -14.55
CA GLU A 87 0.63 -5.60 -13.25
C GLU A 87 1.46 -6.25 -12.14
N THR A 88 1.40 -5.66 -10.95
CA THR A 88 2.15 -6.17 -9.81
C THR A 88 1.49 -5.77 -8.49
N SER A 89 1.86 -6.46 -7.41
CA SER A 89 1.30 -6.18 -6.10
C SER A 89 2.24 -6.66 -5.00
N TRP A 90 2.15 -6.02 -3.83
CA TRP A 90 2.99 -6.38 -2.70
C TRP A 90 2.17 -7.06 -1.61
N SER A 91 2.85 -7.52 -0.57
CA SER A 91 2.19 -8.20 0.54
C SER A 91 2.74 -7.72 1.88
N ALA A 92 1.84 -7.30 2.77
CA ALA A 92 2.23 -6.81 4.08
C ALA A 92 1.04 -6.80 5.03
N VAL A 93 1.31 -7.05 6.31
CA VAL A 93 0.27 -7.07 7.33
C VAL A 93 0.58 -6.10 8.46
N LEU A 94 -0.39 -5.27 8.81
CA LEU A 94 -0.23 -4.28 9.87
C LEU A 94 -0.86 -4.79 11.17
N ASP A 95 -0.03 -5.35 12.05
CA ASP A 95 -0.51 -5.86 13.33
C ASP A 95 -0.70 -4.71 14.33
N VAL A 96 -1.95 -4.44 14.67
CA VAL A 96 -2.26 -3.37 15.61
C VAL A 96 -2.50 -3.93 17.01
N THR A 97 -1.68 -3.51 17.97
CA THR A 97 -1.80 -3.97 19.34
C THR A 97 -2.18 -2.83 20.28
N GLU A 98 -2.64 -3.17 21.48
CA GLU A 98 -3.04 -2.17 22.46
C GLU A 98 -1.81 -1.62 23.20
N SER A 99 -0.89 -2.51 23.54
CA SER A 99 0.32 -2.11 24.25
C SER A 99 1.56 -2.45 23.44
N GLY A 100 1.50 -2.21 22.14
CA GLY A 100 2.62 -2.50 21.27
C GLY A 100 3.09 -3.93 21.39
N GLY A 1 10.76 -11.26 -30.85
CA GLY A 1 10.61 -10.09 -31.70
C GLY A 1 9.92 -8.94 -31.02
N SER A 2 10.63 -7.86 -30.78
CA SER A 2 10.08 -6.69 -30.11
C SER A 2 10.97 -5.46 -30.33
N SER A 3 10.34 -4.31 -30.50
CA SER A 3 11.07 -3.06 -30.72
C SER A 3 10.95 -2.14 -29.51
N GLY A 4 12.04 -1.47 -29.16
CA GLY A 4 12.02 -0.57 -28.03
C GLY A 4 12.49 -1.23 -26.75
N SER A 5 12.18 -0.61 -25.61
CA SER A 5 12.59 -1.15 -24.32
C SER A 5 11.60 -0.74 -23.23
N SER A 6 10.89 -1.72 -22.68
CA SER A 6 9.91 -1.46 -21.63
C SER A 6 9.54 -2.76 -20.90
N GLY A 7 8.73 -2.63 -19.86
CA GLY A 7 8.32 -3.79 -19.09
C GLY A 7 7.20 -3.47 -18.11
N PRO A 8 6.77 -4.49 -17.36
CA PRO A 8 5.69 -4.34 -16.37
C PRO A 8 6.11 -3.50 -15.18
N PRO A 9 5.13 -3.08 -14.37
CA PRO A 9 5.38 -2.26 -13.18
C PRO A 9 6.09 -3.04 -12.08
N ILE A 10 7.21 -2.51 -11.61
CA ILE A 10 7.97 -3.16 -10.55
C ILE A 10 7.95 -2.32 -9.27
N ILE A 11 7.74 -3.00 -8.14
CA ILE A 11 7.70 -2.32 -6.86
C ILE A 11 9.07 -2.36 -6.17
N LEU A 12 9.85 -1.30 -6.37
CA LEU A 12 11.17 -1.21 -5.77
C LEU A 12 11.14 -1.62 -4.29
N GLN A 13 10.18 -1.06 -3.56
CA GLN A 13 10.04 -1.37 -2.14
C GLN A 13 8.57 -1.30 -1.72
N GLY A 14 8.04 -2.44 -1.29
CA GLY A 14 6.65 -2.50 -0.86
C GLY A 14 6.50 -2.47 0.64
N PRO A 15 5.28 -2.74 1.13
CA PRO A 15 4.99 -2.75 2.56
C PRO A 15 5.65 -3.92 3.28
N ALA A 16 5.68 -3.85 4.61
CA ALA A 16 6.27 -4.90 5.42
C ALA A 16 5.53 -5.08 6.74
N ASN A 17 5.67 -6.25 7.34
CA ASN A 17 5.01 -6.55 8.61
C ASN A 17 5.52 -5.63 9.71
N GLN A 18 4.65 -4.71 10.14
CA GLN A 18 5.01 -3.76 11.20
C GLN A 18 4.01 -3.82 12.34
N THR A 19 4.51 -3.69 13.57
CA THR A 19 3.65 -3.72 14.75
C THR A 19 3.54 -2.34 15.39
N LEU A 20 2.44 -1.66 15.12
CA LEU A 20 2.21 -0.33 15.68
C LEU A 20 1.15 -0.37 16.77
N ALA A 21 0.88 0.78 17.37
CA ALA A 21 -0.12 0.88 18.43
C ALA A 21 -1.35 1.63 17.95
N VAL A 22 -2.51 1.22 18.45
CA VAL A 22 -3.78 1.85 18.08
C VAL A 22 -3.78 3.33 18.45
N ASP A 23 -4.58 4.11 17.73
CA ASP A 23 -4.68 5.54 17.97
C ASP A 23 -3.41 6.27 17.54
N GLY A 24 -2.75 5.72 16.53
CA GLY A 24 -1.52 6.31 16.03
C GLY A 24 -1.58 6.61 14.54
N THR A 25 -0.50 6.30 13.84
CA THR A 25 -0.43 6.54 12.40
C THR A 25 0.36 5.44 11.70
N ALA A 26 -0.26 4.84 10.68
CA ALA A 26 0.39 3.77 9.93
C ALA A 26 0.89 4.27 8.57
N LEU A 27 2.20 4.24 8.39
CA LEU A 27 2.81 4.70 7.14
C LEU A 27 3.38 3.52 6.35
N LEU A 28 2.58 2.97 5.44
CA LEU A 28 3.00 1.85 4.63
C LEU A 28 3.78 2.32 3.40
N LYS A 29 5.10 2.19 3.45
CA LYS A 29 5.95 2.60 2.35
C LYS A 29 5.74 1.71 1.13
N CYS A 30 5.61 2.34 -0.04
CA CYS A 30 5.40 1.61 -1.28
C CYS A 30 5.85 2.44 -2.48
N LYS A 31 6.89 1.96 -3.16
CA LYS A 31 7.42 2.65 -4.33
C LYS A 31 7.44 1.73 -5.55
N ALA A 32 7.00 2.25 -6.68
CA ALA A 32 6.96 1.47 -7.92
C ALA A 32 7.23 2.35 -9.13
N THR A 33 7.91 1.79 -10.13
CA THR A 33 8.23 2.53 -11.35
C THR A 33 7.52 1.94 -12.55
N GLY A 34 7.21 2.79 -13.53
CA GLY A 34 6.54 2.34 -14.73
C GLY A 34 6.43 3.42 -15.78
N ASP A 35 6.11 3.02 -17.01
CA ASP A 35 5.99 3.97 -18.11
C ASP A 35 4.72 3.69 -18.92
N PRO A 36 3.63 4.37 -18.56
CA PRO A 36 3.63 5.34 -17.45
C PRO A 36 3.77 4.66 -16.10
N LEU A 37 3.75 5.46 -15.03
CA LEU A 37 3.87 4.94 -13.68
C LEU A 37 2.60 4.22 -13.25
N PRO A 38 2.76 3.18 -12.43
CA PRO A 38 1.63 2.38 -11.92
C PRO A 38 0.77 3.16 -10.94
N VAL A 39 -0.52 2.86 -10.91
CA VAL A 39 -1.45 3.52 -10.01
C VAL A 39 -1.44 2.88 -8.63
N ILE A 40 -0.54 3.34 -7.77
CA ILE A 40 -0.42 2.81 -6.42
C ILE A 40 -1.80 2.63 -5.78
N SER A 41 -2.09 1.40 -5.37
CA SER A 41 -3.37 1.08 -4.75
C SER A 41 -3.17 0.21 -3.52
N TRP A 42 -4.25 0.00 -2.77
CA TRP A 42 -4.20 -0.82 -1.57
C TRP A 42 -5.48 -1.64 -1.40
N LEU A 43 -5.33 -2.95 -1.25
CA LEU A 43 -6.48 -3.84 -1.09
C LEU A 43 -6.46 -4.52 0.27
N LYS A 44 -7.48 -4.27 1.08
CA LYS A 44 -7.58 -4.86 2.41
C LYS A 44 -8.40 -6.14 2.37
N GLU A 45 -7.70 -7.27 2.40
CA GLU A 45 -8.36 -8.58 2.37
C GLU A 45 -9.14 -8.76 1.07
N GLY A 46 -8.59 -8.25 -0.02
CA GLY A 46 -9.25 -8.37 -1.31
C GLY A 46 -10.42 -7.41 -1.46
N PHE A 47 -10.22 -6.18 -1.00
CA PHE A 47 -11.27 -5.16 -1.08
C PHE A 47 -10.66 -3.77 -1.26
N THR A 48 -11.33 -2.95 -2.06
CA THR A 48 -10.85 -1.59 -2.31
C THR A 48 -10.61 -0.83 -1.01
N PHE A 49 -9.48 -0.13 -0.94
CA PHE A 49 -9.13 0.63 0.25
C PHE A 49 -7.94 1.55 -0.04
N PRO A 50 -7.98 2.75 0.57
CA PRO A 50 -9.08 3.17 1.44
C PRO A 50 -10.38 3.41 0.68
N GLY A 51 -10.24 3.81 -0.58
CA GLY A 51 -11.41 4.06 -1.41
C GLY A 51 -12.05 5.41 -1.10
N ARG A 52 -13.13 5.38 -0.33
CA ARG A 52 -13.84 6.60 0.04
C ARG A 52 -13.77 6.85 1.54
N ASP A 53 -12.57 7.15 2.03
CA ASP A 53 -12.37 7.40 3.45
C ASP A 53 -11.44 8.61 3.66
N PRO A 54 -11.93 9.61 4.40
CA PRO A 54 -11.16 10.83 4.69
C PRO A 54 -10.00 10.56 5.63
N ARG A 55 -10.26 9.81 6.70
CA ARG A 55 -9.23 9.50 7.68
C ARG A 55 -7.99 8.94 7.00
N ALA A 56 -8.19 8.03 6.05
CA ALA A 56 -7.09 7.43 5.32
C ALA A 56 -6.87 8.12 3.97
N THR A 57 -5.67 7.97 3.42
CA THR A 57 -5.33 8.58 2.14
C THR A 57 -3.94 8.15 1.68
N ILE A 58 -3.60 8.52 0.45
CA ILE A 58 -2.30 8.18 -0.11
C ILE A 58 -1.61 9.41 -0.67
N GLN A 59 -0.43 9.72 -0.14
CA GLN A 59 0.33 10.87 -0.59
C GLN A 59 0.83 10.68 -2.02
N GLU A 60 1.60 11.64 -2.51
CA GLU A 60 2.14 11.57 -3.86
C GLU A 60 3.15 10.43 -3.99
N GLN A 61 3.78 10.08 -2.87
CA GLN A 61 4.77 9.02 -2.87
C GLN A 61 4.12 7.67 -2.57
N GLY A 62 2.94 7.45 -3.14
CA GLY A 62 2.22 6.20 -2.93
C GLY A 62 2.39 5.68 -1.52
N THR A 63 2.26 6.57 -0.54
CA THR A 63 2.40 6.19 0.86
C THR A 63 1.05 6.14 1.56
N LEU A 64 0.63 4.95 1.97
CA LEU A 64 -0.65 4.78 2.64
C LEU A 64 -0.59 5.31 4.07
N GLN A 65 -1.31 6.39 4.33
CA GLN A 65 -1.34 7.00 5.66
C GLN A 65 -2.71 6.84 6.30
N ILE A 66 -2.73 6.24 7.48
CA ILE A 66 -3.98 6.02 8.21
C ILE A 66 -3.86 6.48 9.66
N LYS A 67 -4.76 7.36 10.07
CA LYS A 67 -4.75 7.87 11.44
C LYS A 67 -5.86 7.23 12.26
N ASN A 68 -5.94 7.60 13.53
CA ASN A 68 -6.96 7.06 14.43
C ASN A 68 -7.14 5.56 14.21
N LEU A 69 -6.02 4.84 14.10
CA LEU A 69 -6.06 3.41 13.88
C LEU A 69 -6.98 2.73 14.89
N ARG A 70 -7.40 1.51 14.57
CA ARG A 70 -8.29 0.75 15.45
C ARG A 70 -7.93 -0.73 15.43
N ILE A 71 -8.17 -1.40 16.57
CA ILE A 71 -7.88 -2.82 16.68
C ILE A 71 -8.42 -3.60 15.50
N SER A 72 -9.40 -3.01 14.81
CA SER A 72 -10.01 -3.65 13.66
C SER A 72 -9.14 -3.47 12.41
N ASP A 73 -8.53 -2.30 12.29
CA ASP A 73 -7.68 -2.00 11.14
C ASP A 73 -6.74 -3.18 10.84
N THR A 74 -6.28 -3.84 11.90
CA THR A 74 -5.38 -4.97 11.75
C THR A 74 -5.82 -5.87 10.59
N GLY A 75 -5.00 -5.94 9.56
CA GLY A 75 -5.32 -6.76 8.41
C GLY A 75 -4.13 -6.96 7.48
N THR A 76 -4.38 -7.57 6.32
CA THR A 76 -3.32 -7.82 5.35
C THR A 76 -3.39 -6.83 4.20
N TYR A 77 -2.36 -5.99 4.09
CA TYR A 77 -2.30 -5.00 3.03
C TYR A 77 -1.65 -5.57 1.77
N THR A 78 -2.16 -5.18 0.62
CA THR A 78 -1.62 -5.65 -0.66
C THR A 78 -1.43 -4.49 -1.63
N CYS A 79 -0.26 -3.86 -1.57
CA CYS A 79 0.04 -2.74 -2.45
C CYS A 79 0.09 -3.19 -3.91
N VAL A 80 -0.86 -2.70 -4.70
CA VAL A 80 -0.93 -3.05 -6.12
C VAL A 80 -0.52 -1.88 -6.99
N ALA A 81 0.14 -2.18 -8.11
CA ALA A 81 0.59 -1.15 -9.03
C ALA A 81 0.20 -1.49 -10.46
N THR A 82 -0.99 -1.06 -10.87
CA THR A 82 -1.48 -1.31 -12.22
C THR A 82 -1.01 -0.23 -13.19
N SER A 83 -0.74 -0.65 -14.42
CA SER A 83 -0.27 0.28 -15.45
C SER A 83 -0.58 -0.26 -16.84
N SER A 84 -0.61 0.64 -17.82
CA SER A 84 -0.90 0.26 -19.20
C SER A 84 -0.02 -0.91 -19.63
N SER A 85 1.19 -0.98 -19.08
CA SER A 85 2.12 -2.05 -19.41
C SER A 85 1.68 -3.37 -18.79
N GLY A 86 1.76 -3.45 -17.47
CA GLY A 86 1.37 -4.66 -16.77
C GLY A 86 0.74 -4.37 -15.42
N GLU A 87 1.15 -5.14 -14.40
CA GLU A 87 0.61 -4.96 -13.06
C GLU A 87 1.40 -5.79 -12.06
N THR A 88 1.50 -5.28 -10.82
CA THR A 88 2.23 -5.98 -9.77
C THR A 88 1.54 -5.82 -8.42
N SER A 89 1.94 -6.62 -7.45
CA SER A 89 1.35 -6.57 -6.12
C SER A 89 2.36 -7.01 -5.06
N TRP A 90 2.12 -6.60 -3.82
CA TRP A 90 3.01 -6.94 -2.72
C TRP A 90 2.24 -7.60 -1.58
N SER A 91 2.96 -8.00 -0.54
CA SER A 91 2.34 -8.65 0.61
C SER A 91 2.81 -8.01 1.92
N ALA A 92 1.87 -7.81 2.84
CA ALA A 92 2.19 -7.21 4.12
C ALA A 92 1.07 -7.45 5.13
N VAL A 93 1.38 -7.30 6.42
CA VAL A 93 0.40 -7.50 7.47
C VAL A 93 0.69 -6.59 8.66
N LEU A 94 -0.23 -5.65 8.91
CA LEU A 94 -0.07 -4.71 10.02
C LEU A 94 -0.65 -5.30 11.31
N ASP A 95 -0.01 -4.96 12.42
CA ASP A 95 -0.47 -5.45 13.73
C ASP A 95 -0.70 -4.29 14.69
N VAL A 96 -1.97 -3.98 14.94
CA VAL A 96 -2.32 -2.89 15.84
C VAL A 96 -2.64 -3.41 17.24
N THR A 97 -1.83 -3.00 18.21
CA THR A 97 -2.01 -3.43 19.60
C THR A 97 -2.44 -2.26 20.47
N GLU A 98 -2.97 -2.58 21.66
CA GLU A 98 -3.41 -1.56 22.60
C GLU A 98 -2.22 -0.92 23.31
N SER A 99 -1.15 -1.69 23.49
CA SER A 99 0.05 -1.20 24.15
C SER A 99 1.29 -1.47 23.31
N GLY A 100 1.19 -1.22 22.01
CA GLY A 100 2.30 -1.44 21.11
C GLY A 100 3.58 -0.82 21.62
N GLY A 1 3.35 6.29 -30.05
CA GLY A 1 3.94 7.01 -28.93
C GLY A 1 4.20 6.11 -27.74
N SER A 2 5.03 5.10 -27.93
CA SER A 2 5.36 4.15 -26.87
C SER A 2 6.80 3.65 -27.01
N SER A 3 7.59 3.85 -25.96
CA SER A 3 8.99 3.42 -25.96
C SER A 3 9.21 2.31 -24.94
N GLY A 4 8.66 1.13 -25.22
CA GLY A 4 8.81 0.01 -24.31
C GLY A 4 7.49 -0.66 -23.99
N SER A 5 6.80 -0.17 -22.97
CA SER A 5 5.52 -0.72 -22.56
C SER A 5 5.52 -2.25 -22.73
N SER A 6 6.59 -2.89 -22.26
CA SER A 6 6.71 -4.34 -22.36
C SER A 6 6.72 -4.98 -20.97
N GLY A 7 7.77 -4.69 -20.20
CA GLY A 7 7.89 -5.24 -18.87
C GLY A 7 6.85 -4.67 -17.92
N PRO A 8 6.39 -5.51 -16.98
CA PRO A 8 5.38 -5.12 -15.99
C PRO A 8 5.93 -4.13 -14.96
N PRO A 9 5.03 -3.48 -14.22
CA PRO A 9 5.41 -2.50 -13.20
C PRO A 9 6.08 -3.14 -12.00
N ILE A 10 7.32 -2.74 -11.73
CA ILE A 10 8.08 -3.28 -10.61
C ILE A 10 8.00 -2.35 -9.40
N ILE A 11 8.14 -2.94 -8.21
CA ILE A 11 8.08 -2.16 -6.97
C ILE A 11 9.43 -2.16 -6.26
N LEU A 12 10.16 -1.06 -6.39
CA LEU A 12 11.47 -0.93 -5.76
C LEU A 12 11.40 -1.25 -4.27
N GLN A 13 10.57 -0.49 -3.55
CA GLN A 13 10.40 -0.70 -2.12
C GLN A 13 8.93 -0.68 -1.74
N GLY A 14 8.38 -1.87 -1.50
CA GLY A 14 6.98 -1.98 -1.12
C GLY A 14 6.78 -2.00 0.37
N PRO A 15 5.56 -2.35 0.81
CA PRO A 15 5.21 -2.43 2.23
C PRO A 15 5.90 -3.58 2.94
N ALA A 16 5.63 -3.73 4.23
CA ALA A 16 6.22 -4.80 5.03
C ALA A 16 5.49 -4.98 6.34
N ASN A 17 5.48 -6.21 6.85
CA ASN A 17 4.81 -6.51 8.11
C ASN A 17 5.36 -5.65 9.24
N GLN A 18 4.53 -4.77 9.78
CA GLN A 18 4.94 -3.89 10.87
C GLN A 18 3.94 -3.96 12.02
N THR A 19 4.44 -3.74 13.24
CA THR A 19 3.60 -3.78 14.43
C THR A 19 3.54 -2.41 15.10
N LEU A 20 2.43 -1.71 14.90
CA LEU A 20 2.23 -0.39 15.49
C LEU A 20 1.22 -0.44 16.62
N ALA A 21 0.98 0.72 17.25
CA ALA A 21 0.03 0.80 18.36
C ALA A 21 -1.28 1.43 17.89
N VAL A 22 -2.39 0.94 18.45
CA VAL A 22 -3.70 1.46 18.09
C VAL A 22 -3.84 2.93 18.47
N ASP A 23 -4.84 3.59 17.89
CA ASP A 23 -5.08 5.01 18.17
C ASP A 23 -3.83 5.83 17.88
N GLY A 24 -3.24 5.63 16.72
CA GLY A 24 -2.04 6.37 16.35
C GLY A 24 -2.02 6.72 14.87
N THR A 25 -0.93 6.34 14.19
CA THR A 25 -0.79 6.63 12.77
C THR A 25 0.00 5.52 12.07
N ALA A 26 -0.70 4.80 11.19
CA ALA A 26 -0.06 3.71 10.44
C ALA A 26 0.26 4.14 9.01
N LEU A 27 1.55 4.22 8.70
CA LEU A 27 1.99 4.62 7.37
C LEU A 27 2.60 3.44 6.63
N LEU A 28 2.49 3.46 5.30
CA LEU A 28 3.03 2.39 4.47
C LEU A 28 3.91 2.96 3.37
N LYS A 29 5.05 2.30 3.12
CA LYS A 29 5.98 2.73 2.09
C LYS A 29 5.86 1.85 0.85
N CYS A 30 5.59 2.48 -0.29
CA CYS A 30 5.45 1.76 -1.56
C CYS A 30 5.96 2.60 -2.72
N LYS A 31 6.99 2.11 -3.39
CA LYS A 31 7.57 2.82 -4.53
C LYS A 31 7.69 1.90 -5.74
N ALA A 32 7.14 2.33 -6.86
CA ALA A 32 7.19 1.54 -8.09
C ALA A 32 7.68 2.38 -9.26
N THR A 33 8.19 1.72 -10.30
CA THR A 33 8.68 2.41 -11.48
C THR A 33 8.22 1.72 -12.75
N GLY A 34 8.06 2.50 -13.82
CA GLY A 34 7.62 1.94 -15.09
C GLY A 34 6.89 2.96 -15.94
N ASP A 35 6.89 2.73 -17.26
CA ASP A 35 6.22 3.63 -18.19
C ASP A 35 5.20 2.89 -19.03
N PRO A 36 3.94 3.34 -18.98
CA PRO A 36 3.55 4.49 -18.15
C PRO A 36 3.61 4.19 -16.66
N LEU A 37 3.69 5.23 -15.84
CA LEU A 37 3.76 5.07 -14.40
C LEU A 37 2.54 4.32 -13.88
N PRO A 38 2.78 3.35 -12.98
CA PRO A 38 1.71 2.54 -12.39
C PRO A 38 0.84 3.34 -11.42
N VAL A 39 -0.41 2.91 -11.26
CA VAL A 39 -1.34 3.59 -10.37
C VAL A 39 -1.38 2.90 -9.01
N ILE A 40 -0.43 3.23 -8.15
CA ILE A 40 -0.36 2.64 -6.82
C ILE A 40 -1.76 2.47 -6.23
N SER A 41 -1.96 1.37 -5.50
CA SER A 41 -3.24 1.08 -4.89
C SER A 41 -3.07 0.25 -3.63
N TRP A 42 -4.14 0.12 -2.86
CA TRP A 42 -4.10 -0.65 -1.61
C TRP A 42 -5.37 -1.49 -1.47
N LEU A 43 -5.18 -2.81 -1.33
CA LEU A 43 -6.31 -3.73 -1.19
C LEU A 43 -6.36 -4.29 0.23
N LYS A 44 -7.42 -3.96 0.96
CA LYS A 44 -7.58 -4.44 2.32
C LYS A 44 -8.41 -5.72 2.36
N GLU A 45 -7.72 -6.85 2.49
CA GLU A 45 -8.39 -8.16 2.53
C GLU A 45 -9.20 -8.39 1.25
N GLY A 46 -8.61 -8.05 0.12
CA GLY A 46 -9.29 -8.24 -1.15
C GLY A 46 -10.44 -7.26 -1.34
N PHE A 47 -10.22 -6.00 -0.97
CA PHE A 47 -11.25 -4.98 -1.10
C PHE A 47 -10.62 -3.59 -1.28
N THR A 48 -11.36 -2.70 -1.93
CA THR A 48 -10.87 -1.34 -2.16
C THR A 48 -10.53 -0.65 -0.85
N PHE A 49 -9.41 0.09 -0.84
CA PHE A 49 -8.98 0.80 0.36
C PHE A 49 -7.83 1.75 0.03
N PRO A 50 -7.86 2.94 0.64
CA PRO A 50 -8.92 3.33 1.57
C PRO A 50 -10.26 3.55 0.87
N GLY A 51 -10.23 4.30 -0.23
CA GLY A 51 -11.44 4.57 -0.97
C GLY A 51 -11.87 6.02 -0.88
N ARG A 52 -12.80 6.30 0.03
CA ARG A 52 -13.30 7.66 0.23
C ARG A 52 -13.30 8.03 1.71
N ASP A 53 -12.36 7.48 2.46
CA ASP A 53 -12.26 7.75 3.88
C ASP A 53 -11.51 9.05 4.14
N PRO A 54 -11.98 9.82 5.14
CA PRO A 54 -11.37 11.10 5.50
C PRO A 54 -10.00 10.93 6.14
N ARG A 55 -9.93 10.06 7.14
CA ARG A 55 -8.68 9.79 7.84
C ARG A 55 -7.69 9.05 6.95
N ALA A 56 -8.17 8.00 6.30
CA ALA A 56 -7.33 7.20 5.41
C ALA A 56 -7.04 7.95 4.11
N THR A 57 -5.79 8.37 3.95
CA THR A 57 -5.38 9.11 2.75
C THR A 57 -4.07 8.56 2.20
N ILE A 58 -3.68 9.05 1.03
CA ILE A 58 -2.44 8.61 0.40
C ILE A 58 -1.62 9.81 -0.09
N GLN A 59 -0.41 9.95 0.44
CA GLN A 59 0.47 11.05 0.07
C GLN A 59 0.85 10.95 -1.41
N GLU A 60 1.70 11.87 -1.85
CA GLU A 60 2.14 11.89 -3.25
C GLU A 60 2.98 10.66 -3.57
N GLN A 61 3.68 10.15 -2.56
CA GLN A 61 4.53 8.97 -2.74
C GLN A 61 3.76 7.70 -2.41
N GLY A 62 2.51 7.63 -2.85
CA GLY A 62 1.69 6.46 -2.59
C GLY A 62 1.82 5.97 -1.16
N THR A 63 2.06 6.90 -0.24
CA THR A 63 2.19 6.56 1.17
C THR A 63 0.83 6.45 1.85
N LEU A 64 0.41 5.23 2.12
CA LEU A 64 -0.87 4.99 2.77
C LEU A 64 -0.82 5.35 4.25
N GLN A 65 -1.48 6.44 4.61
CA GLN A 65 -1.50 6.90 6.00
C GLN A 65 -2.91 6.77 6.59
N ILE A 66 -2.98 6.18 7.77
CA ILE A 66 -4.26 5.99 8.46
C ILE A 66 -4.21 6.49 9.89
N LYS A 67 -5.11 7.40 10.23
CA LYS A 67 -5.16 7.96 11.59
C LYS A 67 -6.29 7.33 12.38
N ASN A 68 -6.14 7.32 13.70
CA ASN A 68 -7.14 6.75 14.59
C ASN A 68 -7.31 5.26 14.34
N LEU A 69 -6.18 4.54 14.34
CA LEU A 69 -6.20 3.10 14.11
C LEU A 69 -7.09 2.39 15.14
N ARG A 70 -7.46 1.15 14.82
CA ARG A 70 -8.32 0.37 15.72
C ARG A 70 -7.86 -1.09 15.77
N ILE A 71 -7.99 -1.71 16.93
CA ILE A 71 -7.60 -3.10 17.11
C ILE A 71 -8.17 -3.97 16.01
N SER A 72 -9.24 -3.50 15.37
CA SER A 72 -9.89 -4.24 14.30
C SER A 72 -9.21 -3.96 12.96
N ASP A 73 -8.64 -2.76 12.82
CA ASP A 73 -7.96 -2.37 11.60
C ASP A 73 -6.93 -3.42 11.19
N THR A 74 -6.35 -4.09 12.18
CA THR A 74 -5.35 -5.12 11.92
C THR A 74 -5.78 -6.03 10.78
N GLY A 75 -5.20 -5.81 9.60
CA GLY A 75 -5.52 -6.62 8.45
C GLY A 75 -4.36 -6.78 7.49
N THR A 76 -4.57 -7.53 6.42
CA THR A 76 -3.52 -7.76 5.43
C THR A 76 -3.75 -6.92 4.18
N TYR A 77 -2.95 -5.89 4.00
CA TYR A 77 -3.08 -5.01 2.85
C TYR A 77 -2.13 -5.44 1.73
N THR A 78 -2.37 -4.93 0.53
CA THR A 78 -1.55 -5.26 -0.63
C THR A 78 -1.39 -4.07 -1.56
N CYS A 79 -0.13 -3.72 -1.84
CA CYS A 79 0.17 -2.59 -2.71
C CYS A 79 0.23 -3.03 -4.17
N VAL A 80 -0.82 -2.72 -4.93
CA VAL A 80 -0.88 -3.09 -6.34
C VAL A 80 -0.50 -1.91 -7.23
N ALA A 81 0.22 -2.20 -8.31
CA ALA A 81 0.65 -1.16 -9.24
C ALA A 81 0.25 -1.51 -10.67
N THR A 82 -0.94 -1.04 -11.07
CA THR A 82 -1.44 -1.31 -12.41
C THR A 82 -0.88 -0.32 -13.42
N SER A 83 -0.41 -0.82 -14.55
CA SER A 83 0.16 0.01 -15.59
C SER A 83 -0.15 -0.55 -16.98
N SER A 84 -0.22 0.34 -17.97
CA SER A 84 -0.51 -0.07 -19.34
C SER A 84 0.19 -1.38 -19.68
N SER A 85 1.38 -1.56 -19.12
CA SER A 85 2.17 -2.77 -19.36
C SER A 85 1.53 -3.98 -18.70
N GLY A 86 1.57 -4.02 -17.37
CA GLY A 86 0.98 -5.12 -16.63
C GLY A 86 0.45 -4.70 -15.28
N GLU A 87 0.86 -5.41 -14.23
CA GLU A 87 0.42 -5.11 -12.89
C GLU A 87 1.13 -5.99 -11.87
N THR A 88 1.50 -5.40 -10.73
CA THR A 88 2.19 -6.12 -9.68
C THR A 88 1.48 -5.96 -8.34
N SER A 89 1.97 -6.66 -7.32
CA SER A 89 1.38 -6.60 -5.99
C SER A 89 2.42 -6.94 -4.92
N TRP A 90 2.24 -6.36 -3.73
CA TRP A 90 3.16 -6.61 -2.63
C TRP A 90 2.40 -7.01 -1.37
N SER A 91 2.57 -8.25 -0.95
CA SER A 91 1.89 -8.77 0.24
C SER A 91 2.46 -8.13 1.50
N ALA A 92 1.59 -7.90 2.48
CA ALA A 92 2.01 -7.30 3.74
C ALA A 92 0.87 -7.27 4.75
N VAL A 93 1.20 -7.21 6.02
CA VAL A 93 0.19 -7.18 7.08
C VAL A 93 0.53 -6.12 8.12
N LEU A 94 -0.47 -5.75 8.92
CA LEU A 94 -0.28 -4.75 9.97
C LEU A 94 -0.73 -5.27 11.32
N ASP A 95 0.03 -4.95 12.36
CA ASP A 95 -0.30 -5.39 13.71
C ASP A 95 -0.56 -4.19 14.62
N VAL A 96 -1.83 -3.98 14.95
CA VAL A 96 -2.22 -2.87 15.81
C VAL A 96 -2.57 -3.36 17.22
N THR A 97 -1.71 -3.04 18.17
CA THR A 97 -1.93 -3.45 19.56
C THR A 97 -2.03 -2.24 20.48
N GLU A 98 -2.59 -2.45 21.66
CA GLU A 98 -2.75 -1.37 22.63
C GLU A 98 -1.39 -0.86 23.11
N SER A 99 -0.46 -1.79 23.30
CA SER A 99 0.89 -1.44 23.76
C SER A 99 1.78 -1.07 22.58
N GLY A 100 1.82 -1.95 21.58
CA GLY A 100 2.65 -1.70 20.41
C GLY A 100 3.37 -2.94 19.93
N GLY A 1 1.88 -9.53 -24.11
CA GLY A 1 3.31 -9.81 -24.15
C GLY A 1 3.95 -9.76 -22.79
N SER A 2 5.13 -10.36 -22.66
CA SER A 2 5.85 -10.38 -21.39
C SER A 2 6.85 -9.23 -21.32
N SER A 3 7.57 -9.02 -22.42
CA SER A 3 8.57 -7.95 -22.47
C SER A 3 9.01 -7.71 -23.91
N GLY A 4 9.24 -6.43 -24.24
CA GLY A 4 9.66 -6.08 -25.58
C GLY A 4 10.26 -4.69 -25.66
N SER A 5 9.40 -3.69 -25.79
CA SER A 5 9.83 -2.30 -25.88
C SER A 5 9.96 -1.68 -24.49
N SER A 6 8.96 -1.92 -23.65
CA SER A 6 8.95 -1.39 -22.30
C SER A 6 8.86 -2.51 -21.27
N GLY A 7 9.06 -2.16 -20.01
CA GLY A 7 9.00 -3.14 -18.94
C GLY A 7 7.82 -2.94 -18.02
N PRO A 8 7.42 -4.01 -17.33
CA PRO A 8 6.29 -3.98 -16.39
C PRO A 8 6.60 -3.16 -15.14
N PRO A 9 5.55 -2.82 -14.38
CA PRO A 9 5.68 -2.03 -13.15
C PRO A 9 6.36 -2.82 -12.03
N ILE A 10 7.56 -2.39 -11.66
CA ILE A 10 8.31 -3.05 -10.59
C ILE A 10 8.32 -2.22 -9.32
N ILE A 11 7.95 -2.85 -8.21
CA ILE A 11 7.92 -2.17 -6.92
C ILE A 11 9.30 -2.18 -6.25
N LEU A 12 10.11 -1.20 -6.58
CA LEU A 12 11.45 -1.09 -6.03
C LEU A 12 11.44 -1.40 -4.53
N GLN A 13 10.46 -0.86 -3.82
CA GLN A 13 10.33 -1.09 -2.39
C GLN A 13 8.88 -0.97 -1.94
N GLY A 14 8.28 -2.10 -1.57
CA GLY A 14 6.89 -2.10 -1.13
C GLY A 14 6.76 -2.01 0.38
N PRO A 15 5.57 -2.32 0.90
CA PRO A 15 5.29 -2.28 2.33
C PRO A 15 6.01 -3.38 3.09
N ALA A 16 5.61 -3.59 4.35
CA ALA A 16 6.22 -4.63 5.18
C ALA A 16 5.45 -4.79 6.48
N ASN A 17 5.44 -6.02 7.00
CA ASN A 17 4.74 -6.32 8.24
C ASN A 17 5.30 -5.49 9.40
N GLN A 18 4.46 -4.59 9.92
CA GLN A 18 4.88 -3.73 11.03
C GLN A 18 3.88 -3.80 12.17
N THR A 19 4.39 -3.76 13.40
CA THR A 19 3.53 -3.83 14.58
C THR A 19 3.50 -2.48 15.30
N LEU A 20 2.44 -1.72 15.06
CA LEU A 20 2.28 -0.41 15.69
C LEU A 20 1.16 -0.44 16.74
N ALA A 21 1.04 0.65 17.48
CA ALA A 21 0.01 0.74 18.52
C ALA A 21 -1.32 1.16 17.92
N VAL A 22 -2.38 1.11 18.74
CA VAL A 22 -3.71 1.48 18.30
C VAL A 22 -3.98 2.96 18.54
N ASP A 23 -4.85 3.55 17.72
CA ASP A 23 -5.19 4.95 17.85
C ASP A 23 -3.98 5.84 17.60
N GLY A 24 -3.06 5.35 16.76
CA GLY A 24 -1.87 6.11 16.45
C GLY A 24 -1.79 6.50 14.99
N THR A 25 -0.80 5.96 14.29
CA THR A 25 -0.62 6.26 12.86
C THR A 25 0.24 5.20 12.19
N ALA A 26 -0.29 4.60 11.12
CA ALA A 26 0.44 3.57 10.38
C ALA A 26 0.68 4.00 8.94
N LEU A 27 1.95 4.03 8.55
CA LEU A 27 2.30 4.42 7.18
C LEU A 27 2.81 3.23 6.39
N LEU A 28 2.53 3.21 5.09
CA LEU A 28 2.96 2.12 4.23
C LEU A 28 3.71 2.66 3.01
N LYS A 29 5.01 2.39 2.96
CA LYS A 29 5.84 2.84 1.85
C LYS A 29 5.78 1.86 0.69
N CYS A 30 5.28 2.33 -0.45
CA CYS A 30 5.17 1.50 -1.64
C CYS A 30 5.53 2.29 -2.89
N LYS A 31 6.70 2.01 -3.44
CA LYS A 31 7.17 2.68 -4.64
C LYS A 31 7.14 1.75 -5.85
N ALA A 32 7.27 2.32 -7.04
CA ALA A 32 7.26 1.54 -8.27
C ALA A 32 7.69 2.38 -9.47
N THR A 33 8.37 1.75 -10.41
CA THR A 33 8.84 2.44 -11.61
C THR A 33 8.24 1.83 -12.86
N GLY A 34 7.96 2.68 -13.85
CA GLY A 34 7.38 2.22 -15.10
C GLY A 34 6.63 3.31 -15.84
N ASP A 35 6.46 3.12 -17.14
CA ASP A 35 5.76 4.10 -17.96
C ASP A 35 4.72 3.42 -18.85
N PRO A 36 3.46 3.84 -18.72
CA PRO A 36 3.06 4.90 -17.78
C PRO A 36 3.18 4.45 -16.32
N LEU A 37 3.43 5.39 -15.43
CA LEU A 37 3.57 5.10 -14.01
C LEU A 37 2.42 4.21 -13.53
N PRO A 38 2.74 3.25 -12.66
CA PRO A 38 1.76 2.31 -12.11
C PRO A 38 0.78 2.99 -11.15
N VAL A 39 -0.46 2.52 -11.14
CA VAL A 39 -1.48 3.09 -10.26
C VAL A 39 -1.45 2.44 -8.89
N ILE A 40 -0.60 2.96 -8.01
CA ILE A 40 -0.48 2.43 -6.65
C ILE A 40 -1.83 2.40 -5.96
N SER A 41 -2.12 1.27 -5.30
CA SER A 41 -3.38 1.11 -4.59
C SER A 41 -3.21 0.22 -3.36
N TRP A 42 -4.28 0.04 -2.61
CA TRP A 42 -4.25 -0.79 -1.41
C TRP A 42 -5.55 -1.57 -1.24
N LEU A 43 -5.45 -2.88 -1.21
CA LEU A 43 -6.62 -3.74 -1.05
C LEU A 43 -6.69 -4.30 0.36
N LYS A 44 -7.73 -3.91 1.10
CA LYS A 44 -7.92 -4.38 2.47
C LYS A 44 -8.70 -5.69 2.49
N GLU A 45 -7.98 -6.80 2.66
CA GLU A 45 -8.61 -8.12 2.70
C GLU A 45 -9.37 -8.40 1.40
N GLY A 46 -8.77 -8.02 0.28
CA GLY A 46 -9.40 -8.25 -1.01
C GLY A 46 -10.54 -7.28 -1.27
N PHE A 47 -10.32 -6.01 -0.93
CA PHE A 47 -11.33 -4.98 -1.13
C PHE A 47 -10.69 -3.59 -1.25
N THR A 48 -11.32 -2.72 -2.01
CA THR A 48 -10.82 -1.37 -2.21
C THR A 48 -10.48 -0.71 -0.88
N PHE A 49 -9.40 0.06 -0.86
CA PHE A 49 -8.97 0.74 0.36
C PHE A 49 -7.82 1.70 0.06
N PRO A 50 -7.86 2.88 0.69
CA PRO A 50 -8.94 3.26 1.61
C PRO A 50 -10.27 3.48 0.89
N GLY A 51 -10.24 3.38 -0.44
CA GLY A 51 -11.45 3.57 -1.22
C GLY A 51 -11.93 5.01 -1.19
N ARG A 52 -12.95 5.27 -0.36
CA ARG A 52 -13.51 6.61 -0.24
C ARG A 52 -13.64 7.01 1.22
N ASP A 53 -12.54 6.88 1.96
CA ASP A 53 -12.53 7.24 3.38
C ASP A 53 -11.63 8.44 3.63
N PRO A 54 -12.15 9.41 4.40
CA PRO A 54 -11.42 10.64 4.73
C PRO A 54 -10.24 10.37 5.68
N ARG A 55 -10.47 9.52 6.67
CA ARG A 55 -9.44 9.19 7.65
C ARG A 55 -8.14 8.81 6.94
N ALA A 56 -8.19 7.76 6.14
CA ALA A 56 -7.02 7.29 5.41
C ALA A 56 -6.68 8.24 4.26
N THR A 57 -5.47 8.10 3.72
CA THR A 57 -5.02 8.94 2.61
C THR A 57 -3.73 8.42 2.01
N ILE A 58 -3.44 8.83 0.78
CA ILE A 58 -2.23 8.40 0.09
C ILE A 58 -1.50 9.58 -0.51
N GLN A 59 -0.27 9.80 -0.08
CA GLN A 59 0.55 10.90 -0.58
C GLN A 59 0.96 10.66 -2.02
N GLU A 60 1.79 11.55 -2.56
CA GLU A 60 2.26 11.43 -3.94
C GLU A 60 3.15 10.20 -4.10
N GLN A 61 3.85 9.83 -3.03
CA GLN A 61 4.74 8.68 -3.05
C GLN A 61 4.03 7.44 -2.51
N GLY A 62 2.83 7.18 -3.02
CA GLY A 62 2.08 6.02 -2.58
C GLY A 62 2.29 5.72 -1.11
N THR A 63 2.22 6.76 -0.28
CA THR A 63 2.41 6.60 1.16
C THR A 63 1.07 6.54 1.89
N LEU A 64 0.55 5.32 2.07
CA LEU A 64 -0.73 5.13 2.75
C LEU A 64 -0.59 5.42 4.25
N GLN A 65 -1.22 6.50 4.70
CA GLN A 65 -1.17 6.87 6.10
C GLN A 65 -2.56 6.80 6.73
N ILE A 66 -2.69 6.00 7.78
CA ILE A 66 -3.96 5.85 8.48
C ILE A 66 -3.88 6.38 9.91
N LYS A 67 -4.71 7.37 10.22
CA LYS A 67 -4.74 7.97 11.54
C LYS A 67 -5.83 7.33 12.40
N ASN A 68 -5.72 7.50 13.72
CA ASN A 68 -6.70 6.94 14.64
C ASN A 68 -6.87 5.45 14.42
N LEU A 69 -5.76 4.72 14.42
CA LEU A 69 -5.78 3.28 14.22
C LEU A 69 -6.74 2.61 15.21
N ARG A 70 -7.19 1.42 14.87
CA ARG A 70 -8.11 0.67 15.72
C ARG A 70 -7.78 -0.82 15.71
N ILE A 71 -8.11 -1.51 16.79
CA ILE A 71 -7.86 -2.94 16.91
C ILE A 71 -8.47 -3.70 15.75
N SER A 72 -9.41 -3.06 15.06
CA SER A 72 -10.08 -3.68 13.92
C SER A 72 -9.28 -3.46 12.63
N ASP A 73 -8.52 -2.36 12.59
CA ASP A 73 -7.71 -2.04 11.43
C ASP A 73 -6.67 -3.12 11.18
N THR A 74 -6.45 -3.97 12.16
CA THR A 74 -5.48 -5.06 12.05
C THR A 74 -5.84 -6.01 10.91
N GLY A 75 -5.24 -5.79 9.74
CA GLY A 75 -5.51 -6.63 8.60
C GLY A 75 -4.35 -6.69 7.62
N THR A 76 -4.48 -7.51 6.59
CA THR A 76 -3.43 -7.66 5.59
C THR A 76 -3.66 -6.70 4.42
N TYR A 77 -2.65 -5.89 4.13
CA TYR A 77 -2.73 -4.94 3.03
C TYR A 77 -2.02 -5.47 1.78
N THR A 78 -2.46 -4.99 0.62
CA THR A 78 -1.87 -5.42 -0.64
C THR A 78 -1.68 -4.24 -1.59
N CYS A 79 -0.43 -3.93 -1.90
CA CYS A 79 -0.11 -2.82 -2.79
C CYS A 79 -0.05 -3.30 -4.24
N VAL A 80 -1.06 -2.93 -5.03
CA VAL A 80 -1.13 -3.30 -6.43
C VAL A 80 -0.76 -2.14 -7.33
N ALA A 81 0.08 -2.41 -8.33
CA ALA A 81 0.52 -1.38 -9.26
C ALA A 81 0.16 -1.76 -10.69
N THR A 82 -0.96 -1.24 -11.18
CA THR A 82 -1.41 -1.52 -12.54
C THR A 82 -0.90 -0.48 -13.52
N SER A 83 -0.68 -0.90 -14.77
CA SER A 83 -0.18 0.00 -15.80
C SER A 83 -0.25 -0.67 -17.17
N SER A 84 -0.52 0.14 -18.20
CA SER A 84 -0.61 -0.36 -19.56
C SER A 84 0.40 -1.47 -19.80
N SER A 85 1.61 -1.29 -19.28
CA SER A 85 2.68 -2.27 -19.45
C SER A 85 2.30 -3.59 -18.78
N GLY A 86 2.23 -3.57 -17.45
CA GLY A 86 1.89 -4.78 -16.72
C GLY A 86 1.22 -4.47 -15.39
N GLU A 87 1.39 -5.36 -14.43
CA GLU A 87 0.80 -5.18 -13.10
C GLU A 87 1.50 -6.05 -12.07
N THR A 88 1.41 -5.65 -10.80
CA THR A 88 2.04 -6.39 -9.71
C THR A 88 1.31 -6.15 -8.39
N SER A 89 1.66 -6.95 -7.39
CA SER A 89 1.04 -6.83 -6.07
C SER A 89 2.02 -7.20 -4.96
N TRP A 90 1.86 -6.59 -3.81
CA TRP A 90 2.73 -6.87 -2.66
C TRP A 90 1.92 -7.32 -1.46
N SER A 91 2.58 -8.02 -0.54
CA SER A 91 1.93 -8.52 0.67
C SER A 91 2.46 -7.82 1.90
N ALA A 92 1.58 -7.61 2.88
CA ALA A 92 1.96 -6.95 4.13
C ALA A 92 0.81 -6.98 5.14
N VAL A 93 1.17 -7.01 6.42
CA VAL A 93 0.17 -7.05 7.49
C VAL A 93 0.50 -6.04 8.58
N LEU A 94 -0.54 -5.42 9.13
CA LEU A 94 -0.37 -4.43 10.18
C LEU A 94 -0.94 -4.93 11.50
N ASP A 95 -0.06 -5.25 12.45
CA ASP A 95 -0.48 -5.74 13.76
C ASP A 95 -0.67 -4.58 14.73
N VAL A 96 -1.91 -4.13 14.87
CA VAL A 96 -2.23 -3.03 15.77
C VAL A 96 -2.53 -3.53 17.18
N THR A 97 -1.79 -3.02 18.16
CA THR A 97 -1.98 -3.42 19.55
C THR A 97 -2.39 -2.24 20.41
N GLU A 98 -2.59 -2.49 21.71
CA GLU A 98 -2.98 -1.44 22.64
C GLU A 98 -1.76 -0.76 23.25
N SER A 99 -0.63 -1.46 23.22
CA SER A 99 0.60 -0.94 23.79
C SER A 99 1.61 -0.63 22.67
N GLY A 100 1.69 -1.53 21.69
CA GLY A 100 2.61 -1.33 20.58
C GLY A 100 3.92 -0.70 21.03
N GLY A 1 22.24 -5.56 -9.15
CA GLY A 1 22.56 -5.11 -10.50
C GLY A 1 21.75 -5.83 -11.55
N SER A 2 20.46 -5.99 -11.31
CA SER A 2 19.58 -6.67 -12.26
C SER A 2 19.51 -5.91 -13.58
N SER A 3 19.80 -6.62 -14.67
CA SER A 3 19.77 -6.03 -16.00
C SER A 3 18.38 -6.13 -16.61
N GLY A 4 17.95 -5.06 -17.26
CA GLY A 4 16.63 -5.04 -17.89
C GLY A 4 15.60 -4.30 -17.06
N SER A 5 15.62 -2.98 -17.13
CA SER A 5 14.68 -2.16 -16.38
C SER A 5 13.30 -2.19 -17.01
N SER A 6 13.22 -1.78 -18.27
CA SER A 6 11.95 -1.75 -19.00
C SER A 6 11.11 -2.97 -18.64
N GLY A 7 9.79 -2.84 -18.79
CA GLY A 7 8.89 -3.93 -18.49
C GLY A 7 7.72 -3.49 -17.63
N PRO A 8 7.06 -4.46 -16.97
CA PRO A 8 5.92 -4.20 -16.10
C PRO A 8 6.32 -3.48 -14.81
N PRO A 9 5.32 -3.00 -14.07
CA PRO A 9 5.55 -2.29 -12.80
C PRO A 9 6.08 -3.21 -11.70
N ILE A 10 7.27 -2.92 -11.22
CA ILE A 10 7.89 -3.71 -10.16
C ILE A 10 8.10 -2.89 -8.91
N ILE A 11 7.48 -3.31 -7.80
CA ILE A 11 7.61 -2.62 -6.54
C ILE A 11 9.00 -2.83 -5.93
N LEU A 12 9.91 -1.90 -6.23
CA LEU A 12 11.27 -1.98 -5.70
C LEU A 12 11.26 -2.20 -4.20
N GLN A 13 10.65 -1.26 -3.47
CA GLN A 13 10.58 -1.36 -2.02
C GLN A 13 9.13 -1.21 -1.53
N GLY A 14 8.37 -2.29 -1.63
CA GLY A 14 6.98 -2.26 -1.21
C GLY A 14 6.85 -2.08 0.29
N PRO A 15 5.64 -2.38 0.82
CA PRO A 15 5.36 -2.25 2.26
C PRO A 15 6.09 -3.30 3.08
N ALA A 16 5.68 -3.45 4.33
CA ALA A 16 6.30 -4.42 5.23
C ALA A 16 5.47 -4.60 6.50
N ASN A 17 5.64 -5.75 7.16
CA ASN A 17 4.90 -6.04 8.38
C ASN A 17 5.37 -5.16 9.53
N GLN A 18 4.53 -4.20 9.91
CA GLN A 18 4.85 -3.29 11.00
C GLN A 18 3.85 -3.42 12.14
N THR A 19 4.35 -3.36 13.37
CA THR A 19 3.50 -3.47 14.55
C THR A 19 3.42 -2.15 15.30
N LEU A 20 2.36 -1.39 15.04
CA LEU A 20 2.17 -0.10 15.70
C LEU A 20 1.12 -0.20 16.79
N ALA A 21 0.92 0.90 17.52
CA ALA A 21 -0.06 0.93 18.59
C ALA A 21 -1.32 1.67 18.16
N VAL A 22 -2.47 1.17 18.60
CA VAL A 22 -3.76 1.77 18.26
C VAL A 22 -3.73 3.27 18.50
N ASP A 23 -4.51 4.01 17.71
CA ASP A 23 -4.58 5.46 17.84
C ASP A 23 -3.26 6.10 17.46
N GLY A 24 -2.63 5.57 16.41
CA GLY A 24 -1.35 6.11 15.96
C GLY A 24 -1.40 6.54 14.51
N THR A 25 -0.46 6.05 13.71
CA THR A 25 -0.39 6.40 12.30
C THR A 25 0.50 5.43 11.54
N ALA A 26 -0.10 4.68 10.62
CA ALA A 26 0.64 3.70 9.82
C ALA A 26 1.01 4.29 8.46
N LEU A 27 2.30 4.25 8.14
CA LEU A 27 2.78 4.76 6.86
C LEU A 27 3.28 3.64 5.96
N LEU A 28 2.45 3.22 5.02
CA LEU A 28 2.80 2.15 4.09
C LEU A 28 3.51 2.70 2.87
N LYS A 29 4.82 2.47 2.78
CA LYS A 29 5.61 2.94 1.66
C LYS A 29 5.70 1.88 0.56
N CYS A 30 5.12 2.19 -0.60
CA CYS A 30 5.13 1.26 -1.73
C CYS A 30 5.75 1.92 -2.96
N LYS A 31 7.08 1.82 -3.06
CA LYS A 31 7.80 2.40 -4.18
C LYS A 31 7.80 1.44 -5.37
N ALA A 32 7.39 1.94 -6.53
CA ALA A 32 7.35 1.14 -7.75
C ALA A 32 7.79 1.94 -8.96
N THR A 33 8.37 1.26 -9.94
CA THR A 33 8.84 1.92 -11.15
C THR A 33 8.13 1.37 -12.38
N GLY A 34 7.79 2.27 -13.30
CA GLY A 34 7.11 1.86 -14.52
C GLY A 34 6.57 3.03 -15.32
N ASP A 35 6.72 2.97 -16.63
CA ASP A 35 6.25 4.04 -17.50
C ASP A 35 5.10 3.55 -18.39
N PRO A 36 3.95 4.24 -18.30
CA PRO A 36 3.78 5.39 -17.40
C PRO A 36 3.76 4.98 -15.93
N LEU A 37 3.84 5.97 -15.06
CA LEU A 37 3.83 5.72 -13.62
C LEU A 37 2.63 4.86 -13.22
N PRO A 38 2.90 3.82 -12.41
CA PRO A 38 1.86 2.92 -11.93
C PRO A 38 0.91 3.58 -10.95
N VAL A 39 -0.33 3.09 -10.90
CA VAL A 39 -1.34 3.64 -10.00
C VAL A 39 -1.32 2.92 -8.66
N ILE A 40 -0.43 3.36 -7.77
CA ILE A 40 -0.31 2.75 -6.44
C ILE A 40 -1.68 2.63 -5.79
N SER A 41 -2.17 1.39 -5.69
CA SER A 41 -3.46 1.13 -5.07
C SER A 41 -3.31 0.35 -3.78
N TRP A 42 -4.43 -0.01 -3.17
CA TRP A 42 -4.42 -0.76 -1.92
C TRP A 42 -5.71 -1.54 -1.73
N LEU A 43 -5.59 -2.83 -1.44
CA LEU A 43 -6.75 -3.69 -1.23
C LEU A 43 -6.73 -4.31 0.16
N LYS A 44 -7.75 -4.00 0.95
CA LYS A 44 -7.85 -4.54 2.31
C LYS A 44 -8.62 -5.86 2.31
N GLU A 45 -7.88 -6.96 2.33
CA GLU A 45 -8.49 -8.29 2.33
C GLU A 45 -9.39 -8.47 1.11
N GLY A 46 -8.88 -8.08 -0.05
CA GLY A 46 -9.65 -8.22 -1.28
C GLY A 46 -10.79 -7.22 -1.36
N PHE A 47 -10.62 -6.08 -0.70
CA PHE A 47 -11.64 -5.04 -0.71
C PHE A 47 -11.02 -3.67 -0.99
N THR A 48 -11.81 -2.78 -1.58
CA THR A 48 -11.34 -1.44 -1.91
C THR A 48 -10.69 -0.78 -0.70
N PHE A 49 -9.57 -0.11 -0.95
CA PHE A 49 -8.83 0.56 0.12
C PHE A 49 -7.87 1.61 -0.45
N PRO A 50 -7.81 2.78 0.21
CA PRO A 50 -8.62 3.06 1.40
C PRO A 50 -10.09 3.20 1.08
N GLY A 51 -10.40 3.92 0.01
CA GLY A 51 -11.78 4.12 -0.39
C GLY A 51 -12.39 5.36 0.23
N ARG A 52 -12.02 6.53 -0.31
CA ARG A 52 -12.54 7.79 0.20
C ARG A 52 -12.68 7.76 1.72
N ASP A 53 -11.68 7.18 2.39
CA ASP A 53 -11.70 7.08 3.85
C ASP A 53 -11.35 8.41 4.50
N PRO A 54 -12.02 8.74 5.60
CA PRO A 54 -11.80 9.99 6.33
C PRO A 54 -10.45 10.00 7.04
N ARG A 55 -10.11 8.89 7.69
CA ARG A 55 -8.84 8.78 8.40
C ARG A 55 -7.74 8.23 7.49
N ALA A 56 -8.15 7.43 6.51
CA ALA A 56 -7.21 6.83 5.58
C ALA A 56 -7.16 7.61 4.27
N THR A 57 -5.98 7.64 3.64
CA THR A 57 -5.80 8.36 2.39
C THR A 57 -4.56 7.88 1.66
N ILE A 58 -4.34 8.42 0.46
CA ILE A 58 -3.18 8.05 -0.34
C ILE A 58 -2.38 9.27 -0.76
N GLN A 59 -1.09 9.27 -0.44
CA GLN A 59 -0.23 10.39 -0.79
C GLN A 59 -0.06 10.51 -2.31
N GLU A 60 0.12 11.74 -2.77
CA GLU A 60 0.28 11.99 -4.21
C GLU A 60 1.10 10.87 -4.86
N GLN A 61 2.06 10.34 -4.12
CA GLN A 61 2.91 9.26 -4.62
C GLN A 61 2.22 7.92 -4.51
N GLY A 62 1.67 7.64 -3.33
CA GLY A 62 0.99 6.37 -3.10
C GLY A 62 1.04 5.93 -1.66
N THR A 63 2.10 6.30 -0.96
CA THR A 63 2.27 5.94 0.45
C THR A 63 0.95 6.04 1.20
N LEU A 64 0.35 4.90 1.49
CA LEU A 64 -0.92 4.86 2.21
C LEU A 64 -0.73 5.24 3.66
N GLN A 65 -1.48 6.25 4.11
CA GLN A 65 -1.40 6.71 5.49
C GLN A 65 -2.75 6.61 6.18
N ILE A 66 -2.77 5.94 7.33
CA ILE A 66 -4.01 5.78 8.09
C ILE A 66 -3.86 6.34 9.50
N LYS A 67 -4.77 7.23 9.87
CA LYS A 67 -4.75 7.84 11.19
C LYS A 67 -5.84 7.27 12.09
N ASN A 68 -5.68 7.41 13.39
CA ASN A 68 -6.66 6.91 14.35
C ASN A 68 -6.84 5.40 14.19
N LEU A 69 -5.73 4.69 14.05
CA LEU A 69 -5.77 3.23 13.89
C LEU A 69 -6.64 2.60 14.97
N ARG A 70 -7.04 1.35 14.73
CA ARG A 70 -7.89 0.62 15.68
C ARG A 70 -7.61 -0.87 15.61
N ILE A 71 -7.66 -1.54 16.75
CA ILE A 71 -7.42 -2.98 16.82
C ILE A 71 -8.08 -3.69 15.64
N SER A 72 -9.14 -3.09 15.12
CA SER A 72 -9.86 -3.68 13.98
C SER A 72 -9.08 -3.49 12.69
N ASP A 73 -8.57 -2.28 12.49
CA ASP A 73 -7.80 -1.97 11.28
C ASP A 73 -6.87 -3.12 10.92
N THR A 74 -6.33 -3.78 11.94
CA THR A 74 -5.42 -4.91 11.72
C THR A 74 -5.87 -5.76 10.55
N GLY A 75 -5.04 -5.84 9.52
CA GLY A 75 -5.38 -6.64 8.36
C GLY A 75 -4.19 -6.82 7.42
N THR A 76 -4.47 -7.24 6.19
CA THR A 76 -3.42 -7.46 5.20
C THR A 76 -3.65 -6.60 3.97
N TYR A 77 -2.83 -5.56 3.81
CA TYR A 77 -2.93 -4.66 2.67
C TYR A 77 -2.15 -5.20 1.47
N THR A 78 -2.73 -5.09 0.29
CA THR A 78 -2.10 -5.56 -0.93
C THR A 78 -1.87 -4.43 -1.91
N CYS A 79 -0.65 -3.90 -1.92
CA CYS A 79 -0.29 -2.80 -2.81
C CYS A 79 -0.23 -3.27 -4.26
N VAL A 80 -1.09 -2.69 -5.10
CA VAL A 80 -1.14 -3.05 -6.51
C VAL A 80 -0.79 -1.86 -7.39
N ALA A 81 0.17 -2.06 -8.29
CA ALA A 81 0.61 -1.00 -9.19
C ALA A 81 0.21 -1.32 -10.63
N THR A 82 -0.98 -0.88 -11.02
CA THR A 82 -1.49 -1.12 -12.37
C THR A 82 -0.92 -0.08 -13.34
N SER A 83 -0.53 -0.55 -14.52
CA SER A 83 0.02 0.32 -15.55
C SER A 83 -0.15 -0.28 -16.94
N SER A 84 -0.27 0.58 -17.94
CA SER A 84 -0.45 0.12 -19.32
C SER A 84 0.59 -0.93 -19.68
N SER A 85 1.74 -0.89 -19.00
CA SER A 85 2.80 -1.84 -19.25
C SER A 85 2.50 -3.20 -18.63
N GLY A 86 2.20 -3.19 -17.33
CA GLY A 86 1.88 -4.43 -16.64
C GLY A 86 1.15 -4.18 -15.33
N GLU A 87 1.35 -5.08 -14.37
CA GLU A 87 0.70 -4.97 -13.07
C GLU A 87 1.28 -5.96 -12.07
N THR A 88 1.42 -5.54 -10.82
CA THR A 88 1.97 -6.40 -9.79
C THR A 88 1.19 -6.24 -8.48
N SER A 89 1.64 -6.93 -7.44
CA SER A 89 0.99 -6.88 -6.14
C SER A 89 1.97 -7.19 -5.02
N TRP A 90 1.63 -6.78 -3.80
CA TRP A 90 2.49 -7.02 -2.64
C TRP A 90 1.66 -7.47 -1.44
N SER A 91 2.35 -7.87 -0.38
CA SER A 91 1.67 -8.33 0.83
C SER A 91 2.29 -7.69 2.07
N ALA A 92 1.45 -7.38 3.04
CA ALA A 92 1.91 -6.76 4.29
C ALA A 92 0.84 -6.83 5.37
N VAL A 93 1.27 -6.98 6.62
CA VAL A 93 0.36 -7.06 7.75
C VAL A 93 0.62 -5.96 8.76
N LEU A 94 -0.43 -5.25 9.16
CA LEU A 94 -0.31 -4.18 10.12
C LEU A 94 -0.85 -4.59 11.48
N ASP A 95 0.01 -5.20 12.29
CA ASP A 95 -0.39 -5.65 13.63
C ASP A 95 -0.56 -4.47 14.58
N VAL A 96 -1.79 -4.21 14.99
CA VAL A 96 -2.08 -3.10 15.89
C VAL A 96 -2.33 -3.61 17.31
N THR A 97 -1.59 -3.06 18.27
CA THR A 97 -1.74 -3.45 19.66
C THR A 97 -2.03 -2.25 20.54
N GLU A 98 -2.43 -2.51 21.78
CA GLU A 98 -2.74 -1.44 22.73
C GLU A 98 -1.48 -0.90 23.38
N SER A 99 -0.52 -1.79 23.62
CA SER A 99 0.75 -1.40 24.25
C SER A 99 1.93 -1.80 23.37
N GLY A 100 1.79 -1.59 22.06
CA GLY A 100 2.86 -1.93 21.14
C GLY A 100 3.09 -3.42 21.06
N GLY A 1 12.42 -11.52 -22.46
CA GLY A 1 13.54 -10.61 -22.59
C GLY A 1 13.43 -9.71 -23.81
N SER A 2 13.82 -8.45 -23.66
CA SER A 2 13.74 -7.49 -24.76
C SER A 2 14.92 -6.51 -24.69
N SER A 3 15.52 -6.24 -25.85
CA SER A 3 16.65 -5.32 -25.93
C SER A 3 16.28 -3.95 -25.38
N GLY A 4 16.60 -3.71 -24.11
CA GLY A 4 16.29 -2.44 -23.49
C GLY A 4 16.15 -2.54 -21.98
N SER A 5 15.74 -1.45 -21.35
CA SER A 5 15.58 -1.43 -19.90
C SER A 5 14.17 -0.98 -19.52
N SER A 6 13.19 -1.42 -20.30
CA SER A 6 11.80 -1.07 -20.06
C SER A 6 10.94 -2.32 -19.88
N GLY A 7 9.83 -2.19 -19.15
CA GLY A 7 8.95 -3.32 -18.91
C GLY A 7 7.75 -2.95 -18.06
N PRO A 8 7.12 -3.96 -17.45
CA PRO A 8 5.95 -3.76 -16.59
C PRO A 8 6.30 -3.04 -15.29
N PRO A 9 5.26 -2.60 -14.57
CA PRO A 9 5.43 -1.89 -13.30
C PRO A 9 5.92 -2.82 -12.19
N ILE A 10 7.13 -2.55 -11.69
CA ILE A 10 7.72 -3.35 -10.63
C ILE A 10 7.77 -2.57 -9.32
N ILE A 11 7.77 -3.30 -8.21
CA ILE A 11 7.82 -2.68 -6.89
C ILE A 11 9.21 -2.77 -6.29
N LEU A 12 10.05 -1.79 -6.62
CA LEU A 12 11.42 -1.74 -6.12
C LEU A 12 11.46 -2.04 -4.62
N GLN A 13 10.55 -1.43 -3.87
CA GLN A 13 10.48 -1.64 -2.43
C GLN A 13 9.06 -1.40 -1.92
N GLY A 14 8.37 -2.48 -1.57
CA GLY A 14 7.02 -2.38 -1.07
C GLY A 14 6.97 -2.32 0.45
N PRO A 15 5.76 -2.53 1.01
CA PRO A 15 5.55 -2.51 2.46
C PRO A 15 6.19 -3.70 3.15
N ALA A 16 5.81 -3.93 4.40
CA ALA A 16 6.34 -5.05 5.18
C ALA A 16 5.58 -5.21 6.50
N ASN A 17 5.86 -6.30 7.19
CA ASN A 17 5.20 -6.58 8.47
C ASN A 17 5.67 -5.59 9.55
N GLN A 18 4.74 -4.78 10.04
CA GLN A 18 5.05 -3.81 11.07
C GLN A 18 4.01 -3.84 12.19
N THR A 19 4.47 -3.59 13.41
CA THR A 19 3.58 -3.61 14.57
C THR A 19 3.52 -2.23 15.23
N LEU A 20 2.42 -1.51 15.00
CA LEU A 20 2.24 -0.18 15.56
C LEU A 20 1.18 -0.21 16.66
N ALA A 21 0.91 0.96 17.25
CA ALA A 21 -0.08 1.08 18.31
C ALA A 21 -1.43 1.49 17.74
N VAL A 22 -2.43 1.55 18.61
CA VAL A 22 -3.78 1.92 18.21
C VAL A 22 -4.03 3.42 18.44
N ASP A 23 -4.84 4.02 17.58
CA ASP A 23 -5.16 5.43 17.69
C ASP A 23 -3.94 6.29 17.38
N GLY A 24 -3.12 5.84 16.43
CA GLY A 24 -1.93 6.58 16.06
C GLY A 24 -1.88 6.89 14.59
N THR A 25 -0.88 6.35 13.89
CA THR A 25 -0.72 6.58 12.46
C THR A 25 0.14 5.50 11.83
N ALA A 26 -0.41 4.83 10.81
CA ALA A 26 0.30 3.78 10.12
C ALA A 26 0.84 4.26 8.77
N LEU A 27 2.15 4.36 8.66
CA LEU A 27 2.78 4.81 7.43
C LEU A 27 3.36 3.64 6.64
N LEU A 28 2.80 3.40 5.46
CA LEU A 28 3.24 2.30 4.60
C LEU A 28 4.18 2.81 3.51
N LYS A 29 5.21 2.03 3.21
CA LYS A 29 6.17 2.40 2.18
C LYS A 29 6.01 1.53 0.94
N CYS A 30 5.80 2.18 -0.20
CA CYS A 30 5.63 1.47 -1.46
C CYS A 30 6.15 2.31 -2.63
N LYS A 31 7.09 1.73 -3.38
CA LYS A 31 7.67 2.42 -4.53
C LYS A 31 7.64 1.53 -5.77
N ALA A 32 6.99 2.01 -6.82
CA ALA A 32 6.90 1.27 -8.07
C ALA A 32 7.32 2.12 -9.26
N THR A 33 8.00 1.50 -10.22
CA THR A 33 8.48 2.21 -11.40
C THR A 33 7.79 1.67 -12.65
N GLY A 34 7.44 2.58 -13.57
CA GLY A 34 6.79 2.18 -14.80
C GLY A 34 6.58 3.34 -15.75
N ASP A 35 6.36 3.04 -17.02
CA ASP A 35 6.15 4.06 -18.04
C ASP A 35 4.95 3.72 -18.91
N PRO A 36 3.83 4.42 -18.68
CA PRO A 36 3.74 5.45 -17.65
C PRO A 36 3.79 4.87 -16.24
N LEU A 37 3.83 5.74 -15.24
CA LEU A 37 3.87 5.32 -13.85
C LEU A 37 2.60 4.58 -13.46
N PRO A 38 2.75 3.50 -12.69
CA PRO A 38 1.62 2.68 -12.23
C PRO A 38 0.75 3.42 -11.21
N VAL A 39 -0.48 2.94 -11.04
CA VAL A 39 -1.40 3.55 -10.09
C VAL A 39 -1.37 2.81 -8.75
N ILE A 40 -0.44 3.21 -7.90
CA ILE A 40 -0.31 2.60 -6.57
C ILE A 40 -1.66 2.53 -5.86
N SER A 41 -2.09 1.32 -5.53
CA SER A 41 -3.37 1.12 -4.85
C SER A 41 -3.20 0.20 -3.65
N TRP A 42 -4.28 0.01 -2.91
CA TRP A 42 -4.25 -0.84 -1.72
C TRP A 42 -5.57 -1.60 -1.57
N LEU A 43 -5.48 -2.86 -1.16
CA LEU A 43 -6.67 -3.69 -0.97
C LEU A 43 -6.67 -4.33 0.42
N LYS A 44 -7.70 -4.01 1.20
CA LYS A 44 -7.82 -4.55 2.55
C LYS A 44 -8.40 -5.97 2.51
N GLU A 45 -7.53 -6.95 2.69
CA GLU A 45 -7.96 -8.34 2.69
C GLU A 45 -8.74 -8.67 1.41
N GLY A 46 -8.42 -7.95 0.33
CA GLY A 46 -9.10 -8.18 -0.93
C GLY A 46 -10.31 -7.29 -1.10
N PHE A 47 -10.35 -6.18 -0.37
CA PHE A 47 -11.46 -5.24 -0.44
C PHE A 47 -10.97 -3.83 -0.71
N THR A 48 -11.79 -3.04 -1.38
CA THR A 48 -11.45 -1.66 -1.71
C THR A 48 -10.85 -0.95 -0.50
N PHE A 49 -9.77 -0.21 -0.73
CA PHE A 49 -9.09 0.51 0.34
C PHE A 49 -8.05 1.48 -0.23
N PRO A 50 -8.01 2.69 0.34
CA PRO A 50 -8.88 3.09 1.44
C PRO A 50 -10.33 3.25 1.00
N GLY A 51 -10.52 3.59 -0.27
CA GLY A 51 -11.86 3.76 -0.80
C GLY A 51 -12.32 5.22 -0.74
N ARG A 52 -11.39 6.13 -1.01
CA ARG A 52 -11.70 7.56 -0.98
C ARG A 52 -12.32 7.96 0.36
N ASP A 53 -11.72 7.50 1.45
CA ASP A 53 -12.21 7.81 2.79
C ASP A 53 -11.35 8.87 3.45
N PRO A 54 -11.96 9.65 4.36
CA PRO A 54 -11.26 10.72 5.09
C PRO A 54 -10.25 10.17 6.09
N ARG A 55 -10.63 9.09 6.77
CA ARG A 55 -9.76 8.47 7.76
C ARG A 55 -8.43 8.07 7.14
N ALA A 56 -8.50 7.25 6.09
CA ALA A 56 -7.29 6.79 5.42
C ALA A 56 -7.00 7.64 4.19
N THR A 57 -5.73 7.67 3.78
CA THR A 57 -5.32 8.45 2.62
C THR A 57 -3.96 7.99 2.10
N ILE A 58 -3.62 8.43 0.89
CA ILE A 58 -2.34 8.07 0.29
C ILE A 58 -1.44 9.29 0.12
N GLN A 59 -0.19 9.15 0.56
CA GLN A 59 0.77 10.24 0.46
C GLN A 59 1.86 9.91 -0.54
N GLU A 60 2.52 10.95 -1.06
CA GLU A 60 3.59 10.77 -2.04
C GLU A 60 3.18 9.79 -3.13
N GLN A 61 1.87 9.72 -3.39
CA GLN A 61 1.34 8.81 -4.41
C GLN A 61 1.89 7.40 -4.22
N GLY A 62 1.92 6.95 -2.97
CA GLY A 62 2.41 5.61 -2.67
C GLY A 62 2.45 5.33 -1.19
N THR A 63 2.84 6.32 -0.40
CA THR A 63 2.92 6.17 1.05
C THR A 63 1.54 6.18 1.67
N LEU A 64 0.93 5.00 1.78
CA LEU A 64 -0.41 4.88 2.36
C LEU A 64 -0.38 5.22 3.85
N GLN A 65 -1.14 6.23 4.23
CA GLN A 65 -1.21 6.66 5.63
C GLN A 65 -2.61 6.46 6.20
N ILE A 66 -2.69 6.21 7.49
CA ILE A 66 -3.98 6.00 8.15
C ILE A 66 -4.03 6.75 9.49
N LYS A 67 -5.22 7.23 9.83
CA LYS A 67 -5.41 7.96 11.08
C LYS A 67 -6.51 7.32 11.92
N ASN A 68 -6.41 7.47 13.23
CA ASN A 68 -7.40 6.90 14.14
C ASN A 68 -7.43 5.38 14.04
N LEU A 69 -6.25 4.76 14.10
CA LEU A 69 -6.14 3.31 14.00
C LEU A 69 -7.04 2.63 15.03
N ARG A 70 -7.40 1.38 14.76
CA ARG A 70 -8.26 0.63 15.67
C ARG A 70 -7.90 -0.86 15.65
N ILE A 71 -8.01 -1.50 16.80
CA ILE A 71 -7.70 -2.92 16.91
C ILE A 71 -8.35 -3.72 15.79
N SER A 72 -9.41 -3.17 15.21
CA SER A 72 -10.12 -3.82 14.13
C SER A 72 -9.40 -3.62 12.80
N ASP A 73 -8.84 -2.44 12.61
CA ASP A 73 -8.12 -2.12 11.38
C ASP A 73 -7.09 -3.21 11.06
N THR A 74 -6.49 -3.77 12.10
CA THR A 74 -5.49 -4.83 11.91
C THR A 74 -5.88 -5.76 10.78
N GLY A 75 -5.12 -5.71 9.69
CA GLY A 75 -5.39 -6.56 8.54
C GLY A 75 -4.19 -6.71 7.63
N THR A 76 -4.43 -7.22 6.43
CA THR A 76 -3.36 -7.42 5.45
C THR A 76 -3.65 -6.68 4.16
N TYR A 77 -2.94 -5.58 3.94
CA TYR A 77 -3.12 -4.78 2.75
C TYR A 77 -2.25 -5.29 1.61
N THR A 78 -2.63 -4.94 0.37
CA THR A 78 -1.89 -5.37 -0.80
C THR A 78 -1.58 -4.19 -1.72
N CYS A 79 -0.31 -3.80 -1.76
CA CYS A 79 0.11 -2.69 -2.61
C CYS A 79 0.26 -3.12 -4.06
N VAL A 80 -0.71 -2.74 -4.88
CA VAL A 80 -0.69 -3.09 -6.30
C VAL A 80 -0.48 -1.85 -7.17
N ALA A 81 0.35 -1.98 -8.20
CA ALA A 81 0.63 -0.88 -9.11
C ALA A 81 0.30 -1.26 -10.54
N THR A 82 -0.93 -0.97 -10.96
CA THR A 82 -1.37 -1.28 -12.32
C THR A 82 -0.91 -0.22 -13.30
N SER A 83 -0.76 -0.61 -14.56
CA SER A 83 -0.32 0.32 -15.60
C SER A 83 -0.52 -0.29 -16.98
N SER A 84 -0.73 0.57 -17.98
CA SER A 84 -0.95 0.12 -19.35
C SER A 84 0.09 -0.94 -19.74
N SER A 85 1.22 -0.94 -19.03
CA SER A 85 2.28 -1.90 -19.30
C SER A 85 1.96 -3.27 -18.70
N GLY A 86 1.91 -3.32 -17.38
CA GLY A 86 1.60 -4.57 -16.70
C GLY A 86 0.84 -4.37 -15.41
N GLU A 87 1.16 -5.16 -14.40
CA GLU A 87 0.48 -5.06 -13.11
C GLU A 87 1.17 -5.95 -12.07
N THR A 88 1.56 -5.35 -10.95
CA THR A 88 2.22 -6.09 -9.88
C THR A 88 1.56 -5.83 -8.53
N SER A 89 1.65 -6.80 -7.63
CA SER A 89 1.05 -6.67 -6.31
C SER A 89 2.02 -7.13 -5.23
N TRP A 90 1.84 -6.62 -4.02
CA TRP A 90 2.70 -6.98 -2.90
C TRP A 90 1.89 -7.63 -1.77
N SER A 91 2.57 -7.94 -0.67
CA SER A 91 1.91 -8.55 0.47
C SER A 91 2.55 -8.10 1.78
N ALA A 92 1.72 -7.83 2.78
CA ALA A 92 2.21 -7.39 4.08
C ALA A 92 1.11 -7.45 5.13
N VAL A 93 1.50 -7.43 6.40
CA VAL A 93 0.55 -7.47 7.50
C VAL A 93 0.81 -6.36 8.51
N LEU A 94 -0.26 -5.81 9.07
CA LEU A 94 -0.16 -4.73 10.05
C LEU A 94 -0.81 -5.13 11.37
N ASP A 95 -0.03 -5.11 12.44
CA ASP A 95 -0.53 -5.46 13.76
C ASP A 95 -0.70 -4.21 14.63
N VAL A 96 -1.95 -3.93 15.01
CA VAL A 96 -2.24 -2.77 15.84
C VAL A 96 -2.54 -3.18 17.28
N THR A 97 -1.75 -2.66 18.22
CA THR A 97 -1.93 -2.98 19.63
C THR A 97 -2.41 -1.77 20.40
N GLU A 98 -2.64 -1.94 21.70
CA GLU A 98 -3.12 -0.86 22.55
C GLU A 98 -1.95 0.01 23.03
N SER A 99 -0.82 -0.63 23.31
CA SER A 99 0.36 0.08 23.78
C SER A 99 1.34 0.32 22.63
N GLY A 100 1.67 -0.75 21.90
CA GLY A 100 2.59 -0.63 20.80
C GLY A 100 3.67 0.40 21.04
N GLY A 1 4.45 6.48 -29.50
CA GLY A 1 5.60 6.43 -28.62
C GLY A 1 6.72 5.58 -29.18
N SER A 2 7.85 6.21 -29.50
CA SER A 2 8.99 5.49 -30.05
C SER A 2 9.52 4.46 -29.06
N SER A 3 9.73 4.90 -27.82
CA SER A 3 10.24 4.01 -26.78
C SER A 3 9.26 3.95 -25.60
N GLY A 4 9.13 2.75 -25.01
CA GLY A 4 8.24 2.57 -23.89
C GLY A 4 7.58 1.21 -23.88
N SER A 5 6.75 0.96 -22.88
CA SER A 5 6.06 -0.32 -22.76
C SER A 5 7.04 -1.49 -22.92
N SER A 6 8.23 -1.34 -22.33
CA SER A 6 9.25 -2.37 -22.41
C SER A 6 9.04 -3.43 -21.33
N GLY A 7 8.85 -2.98 -20.10
CA GLY A 7 8.65 -3.89 -18.99
C GLY A 7 7.53 -3.45 -18.06
N PRO A 8 6.95 -4.41 -17.33
CA PRO A 8 5.85 -4.14 -16.39
C PRO A 8 6.31 -3.35 -15.18
N PRO A 9 5.35 -2.88 -14.38
CA PRO A 9 5.63 -2.10 -13.17
C PRO A 9 6.27 -2.95 -12.07
N ILE A 10 7.45 -2.53 -11.61
CA ILE A 10 8.15 -3.26 -10.56
C ILE A 10 8.14 -2.47 -9.26
N ILE A 11 7.72 -3.13 -8.18
CA ILE A 11 7.67 -2.50 -6.87
C ILE A 11 9.04 -2.47 -6.22
N LEU A 12 9.85 -1.48 -6.60
CA LEU A 12 11.19 -1.33 -6.05
C LEU A 12 11.20 -1.62 -4.55
N GLN A 13 10.15 -1.20 -3.86
CA GLN A 13 10.03 -1.41 -2.42
C GLN A 13 8.60 -1.22 -1.95
N GLY A 14 7.95 -2.32 -1.56
CA GLY A 14 6.58 -2.25 -1.10
C GLY A 14 6.48 -2.13 0.41
N PRO A 15 5.30 -2.46 0.95
CA PRO A 15 5.05 -2.40 2.40
C PRO A 15 5.81 -3.48 3.16
N ALA A 16 5.49 -3.64 4.44
CA ALA A 16 6.14 -4.63 5.28
C ALA A 16 5.38 -4.84 6.59
N ASN A 17 5.56 -6.01 7.20
CA ASN A 17 4.89 -6.32 8.45
C ASN A 17 5.40 -5.44 9.59
N GLN A 18 4.58 -4.49 10.00
CA GLN A 18 4.96 -3.58 11.09
C GLN A 18 3.95 -3.63 12.22
N THR A 19 4.44 -3.66 13.45
CA THR A 19 3.57 -3.71 14.62
C THR A 19 3.50 -2.35 15.31
N LEU A 20 2.41 -1.62 15.05
CA LEU A 20 2.22 -0.31 15.64
C LEU A 20 1.19 -0.36 16.76
N ALA A 21 0.92 0.79 17.37
CA ALA A 21 -0.05 0.87 18.45
C ALA A 21 -1.35 1.51 17.98
N VAL A 22 -2.47 1.02 18.50
CA VAL A 22 -3.78 1.55 18.12
C VAL A 22 -3.87 3.04 18.42
N ASP A 23 -4.79 3.72 17.73
CA ASP A 23 -4.98 5.16 17.91
C ASP A 23 -3.68 5.91 17.66
N GLY A 24 -3.05 5.65 16.53
CA GLY A 24 -1.81 6.31 16.19
C GLY A 24 -1.73 6.71 14.73
N THR A 25 -0.76 6.14 14.02
CA THR A 25 -0.58 6.43 12.60
C THR A 25 0.21 5.32 11.91
N ALA A 26 -0.42 4.65 10.96
CA ALA A 26 0.23 3.58 10.22
C ALA A 26 0.61 4.03 8.82
N LEU A 27 1.91 4.04 8.53
CA LEU A 27 2.41 4.44 7.23
C LEU A 27 2.98 3.25 6.46
N LEU A 28 2.34 2.93 5.33
CA LEU A 28 2.78 1.81 4.50
C LEU A 28 3.59 2.31 3.31
N LYS A 29 4.92 2.26 3.45
CA LYS A 29 5.81 2.70 2.38
C LYS A 29 5.70 1.78 1.16
N CYS A 30 5.64 2.38 -0.02
CA CYS A 30 5.53 1.61 -1.26
C CYS A 30 6.06 2.41 -2.44
N LYS A 31 6.78 1.73 -3.33
CA LYS A 31 7.35 2.38 -4.51
C LYS A 31 7.30 1.45 -5.71
N ALA A 32 6.87 1.99 -6.85
CA ALA A 32 6.78 1.20 -8.09
C ALA A 32 7.13 2.05 -9.30
N THR A 33 8.02 1.54 -10.14
CA THR A 33 8.43 2.26 -11.34
C THR A 33 7.78 1.66 -12.59
N GLY A 34 7.75 2.44 -13.67
CA GLY A 34 7.15 1.97 -14.90
C GLY A 34 6.63 3.12 -15.76
N ASP A 35 6.25 2.81 -16.99
CA ASP A 35 5.73 3.82 -17.91
C ASP A 35 4.62 3.24 -18.78
N PRO A 36 3.44 3.85 -18.73
CA PRO A 36 3.19 5.03 -17.89
C PRO A 36 3.19 4.68 -16.40
N LEU A 37 3.60 5.65 -15.57
CA LEU A 37 3.64 5.46 -14.13
C LEU A 37 2.45 4.62 -13.66
N PRO A 38 2.72 3.66 -12.76
CA PRO A 38 1.69 2.78 -12.21
C PRO A 38 0.72 3.52 -11.29
N VAL A 39 -0.33 2.83 -10.87
CA VAL A 39 -1.32 3.43 -9.97
C VAL A 39 -1.38 2.68 -8.65
N ILE A 40 -0.54 3.11 -7.70
CA ILE A 40 -0.50 2.49 -6.38
C ILE A 40 -1.90 2.24 -5.85
N SER A 41 -2.19 0.99 -5.50
CA SER A 41 -3.50 0.62 -4.98
C SER A 41 -3.37 -0.28 -3.76
N TRP A 42 -4.11 0.03 -2.70
CA TRP A 42 -4.07 -0.76 -1.48
C TRP A 42 -5.37 -1.53 -1.28
N LEU A 43 -5.28 -2.85 -1.25
CA LEU A 43 -6.45 -3.70 -1.07
C LEU A 43 -6.46 -4.32 0.33
N LYS A 44 -7.38 -3.86 1.17
CA LYS A 44 -7.50 -4.38 2.53
C LYS A 44 -8.32 -5.66 2.56
N GLU A 45 -7.63 -6.78 2.74
CA GLU A 45 -8.29 -8.09 2.79
C GLU A 45 -9.12 -8.32 1.54
N GLY A 46 -8.57 -7.92 0.39
CA GLY A 46 -9.28 -8.10 -0.87
C GLY A 46 -10.44 -7.14 -1.02
N PHE A 47 -10.18 -5.86 -0.77
CA PHE A 47 -11.21 -4.83 -0.88
C PHE A 47 -10.59 -3.46 -1.11
N THR A 48 -11.31 -2.61 -1.85
CA THR A 48 -10.83 -1.27 -2.16
C THR A 48 -10.43 -0.52 -0.88
N PHE A 49 -9.23 0.05 -0.89
CA PHE A 49 -8.73 0.79 0.27
C PHE A 49 -7.63 1.76 -0.15
N PRO A 50 -7.68 2.97 0.42
CA PRO A 50 -8.71 3.37 1.38
C PRO A 50 -10.09 3.51 0.73
N GLY A 51 -10.13 4.25 -0.38
CA GLY A 51 -11.39 4.45 -1.08
C GLY A 51 -12.06 5.75 -0.70
N ARG A 52 -13.24 5.65 -0.09
CA ARG A 52 -13.99 6.83 0.32
C ARG A 52 -13.87 7.05 1.83
N ASP A 53 -12.84 7.80 2.23
CA ASP A 53 -12.61 8.09 3.64
C ASP A 53 -11.53 9.15 3.81
N PRO A 54 -11.83 10.16 4.64
CA PRO A 54 -10.90 11.27 4.91
C PRO A 54 -9.69 10.81 5.72
N ARG A 55 -9.95 10.06 6.79
CA ARG A 55 -8.88 9.56 7.65
C ARG A 55 -7.79 8.87 6.82
N ALA A 56 -8.20 7.88 6.03
CA ALA A 56 -7.26 7.13 5.19
C ALA A 56 -7.02 7.86 3.88
N THR A 57 -5.74 8.02 3.52
CA THR A 57 -5.37 8.70 2.28
C THR A 57 -3.95 8.35 1.88
N ILE A 58 -3.63 8.58 0.60
CA ILE A 58 -2.29 8.30 0.09
C ILE A 58 -1.54 9.58 -0.22
N GLN A 59 -0.22 9.50 -0.19
CA GLN A 59 0.62 10.67 -0.48
C GLN A 59 1.14 10.64 -1.91
N GLU A 60 1.97 11.61 -2.26
CA GLU A 60 2.53 11.70 -3.59
C GLU A 60 3.55 10.58 -3.84
N GLN A 61 3.88 9.86 -2.77
CA GLN A 61 4.85 8.77 -2.85
C GLN A 61 4.21 7.45 -2.40
N GLY A 62 3.00 7.18 -2.90
CA GLY A 62 2.31 5.96 -2.54
C GLY A 62 2.47 5.62 -1.07
N THR A 63 2.18 6.60 -0.21
CA THR A 63 2.29 6.40 1.23
C THR A 63 0.91 6.34 1.88
N LEU A 64 0.44 5.14 2.16
CA LEU A 64 -0.87 4.95 2.79
C LEU A 64 -0.83 5.36 4.25
N GLN A 65 -1.55 6.45 4.56
CA GLN A 65 -1.59 6.95 5.93
C GLN A 65 -2.97 6.73 6.54
N ILE A 66 -3.00 6.25 7.78
CA ILE A 66 -4.26 6.01 8.48
C ILE A 66 -4.23 6.58 9.89
N LYS A 67 -5.23 7.41 10.21
CA LYS A 67 -5.32 8.02 11.52
C LYS A 67 -6.40 7.34 12.37
N ASN A 68 -6.22 7.40 13.68
CA ASN A 68 -7.18 6.78 14.60
C ASN A 68 -7.27 5.27 14.36
N LEU A 69 -6.12 4.63 14.30
CA LEU A 69 -6.06 3.18 14.08
C LEU A 69 -7.00 2.46 15.04
N ARG A 70 -7.36 1.22 14.69
CA ARG A 70 -8.24 0.41 15.51
C ARG A 70 -7.76 -1.02 15.59
N ILE A 71 -8.00 -1.67 16.73
CA ILE A 71 -7.59 -3.05 16.93
C ILE A 71 -8.14 -3.95 15.83
N SER A 72 -9.19 -3.48 15.16
CA SER A 72 -9.81 -4.25 14.09
C SER A 72 -9.12 -3.97 12.75
N ASP A 73 -8.61 -2.76 12.60
CA ASP A 73 -7.92 -2.38 11.37
C ASP A 73 -6.86 -3.41 10.99
N THR A 74 -6.37 -4.14 11.98
CA THR A 74 -5.35 -5.16 11.75
C THR A 74 -5.73 -6.04 10.58
N GLY A 75 -5.13 -5.78 9.42
CA GLY A 75 -5.40 -6.57 8.24
C GLY A 75 -4.19 -6.73 7.34
N THR A 76 -4.38 -7.40 6.20
CA THR A 76 -3.28 -7.62 5.27
C THR A 76 -3.45 -6.75 4.02
N TYR A 77 -2.77 -5.60 4.03
CA TYR A 77 -2.85 -4.68 2.89
C TYR A 77 -2.01 -5.18 1.72
N THR A 78 -2.44 -4.86 0.51
CA THR A 78 -1.73 -5.27 -0.68
C THR A 78 -1.46 -4.09 -1.60
N CYS A 79 -0.18 -3.77 -1.79
CA CYS A 79 0.22 -2.66 -2.64
C CYS A 79 0.38 -3.12 -4.10
N VAL A 80 -0.63 -2.85 -4.91
CA VAL A 80 -0.59 -3.24 -6.32
C VAL A 80 -0.51 -2.01 -7.22
N ALA A 81 0.49 -1.98 -8.09
CA ALA A 81 0.68 -0.86 -9.01
C ALA A 81 0.39 -1.29 -10.44
N THR A 82 -0.84 -1.03 -10.89
CA THR A 82 -1.26 -1.39 -12.24
C THR A 82 -0.75 -0.36 -13.25
N SER A 83 -0.60 -0.79 -14.50
CA SER A 83 -0.13 0.09 -15.56
C SER A 83 -0.34 -0.55 -16.93
N SER A 84 -0.52 0.29 -17.94
CA SER A 84 -0.74 -0.19 -19.30
C SER A 84 0.20 -1.35 -19.63
N SER A 85 1.43 -1.23 -19.17
CA SER A 85 2.43 -2.27 -19.41
C SER A 85 1.99 -3.61 -18.81
N GLY A 86 2.02 -3.68 -17.47
CA GLY A 86 1.62 -4.90 -16.80
C GLY A 86 0.94 -4.62 -15.47
N GLU A 87 1.26 -5.43 -14.46
CA GLU A 87 0.67 -5.27 -13.13
C GLU A 87 1.45 -6.06 -12.09
N THR A 88 1.60 -5.48 -10.91
CA THR A 88 2.33 -6.14 -9.83
C THR A 88 1.63 -5.94 -8.49
N SER A 89 1.89 -6.83 -7.55
CA SER A 89 1.28 -6.75 -6.23
C SER A 89 2.27 -7.16 -5.14
N TRP A 90 2.06 -6.65 -3.93
CA TRP A 90 2.94 -6.97 -2.81
C TRP A 90 2.15 -7.59 -1.66
N SER A 91 2.83 -7.87 -0.56
CA SER A 91 2.20 -8.46 0.60
C SER A 91 2.69 -7.81 1.89
N ALA A 92 1.77 -7.58 2.82
CA ALA A 92 2.11 -6.96 4.10
C ALA A 92 0.96 -7.07 5.09
N VAL A 93 1.23 -6.76 6.35
CA VAL A 93 0.22 -6.82 7.40
C VAL A 93 0.53 -5.85 8.52
N LEU A 94 -0.51 -5.20 9.04
CA LEU A 94 -0.34 -4.24 10.13
C LEU A 94 -0.87 -4.81 11.45
N ASP A 95 0.03 -5.04 12.39
CA ASP A 95 -0.34 -5.59 13.69
C ASP A 95 -0.61 -4.47 14.69
N VAL A 96 -1.85 -3.98 14.70
CA VAL A 96 -2.25 -2.91 15.61
C VAL A 96 -2.61 -3.47 16.99
N THR A 97 -1.86 -3.05 18.01
CA THR A 97 -2.11 -3.50 19.37
C THR A 97 -2.17 -2.32 20.34
N GLU A 98 -2.62 -2.58 21.56
CA GLU A 98 -2.72 -1.55 22.58
C GLU A 98 -1.34 -1.08 23.02
N SER A 99 -0.40 -2.03 23.09
CA SER A 99 0.96 -1.72 23.51
C SER A 99 1.83 -1.34 22.31
N GLY A 100 1.47 -1.88 21.14
CA GLY A 100 2.22 -1.58 19.93
C GLY A 100 3.69 -1.90 20.08
N GLY A 1 13.22 4.51 -23.29
CA GLY A 1 13.64 5.00 -21.99
C GLY A 1 15.00 4.47 -21.58
N SER A 2 15.92 5.37 -21.25
CA SER A 2 17.27 4.97 -20.86
C SER A 2 17.37 4.86 -19.34
N SER A 3 17.12 5.97 -18.64
CA SER A 3 17.18 5.99 -17.19
C SER A 3 15.97 5.31 -16.58
N GLY A 4 16.22 4.34 -15.70
CA GLY A 4 15.14 3.63 -15.06
C GLY A 4 15.00 2.20 -15.57
N SER A 5 13.79 1.66 -15.47
CA SER A 5 13.54 0.29 -15.92
C SER A 5 12.52 0.27 -17.06
N SER A 6 12.85 -0.43 -18.13
CA SER A 6 11.97 -0.53 -19.30
C SER A 6 11.18 -1.83 -19.27
N GLY A 7 9.96 -1.77 -18.74
CA GLY A 7 9.12 -2.95 -18.67
C GLY A 7 7.89 -2.74 -17.80
N PRO A 8 7.40 -3.82 -17.19
CA PRO A 8 6.22 -3.77 -16.32
C PRO A 8 6.49 -3.04 -15.01
N PRO A 9 5.42 -2.76 -14.26
CA PRO A 9 5.51 -2.06 -12.97
C PRO A 9 6.18 -2.92 -11.89
N ILE A 10 7.31 -2.45 -11.38
CA ILE A 10 8.04 -3.17 -10.35
C ILE A 10 8.15 -2.34 -9.07
N ILE A 11 7.75 -2.94 -7.95
CA ILE A 11 7.81 -2.25 -6.67
C ILE A 11 9.19 -2.41 -6.01
N LEU A 12 10.04 -1.42 -6.22
CA LEU A 12 11.39 -1.44 -5.65
C LEU A 12 11.34 -1.61 -4.14
N GLN A 13 10.63 -0.72 -3.47
CA GLN A 13 10.50 -0.77 -2.02
C GLN A 13 9.03 -0.80 -1.61
N GLY A 14 8.46 -2.00 -1.53
CA GLY A 14 7.08 -2.15 -1.14
C GLY A 14 6.89 -2.13 0.36
N PRO A 15 5.67 -2.47 0.80
CA PRO A 15 5.33 -2.51 2.23
C PRO A 15 6.02 -3.65 2.96
N ALA A 16 5.74 -3.79 4.25
CA ALA A 16 6.33 -4.84 5.06
C ALA A 16 5.56 -5.04 6.35
N ASN A 17 5.40 -6.30 6.77
CA ASN A 17 4.68 -6.61 7.99
C ASN A 17 5.23 -5.81 9.18
N GLN A 18 4.46 -4.84 9.63
CA GLN A 18 4.86 -4.01 10.75
C GLN A 18 3.86 -4.10 11.90
N THR A 19 4.32 -3.81 13.11
CA THR A 19 3.47 -3.87 14.29
C THR A 19 3.46 -2.53 15.03
N LEU A 20 2.34 -1.82 14.92
CA LEU A 20 2.20 -0.53 15.58
C LEU A 20 1.12 -0.57 16.66
N ALA A 21 1.03 0.50 17.44
CA ALA A 21 0.04 0.58 18.50
C ALA A 21 -1.24 1.25 18.02
N VAL A 22 -2.36 0.92 18.66
CA VAL A 22 -3.65 1.49 18.28
C VAL A 22 -3.67 3.00 18.52
N ASP A 23 -4.63 3.68 17.90
CA ASP A 23 -4.76 5.12 18.06
C ASP A 23 -3.49 5.83 17.58
N GLY A 24 -2.83 5.25 16.59
CA GLY A 24 -1.62 5.85 16.06
C GLY A 24 -1.71 6.15 14.58
N THR A 25 -0.56 6.37 13.94
CA THR A 25 -0.52 6.67 12.52
C THR A 25 0.26 5.61 11.76
N ALA A 26 -0.40 4.97 10.79
CA ALA A 26 0.23 3.94 9.98
C ALA A 26 0.66 4.49 8.62
N LEU A 27 1.97 4.53 8.40
CA LEU A 27 2.50 5.04 7.14
C LEU A 27 3.14 3.92 6.33
N LEU A 28 2.46 3.52 5.25
CA LEU A 28 2.96 2.45 4.39
C LEU A 28 3.79 3.02 3.25
N LYS A 29 4.95 2.42 2.99
CA LYS A 29 5.82 2.87 1.92
C LYS A 29 5.70 1.95 0.71
N CYS A 30 5.69 2.55 -0.48
CA CYS A 30 5.58 1.79 -1.73
C CYS A 30 6.05 2.62 -2.92
N LYS A 31 7.21 2.26 -3.46
CA LYS A 31 7.77 2.97 -4.60
C LYS A 31 7.87 2.06 -5.82
N ALA A 32 7.06 2.36 -6.84
CA ALA A 32 7.07 1.56 -8.07
C ALA A 32 7.52 2.39 -9.26
N THR A 33 8.16 1.72 -10.23
CA THR A 33 8.65 2.40 -11.42
C THR A 33 8.08 1.77 -12.68
N GLY A 34 7.64 2.62 -13.61
CA GLY A 34 7.08 2.12 -14.85
C GLY A 34 6.53 3.24 -15.72
N ASP A 35 6.25 2.93 -16.98
CA ASP A 35 5.72 3.91 -17.92
C ASP A 35 4.65 3.28 -18.82
N PRO A 36 3.43 3.86 -18.77
CA PRO A 36 3.13 5.02 -17.93
C PRO A 36 3.12 4.66 -16.45
N LEU A 37 3.45 5.64 -15.61
CA LEU A 37 3.48 5.44 -14.17
C LEU A 37 2.29 4.58 -13.72
N PRO A 38 2.57 3.58 -12.87
CA PRO A 38 1.54 2.68 -12.35
C PRO A 38 0.60 3.37 -11.37
N VAL A 39 -0.52 2.73 -11.08
CA VAL A 39 -1.50 3.28 -10.15
C VAL A 39 -1.47 2.56 -8.81
N ILE A 40 -0.69 3.08 -7.88
CA ILE A 40 -0.57 2.48 -6.55
C ILE A 40 -1.94 2.27 -5.92
N SER A 41 -2.20 1.05 -5.46
CA SER A 41 -3.47 0.73 -4.82
C SER A 41 -3.28 -0.22 -3.65
N TRP A 42 -4.14 -0.10 -2.65
CA TRP A 42 -4.06 -0.94 -1.46
C TRP A 42 -5.33 -1.75 -1.28
N LEU A 43 -5.19 -3.07 -1.27
CA LEU A 43 -6.34 -3.96 -1.11
C LEU A 43 -6.38 -4.54 0.31
N LYS A 44 -7.39 -4.14 1.08
CA LYS A 44 -7.53 -4.63 2.45
C LYS A 44 -8.49 -5.82 2.50
N GLU A 45 -7.95 -7.01 2.70
CA GLU A 45 -8.76 -8.21 2.77
C GLU A 45 -9.51 -8.45 1.47
N GLY A 46 -8.89 -8.07 0.36
CA GLY A 46 -9.52 -8.24 -0.94
C GLY A 46 -10.69 -7.29 -1.15
N PHE A 47 -10.47 -6.02 -0.81
CA PHE A 47 -11.52 -5.02 -0.96
C PHE A 47 -10.91 -3.62 -1.10
N THR A 48 -11.48 -2.81 -1.98
CA THR A 48 -11.00 -1.45 -2.20
C THR A 48 -10.62 -0.78 -0.88
N PHE A 49 -9.43 -0.19 -0.84
CA PHE A 49 -8.95 0.48 0.36
C PHE A 49 -7.80 1.44 0.03
N PRO A 50 -7.82 2.61 0.68
CA PRO A 50 -8.85 2.98 1.64
C PRO A 50 -10.20 3.23 0.98
N GLY A 51 -10.22 3.13 -0.34
CA GLY A 51 -11.46 3.35 -1.08
C GLY A 51 -11.96 4.78 -0.97
N ARG A 52 -12.90 5.00 -0.05
CA ARG A 52 -13.48 6.33 0.15
C ARG A 52 -13.57 6.65 1.64
N ASP A 53 -12.52 7.28 2.17
CA ASP A 53 -12.48 7.65 3.58
C ASP A 53 -11.56 8.84 3.80
N PRO A 54 -12.02 9.80 4.62
CA PRO A 54 -11.25 11.01 4.94
C PRO A 54 -10.03 10.71 5.81
N ARG A 55 -10.25 9.99 6.90
CA ARG A 55 -9.17 9.64 7.82
C ARG A 55 -8.01 9.00 7.07
N ALA A 56 -8.32 8.01 6.23
CA ALA A 56 -7.31 7.32 5.46
C ALA A 56 -7.04 8.02 4.13
N THR A 57 -5.80 7.99 3.68
CA THR A 57 -5.41 8.63 2.43
C THR A 57 -4.06 8.13 1.94
N ILE A 58 -3.79 8.34 0.66
CA ILE A 58 -2.52 7.91 0.07
C ILE A 58 -1.63 9.10 -0.24
N GLN A 59 -0.71 9.39 0.68
CA GLN A 59 0.21 10.51 0.50
C GLN A 59 1.09 10.30 -0.73
N GLU A 60 2.02 11.23 -0.96
CA GLU A 60 2.91 11.14 -2.11
C GLU A 60 3.54 9.75 -2.21
N GLN A 61 4.06 9.43 -3.38
CA GLN A 61 4.69 8.14 -3.62
C GLN A 61 3.86 7.01 -3.00
N GLY A 62 2.58 6.98 -3.35
CA GLY A 62 1.69 5.96 -2.82
C GLY A 62 1.96 5.66 -1.35
N THR A 63 2.09 6.72 -0.55
CA THR A 63 2.36 6.57 0.87
C THR A 63 1.06 6.56 1.68
N LEU A 64 0.53 5.38 1.93
CA LEU A 64 -0.71 5.24 2.68
C LEU A 64 -0.56 5.83 4.09
N GLN A 65 -1.64 6.42 4.59
CA GLN A 65 -1.63 7.02 5.91
C GLN A 65 -2.99 6.87 6.60
N ILE A 66 -2.99 6.22 7.76
CA ILE A 66 -4.22 6.02 8.52
C ILE A 66 -4.10 6.56 9.93
N LYS A 67 -4.86 7.62 10.21
CA LYS A 67 -4.85 8.24 11.53
C LYS A 67 -5.95 7.67 12.42
N ASN A 68 -5.68 7.59 13.72
CA ASN A 68 -6.66 7.06 14.67
C ASN A 68 -6.90 5.57 14.44
N LEU A 69 -5.81 4.80 14.43
CA LEU A 69 -5.89 3.36 14.22
C LEU A 69 -6.90 2.73 15.17
N ARG A 70 -7.30 1.50 14.88
CA ARG A 70 -8.26 0.78 15.71
C ARG A 70 -7.94 -0.70 15.76
N ILE A 71 -8.04 -1.29 16.95
CA ILE A 71 -7.75 -2.70 17.13
C ILE A 71 -8.29 -3.52 15.96
N SER A 72 -9.36 -3.03 15.35
CA SER A 72 -9.98 -3.72 14.21
C SER A 72 -9.18 -3.49 12.94
N ASP A 73 -8.73 -2.26 12.74
CA ASP A 73 -7.95 -1.91 11.56
C ASP A 73 -7.00 -3.05 11.19
N THR A 74 -6.43 -3.69 12.20
CA THR A 74 -5.49 -4.78 11.99
C THR A 74 -5.94 -5.67 10.82
N GLY A 75 -5.33 -5.44 9.66
CA GLY A 75 -5.68 -6.22 8.49
C GLY A 75 -4.50 -6.44 7.57
N THR A 76 -4.75 -7.10 6.44
CA THR A 76 -3.69 -7.38 5.46
C THR A 76 -3.90 -6.58 4.19
N TYR A 77 -3.00 -5.63 3.93
CA TYR A 77 -3.07 -4.80 2.75
C TYR A 77 -2.11 -5.28 1.67
N THR A 78 -2.41 -4.93 0.42
CA THR A 78 -1.57 -5.33 -0.70
C THR A 78 -1.34 -4.17 -1.65
N CYS A 79 -0.08 -3.75 -1.77
CA CYS A 79 0.29 -2.65 -2.65
C CYS A 79 0.46 -3.13 -4.09
N VAL A 80 -0.50 -2.81 -4.94
CA VAL A 80 -0.47 -3.20 -6.34
C VAL A 80 -0.35 -1.99 -7.25
N ALA A 81 0.48 -2.11 -8.29
CA ALA A 81 0.68 -1.02 -9.24
C ALA A 81 0.33 -1.46 -10.66
N THR A 82 -0.88 -1.11 -11.10
CA THR A 82 -1.34 -1.47 -12.43
C THR A 82 -0.83 -0.47 -13.47
N SER A 83 -0.64 -0.94 -14.69
CA SER A 83 -0.16 -0.10 -15.78
C SER A 83 -0.33 -0.79 -17.13
N SER A 84 -0.37 0.00 -18.19
CA SER A 84 -0.53 -0.53 -19.54
C SER A 84 0.50 -1.62 -19.82
N SER A 85 1.64 -1.53 -19.14
CA SER A 85 2.71 -2.52 -19.32
C SER A 85 2.32 -3.85 -18.70
N GLY A 86 2.21 -3.87 -17.37
CA GLY A 86 1.86 -5.09 -16.67
C GLY A 86 1.10 -4.81 -15.38
N GLU A 87 1.44 -5.57 -14.33
CA GLU A 87 0.80 -5.40 -13.04
C GLU A 87 1.48 -6.27 -11.98
N THR A 88 1.64 -5.71 -10.79
CA THR A 88 2.28 -6.43 -9.69
C THR A 88 1.60 -6.12 -8.36
N SER A 89 1.82 -6.98 -7.37
CA SER A 89 1.23 -6.80 -6.05
C SER A 89 2.21 -7.20 -4.95
N TRP A 90 2.14 -6.49 -3.82
CA TRP A 90 3.02 -6.77 -2.70
C TRP A 90 2.23 -7.18 -1.47
N SER A 91 2.51 -8.36 -0.95
CA SER A 91 1.82 -8.87 0.24
C SER A 91 2.38 -8.24 1.51
N ALA A 92 1.50 -7.97 2.46
CA ALA A 92 1.91 -7.37 3.73
C ALA A 92 0.74 -7.32 4.71
N VAL A 93 1.06 -7.16 5.99
CA VAL A 93 0.04 -7.09 7.03
C VAL A 93 0.41 -6.07 8.10
N LEU A 94 -0.58 -5.65 8.88
CA LEU A 94 -0.35 -4.67 9.94
C LEU A 94 -0.99 -5.13 11.24
N ASP A 95 -0.17 -5.25 12.29
CA ASP A 95 -0.66 -5.67 13.60
C ASP A 95 -0.79 -4.49 14.54
N VAL A 96 -2.02 -4.23 14.99
CA VAL A 96 -2.28 -3.12 15.90
C VAL A 96 -2.58 -3.62 17.31
N THR A 97 -1.71 -3.27 18.25
CA THR A 97 -1.89 -3.69 19.64
C THR A 97 -2.34 -2.52 20.51
N GLU A 98 -2.50 -2.78 21.81
CA GLU A 98 -2.93 -1.75 22.75
C GLU A 98 -1.73 -1.17 23.48
N SER A 99 -0.66 -1.94 23.59
CA SER A 99 0.54 -1.50 24.28
C SER A 99 1.77 -1.66 23.38
N GLY A 100 1.59 -1.46 22.09
CA GLY A 100 2.68 -1.59 21.14
C GLY A 100 3.64 -0.42 21.20
N GLY A 1 -2.38 1.48 -28.78
CA GLY A 1 -2.49 0.04 -28.88
C GLY A 1 -1.18 -0.66 -28.58
N SER A 2 -0.68 -0.51 -27.36
CA SER A 2 0.57 -1.13 -26.96
C SER A 2 1.71 -0.71 -27.89
N SER A 3 1.78 0.59 -28.18
CA SER A 3 2.82 1.11 -29.05
C SER A 3 4.17 0.48 -28.75
N GLY A 4 4.50 0.38 -27.46
CA GLY A 4 5.76 -0.21 -27.06
C GLY A 4 6.00 -0.10 -25.56
N SER A 5 6.17 -1.25 -24.91
CA SER A 5 6.40 -1.28 -23.47
C SER A 5 7.88 -1.53 -23.16
N SER A 6 8.34 -0.93 -22.07
CA SER A 6 9.74 -1.08 -21.67
C SER A 6 9.84 -1.88 -20.37
N GLY A 7 8.99 -2.89 -20.23
CA GLY A 7 9.00 -3.72 -19.04
C GLY A 7 7.84 -3.42 -18.12
N PRO A 8 7.36 -4.44 -17.40
CA PRO A 8 6.25 -4.31 -16.47
C PRO A 8 6.62 -3.50 -15.23
N PRO A 9 5.60 -3.06 -14.48
CA PRO A 9 5.79 -2.26 -13.26
C PRO A 9 6.40 -3.07 -12.12
N ILE A 10 7.47 -2.56 -11.54
CA ILE A 10 8.14 -3.24 -10.45
C ILE A 10 8.15 -2.38 -9.19
N ILE A 11 7.71 -2.95 -8.07
CA ILE A 11 7.67 -2.24 -6.80
C ILE A 11 9.03 -2.25 -6.12
N LEU A 12 9.87 -1.29 -6.49
CA LEU A 12 11.22 -1.19 -5.91
C LEU A 12 11.19 -1.51 -4.42
N GLN A 13 10.22 -0.93 -3.71
CA GLN A 13 10.09 -1.16 -2.28
C GLN A 13 8.65 -0.93 -1.82
N GLY A 14 7.95 -2.01 -1.54
CA GLY A 14 6.56 -1.90 -1.09
C GLY A 14 6.43 -1.86 0.41
N PRO A 15 5.25 -2.22 0.92
CA PRO A 15 4.98 -2.24 2.37
C PRO A 15 5.74 -3.35 3.09
N ALA A 16 5.53 -3.44 4.40
CA ALA A 16 6.19 -4.46 5.21
C ALA A 16 5.41 -4.73 6.50
N ASN A 17 5.58 -5.92 7.04
CA ASN A 17 4.90 -6.31 8.27
C ASN A 17 5.37 -5.46 9.44
N GLN A 18 4.54 -4.52 9.86
CA GLN A 18 4.87 -3.64 10.98
C GLN A 18 3.84 -3.75 12.10
N THR A 19 4.29 -3.58 13.33
CA THR A 19 3.41 -3.66 14.49
C THR A 19 3.30 -2.32 15.19
N LEU A 20 2.24 -1.57 14.86
CA LEU A 20 2.02 -0.26 15.46
C LEU A 20 1.00 -0.35 16.59
N ALA A 21 0.86 0.74 17.34
CA ALA A 21 -0.09 0.79 18.45
C ALA A 21 -1.35 1.53 18.06
N VAL A 22 -2.50 1.01 18.48
CA VAL A 22 -3.78 1.62 18.18
C VAL A 22 -3.78 3.10 18.54
N ASP A 23 -4.70 3.86 17.94
CA ASP A 23 -4.80 5.29 18.20
C ASP A 23 -3.53 6.01 17.79
N GLY A 24 -2.94 5.58 16.68
CA GLY A 24 -1.72 6.19 16.19
C GLY A 24 -1.78 6.49 14.70
N THR A 25 -0.66 6.27 14.02
CA THR A 25 -0.57 6.51 12.58
C THR A 25 0.23 5.43 11.89
N ALA A 26 -0.35 4.84 10.84
CA ALA A 26 0.32 3.79 10.09
C ALA A 26 0.71 4.28 8.70
N LEU A 27 2.01 4.44 8.48
CA LEU A 27 2.53 4.90 7.20
C LEU A 27 3.04 3.73 6.36
N LEU A 28 2.30 3.38 5.32
CA LEU A 28 2.67 2.29 4.44
C LEU A 28 3.42 2.80 3.21
N LYS A 29 4.74 2.62 3.20
CA LYS A 29 5.57 3.06 2.09
C LYS A 29 5.46 2.10 0.91
N CYS A 30 5.50 2.64 -0.30
CA CYS A 30 5.40 1.85 -1.51
C CYS A 30 5.81 2.66 -2.74
N LYS A 31 6.64 2.06 -3.58
CA LYS A 31 7.10 2.72 -4.79
C LYS A 31 7.29 1.73 -5.93
N ALA A 32 6.79 2.07 -7.11
CA ALA A 32 6.90 1.20 -8.27
C ALA A 32 7.30 2.00 -9.52
N THR A 33 8.29 1.49 -10.24
CA THR A 33 8.76 2.16 -11.45
C THR A 33 8.18 1.51 -12.69
N GLY A 34 8.05 2.29 -13.76
CA GLY A 34 7.51 1.77 -15.01
C GLY A 34 6.98 2.87 -15.90
N ASP A 35 6.68 2.52 -17.16
CA ASP A 35 6.16 3.48 -18.11
C ASP A 35 5.07 2.85 -18.98
N PRO A 36 3.87 3.46 -18.96
CA PRO A 36 3.61 4.65 -18.16
C PRO A 36 3.59 4.35 -16.66
N LEU A 37 3.69 5.40 -15.86
CA LEU A 37 3.69 5.26 -14.39
C LEU A 37 2.50 4.44 -13.93
N PRO A 38 2.76 3.46 -13.05
CA PRO A 38 1.71 2.58 -12.51
C PRO A 38 0.76 3.33 -11.56
N VAL A 39 -0.39 2.73 -11.31
CA VAL A 39 -1.38 3.33 -10.41
C VAL A 39 -1.47 2.58 -9.09
N ILE A 40 -0.56 2.89 -8.18
CA ILE A 40 -0.52 2.24 -6.88
C ILE A 40 -1.92 2.16 -6.28
N SER A 41 -2.22 1.04 -5.62
CA SER A 41 -3.52 0.84 -5.00
C SER A 41 -3.41 -0.09 -3.80
N TRP A 42 -4.19 0.20 -2.76
CA TRP A 42 -4.18 -0.62 -1.55
C TRP A 42 -5.50 -1.37 -1.39
N LEU A 43 -5.41 -2.68 -1.21
CA LEU A 43 -6.59 -3.51 -1.05
C LEU A 43 -6.58 -4.21 0.32
N LYS A 44 -7.49 -3.79 1.19
CA LYS A 44 -7.60 -4.38 2.52
C LYS A 44 -8.47 -5.62 2.51
N GLU A 45 -7.85 -6.79 2.68
CA GLU A 45 -8.57 -8.05 2.69
C GLU A 45 -9.40 -8.21 1.42
N GLY A 46 -8.83 -7.80 0.29
CA GLY A 46 -9.52 -7.91 -0.98
C GLY A 46 -10.68 -6.94 -1.09
N PHE A 47 -10.47 -5.71 -0.62
CA PHE A 47 -11.51 -4.68 -0.67
C PHE A 47 -10.89 -3.30 -0.84
N THR A 48 -11.57 -2.45 -1.61
CA THR A 48 -11.09 -1.10 -1.86
C THR A 48 -10.46 -0.50 -0.60
N PHE A 49 -9.41 0.29 -0.80
CA PHE A 49 -8.71 0.93 0.31
C PHE A 49 -7.63 1.89 -0.19
N PRO A 50 -7.54 3.06 0.44
CA PRO A 50 -8.41 3.42 1.56
C PRO A 50 -9.86 3.66 1.12
N GLY A 51 -10.04 3.88 -0.18
CA GLY A 51 -11.37 4.12 -0.70
C GLY A 51 -11.87 5.53 -0.42
N ARG A 52 -13.01 5.63 0.25
CA ARG A 52 -13.58 6.93 0.58
C ARG A 52 -13.55 7.16 2.09
N ASP A 53 -12.39 6.95 2.69
CA ASP A 53 -12.21 7.14 4.12
C ASP A 53 -11.62 8.51 4.42
N PRO A 54 -12.17 9.19 5.44
CA PRO A 54 -11.70 10.52 5.85
C PRO A 54 -10.31 10.48 6.50
N ARG A 55 -10.15 9.58 7.45
CA ARG A 55 -8.88 9.43 8.15
C ARG A 55 -7.84 8.75 7.26
N ALA A 56 -8.25 7.67 6.60
CA ALA A 56 -7.36 6.93 5.72
C ALA A 56 -7.19 7.64 4.38
N THR A 57 -5.96 7.72 3.90
CA THR A 57 -5.67 8.38 2.63
C THR A 57 -4.21 8.23 2.25
N ILE A 58 -3.90 8.41 0.98
CA ILE A 58 -2.53 8.29 0.48
C ILE A 58 -1.84 9.64 0.47
N GLN A 59 -0.55 9.65 0.80
CA GLN A 59 0.23 10.88 0.82
C GLN A 59 0.92 11.11 -0.52
N GLU A 60 1.98 10.34 -0.76
CA GLU A 60 2.74 10.46 -2.00
C GLU A 60 2.34 9.36 -2.99
N GLN A 61 1.09 9.41 -3.44
CA GLN A 61 0.58 8.41 -4.39
C GLN A 61 1.21 7.05 -4.12
N GLY A 62 1.39 6.72 -2.85
CA GLY A 62 1.97 5.44 -2.48
C GLY A 62 2.21 5.31 -0.99
N THR A 63 2.35 6.45 -0.32
CA THR A 63 2.58 6.45 1.12
C THR A 63 1.27 6.55 1.89
N LEU A 64 0.57 5.42 2.00
CA LEU A 64 -0.70 5.38 2.70
C LEU A 64 -0.56 5.95 4.12
N GLN A 65 -1.66 6.42 4.67
CA GLN A 65 -1.67 6.99 6.01
C GLN A 65 -3.00 6.74 6.71
N ILE A 66 -2.94 6.17 7.90
CA ILE A 66 -4.15 5.88 8.66
C ILE A 66 -4.03 6.39 10.11
N LYS A 67 -4.80 7.41 10.43
CA LYS A 67 -4.78 7.99 11.77
C LYS A 67 -5.89 7.38 12.65
N ASN A 68 -5.65 7.36 13.96
CA ASN A 68 -6.62 6.81 14.89
C ASN A 68 -6.86 5.32 14.62
N LEU A 69 -5.79 4.59 14.37
CA LEU A 69 -5.88 3.16 14.09
C LEU A 69 -6.88 2.48 15.03
N ARG A 70 -7.28 1.26 14.70
CA ARG A 70 -8.22 0.51 15.51
C ARG A 70 -7.91 -0.98 15.47
N ILE A 71 -8.02 -1.64 16.62
CA ILE A 71 -7.75 -3.07 16.71
C ILE A 71 -8.28 -3.80 15.49
N SER A 72 -9.33 -3.26 14.89
CA SER A 72 -9.94 -3.87 13.71
C SER A 72 -9.08 -3.64 12.47
N ASP A 73 -8.53 -2.43 12.34
CA ASP A 73 -7.68 -2.09 11.21
C ASP A 73 -6.79 -3.26 10.82
N THR A 74 -6.25 -3.94 11.82
CA THR A 74 -5.37 -5.09 11.59
C THR A 74 -5.89 -5.93 10.41
N GLY A 75 -5.00 -6.21 9.47
CA GLY A 75 -5.38 -7.01 8.31
C GLY A 75 -4.19 -7.30 7.40
N THR A 76 -4.43 -7.27 6.09
CA THR A 76 -3.39 -7.54 5.12
C THR A 76 -3.43 -6.54 3.97
N TYR A 77 -2.46 -5.64 3.93
CA TYR A 77 -2.38 -4.63 2.88
C TYR A 77 -1.71 -5.19 1.63
N THR A 78 -2.31 -4.89 0.47
CA THR A 78 -1.77 -5.36 -0.80
C THR A 78 -1.49 -4.20 -1.74
N CYS A 79 -0.24 -3.77 -1.79
CA CYS A 79 0.16 -2.66 -2.65
C CYS A 79 0.30 -3.12 -4.09
N VAL A 80 -0.71 -2.86 -4.90
CA VAL A 80 -0.69 -3.24 -6.30
C VAL A 80 -0.48 -2.03 -7.20
N ALA A 81 0.28 -2.23 -8.28
CA ALA A 81 0.57 -1.16 -9.22
C ALA A 81 0.24 -1.58 -10.65
N THR A 82 -0.90 -1.13 -11.16
CA THR A 82 -1.33 -1.46 -12.51
C THR A 82 -0.79 -0.46 -13.52
N SER A 83 -0.59 -0.91 -14.76
CA SER A 83 -0.08 -0.05 -15.81
C SER A 83 -0.31 -0.67 -17.18
N SER A 84 -0.34 0.17 -18.22
CA SER A 84 -0.54 -0.31 -19.57
C SER A 84 0.34 -1.51 -19.88
N SER A 85 1.52 -1.53 -19.27
CA SER A 85 2.47 -2.62 -19.48
C SER A 85 2.01 -3.89 -18.76
N GLY A 86 2.12 -3.88 -17.43
CA GLY A 86 1.72 -5.03 -16.65
C GLY A 86 1.10 -4.63 -15.32
N GLU A 87 1.28 -5.49 -14.32
CA GLU A 87 0.75 -5.22 -12.98
C GLU A 87 1.39 -6.13 -11.95
N THR A 88 1.68 -5.57 -10.77
CA THR A 88 2.30 -6.33 -9.70
C THR A 88 1.64 -6.02 -8.36
N SER A 89 1.61 -7.02 -7.48
CA SER A 89 1.01 -6.86 -6.16
C SER A 89 1.99 -7.23 -5.05
N TRP A 90 1.91 -6.53 -3.94
CA TRP A 90 2.78 -6.79 -2.80
C TRP A 90 2.02 -7.40 -1.64
N SER A 91 2.74 -7.85 -0.62
CA SER A 91 2.12 -8.45 0.55
C SER A 91 2.67 -7.83 1.84
N ALA A 92 1.79 -7.65 2.82
CA ALA A 92 2.19 -7.06 4.10
C ALA A 92 1.23 -7.49 5.21
N VAL A 93 1.49 -7.00 6.42
CA VAL A 93 0.66 -7.33 7.56
C VAL A 93 0.75 -6.25 8.65
N LEU A 94 -0.38 -5.66 8.98
CA LEU A 94 -0.43 -4.61 10.01
C LEU A 94 -1.00 -5.15 11.31
N ASP A 95 -0.18 -5.17 12.36
CA ASP A 95 -0.62 -5.66 13.65
C ASP A 95 -0.81 -4.50 14.63
N VAL A 96 -2.06 -4.11 14.85
CA VAL A 96 -2.38 -3.02 15.76
C VAL A 96 -2.56 -3.53 17.19
N THR A 97 -1.67 -3.09 18.07
CA THR A 97 -1.72 -3.49 19.47
C THR A 97 -2.16 -2.33 20.36
N GLU A 98 -2.84 -2.66 21.46
CA GLU A 98 -3.31 -1.64 22.40
C GLU A 98 -2.14 -1.03 23.16
N SER A 99 -1.25 -1.88 23.65
CA SER A 99 -0.09 -1.43 24.40
C SER A 99 1.21 -1.81 23.70
N GLY A 100 1.23 -1.64 22.38
CA GLY A 100 2.40 -1.96 21.60
C GLY A 100 3.69 -1.51 22.27
N GLY A 1 19.77 -10.61 -19.48
CA GLY A 1 19.11 -9.36 -19.12
C GLY A 1 18.85 -8.48 -20.32
N SER A 2 17.63 -7.93 -20.41
CA SER A 2 17.25 -7.08 -21.51
C SER A 2 17.14 -5.63 -21.07
N SER A 3 17.76 -4.73 -21.82
CA SER A 3 17.75 -3.31 -21.50
C SER A 3 17.05 -2.51 -22.60
N GLY A 4 16.61 -1.31 -22.26
CA GLY A 4 15.93 -0.47 -23.22
C GLY A 4 14.45 -0.31 -22.93
N SER A 5 13.68 -1.34 -23.21
CA SER A 5 12.24 -1.31 -22.97
C SER A 5 11.93 -1.52 -21.49
N SER A 6 11.09 -0.64 -20.93
CA SER A 6 10.72 -0.73 -19.53
C SER A 6 9.66 -1.81 -19.31
N GLY A 7 10.06 -2.88 -18.64
CA GLY A 7 9.13 -3.97 -18.38
C GLY A 7 7.89 -3.51 -17.64
N PRO A 8 7.21 -4.46 -16.97
CA PRO A 8 6.00 -4.17 -16.21
C PRO A 8 6.28 -3.36 -14.96
N PRO A 9 5.21 -2.87 -14.31
CA PRO A 9 5.32 -2.07 -13.09
C PRO A 9 5.78 -2.89 -11.89
N ILE A 10 7.00 -2.63 -11.43
CA ILE A 10 7.57 -3.34 -10.30
C ILE A 10 7.66 -2.44 -9.07
N ILE A 11 7.61 -3.05 -7.89
CA ILE A 11 7.70 -2.31 -6.64
C ILE A 11 9.09 -2.43 -6.02
N LEU A 12 9.96 -1.48 -6.36
CA LEU A 12 11.33 -1.47 -5.83
C LEU A 12 11.33 -1.61 -4.31
N GLN A 13 10.59 -0.72 -3.65
CA GLN A 13 10.51 -0.75 -2.18
C GLN A 13 9.06 -0.74 -1.73
N GLY A 14 8.50 -1.94 -1.54
CA GLY A 14 7.13 -2.05 -1.10
C GLY A 14 6.99 -1.98 0.41
N PRO A 15 5.77 -2.22 0.91
CA PRO A 15 5.48 -2.19 2.35
C PRO A 15 6.13 -3.36 3.09
N ALA A 16 5.69 -3.58 4.33
CA ALA A 16 6.22 -4.66 5.14
C ALA A 16 5.41 -4.82 6.43
N ASN A 17 5.35 -6.06 6.93
CA ASN A 17 4.61 -6.35 8.15
C ASN A 17 5.16 -5.56 9.32
N GLN A 18 4.38 -4.60 9.80
CA GLN A 18 4.79 -3.76 10.93
C GLN A 18 3.76 -3.81 12.05
N THR A 19 4.23 -3.72 13.28
CA THR A 19 3.35 -3.76 14.45
C THR A 19 3.32 -2.40 15.16
N LEU A 20 2.26 -1.64 14.94
CA LEU A 20 2.11 -0.34 15.56
C LEU A 20 1.02 -0.35 16.62
N ALA A 21 0.87 0.76 17.33
CA ALA A 21 -0.14 0.87 18.37
C ALA A 21 -1.48 1.30 17.80
N VAL A 22 -2.54 1.09 18.57
CA VAL A 22 -3.89 1.45 18.14
C VAL A 22 -4.16 2.94 18.36
N ASP A 23 -4.91 3.54 17.44
CA ASP A 23 -5.25 4.95 17.53
C ASP A 23 -3.99 5.82 17.40
N GLY A 24 -3.15 5.48 16.43
CA GLY A 24 -1.92 6.23 16.22
C GLY A 24 -1.73 6.63 14.77
N THR A 25 -0.67 6.11 14.16
CA THR A 25 -0.37 6.42 12.76
C THR A 25 0.35 5.25 12.09
N ALA A 26 -0.16 4.85 10.93
CA ALA A 26 0.44 3.75 10.18
C ALA A 26 0.73 4.15 8.74
N LEU A 27 2.01 4.25 8.40
CA LEU A 27 2.42 4.64 7.05
C LEU A 27 2.97 3.43 6.29
N LEU A 28 2.67 3.37 5.00
CA LEU A 28 3.13 2.28 4.15
C LEU A 28 3.95 2.80 2.98
N LYS A 29 5.24 2.48 2.98
CA LYS A 29 6.14 2.92 1.92
C LYS A 29 6.05 1.98 0.71
N CYS A 30 5.68 2.53 -0.43
CA CYS A 30 5.57 1.75 -1.66
C CYS A 30 6.00 2.57 -2.88
N LYS A 31 7.12 2.18 -3.48
CA LYS A 31 7.63 2.87 -4.65
C LYS A 31 7.78 1.91 -5.82
N ALA A 32 7.10 2.22 -6.93
CA ALA A 32 7.16 1.39 -8.12
C ALA A 32 7.67 2.19 -9.32
N THR A 33 8.18 1.48 -10.32
CA THR A 33 8.70 2.13 -11.53
C THR A 33 8.04 1.56 -12.77
N GLY A 34 7.72 2.45 -13.72
CA GLY A 34 7.10 2.01 -14.95
C GLY A 34 6.52 3.17 -15.74
N ASP A 35 6.55 3.07 -17.06
CA ASP A 35 6.02 4.11 -17.93
C ASP A 35 4.91 3.56 -18.82
N PRO A 36 3.72 4.18 -18.73
CA PRO A 36 3.48 5.32 -17.84
C PRO A 36 3.49 4.90 -16.37
N LEU A 37 3.57 5.89 -15.47
CA LEU A 37 3.59 5.63 -14.04
C LEU A 37 2.42 4.75 -13.64
N PRO A 38 2.69 3.74 -12.80
CA PRO A 38 1.67 2.80 -12.31
C PRO A 38 0.70 3.46 -11.35
N VAL A 39 -0.47 2.85 -11.19
CA VAL A 39 -1.50 3.38 -10.29
C VAL A 39 -1.49 2.65 -8.95
N ILE A 40 -0.72 3.17 -8.00
CA ILE A 40 -0.63 2.58 -6.68
C ILE A 40 -2.01 2.39 -6.06
N SER A 41 -2.27 1.20 -5.54
CA SER A 41 -3.56 0.90 -4.92
C SER A 41 -3.37 0.05 -3.67
N TRP A 42 -4.39 0.02 -2.81
CA TRP A 42 -4.33 -0.76 -1.58
C TRP A 42 -5.62 -1.55 -1.38
N LEU A 43 -5.49 -2.84 -1.14
CA LEU A 43 -6.65 -3.71 -0.92
C LEU A 43 -6.60 -4.36 0.44
N LYS A 44 -7.58 -4.04 1.28
CA LYS A 44 -7.64 -4.60 2.63
C LYS A 44 -8.53 -5.83 2.66
N GLU A 45 -7.91 -7.01 2.65
CA GLU A 45 -8.64 -8.27 2.68
C GLU A 45 -9.53 -8.40 1.44
N GLY A 46 -8.97 -8.10 0.27
CA GLY A 46 -9.73 -8.20 -0.97
C GLY A 46 -10.89 -7.23 -1.01
N PHE A 47 -10.62 -5.98 -0.65
CA PHE A 47 -11.66 -4.95 -0.65
C PHE A 47 -11.04 -3.56 -0.86
N THR A 48 -11.78 -2.69 -1.55
CA THR A 48 -11.31 -1.34 -1.83
C THR A 48 -10.82 -0.66 -0.55
N PHE A 49 -9.67 0.00 -0.65
CA PHE A 49 -9.09 0.70 0.49
C PHE A 49 -8.03 1.70 0.04
N PRO A 50 -8.02 2.88 0.66
CA PRO A 50 -8.97 3.22 1.72
C PRO A 50 -10.39 3.40 1.18
N GLY A 51 -10.52 4.07 0.05
CA GLY A 51 -11.82 4.30 -0.55
C GLY A 51 -12.63 5.33 0.21
N ARG A 52 -13.57 4.86 1.03
CA ARG A 52 -14.42 5.74 1.81
C ARG A 52 -13.65 6.34 2.99
N ASP A 53 -13.12 5.45 3.84
CA ASP A 53 -12.36 5.89 5.01
C ASP A 53 -11.61 7.19 4.72
N PRO A 54 -12.22 8.32 5.12
CA PRO A 54 -11.63 9.65 4.91
C PRO A 54 -10.42 9.88 5.80
N ARG A 55 -10.26 9.04 6.82
CA ARG A 55 -9.14 9.17 7.73
C ARG A 55 -7.82 8.86 7.03
N ALA A 56 -7.78 7.73 6.33
CA ALA A 56 -6.59 7.33 5.61
C ALA A 56 -6.39 8.15 4.34
N THR A 57 -5.23 8.01 3.72
CA THR A 57 -4.92 8.75 2.50
C THR A 57 -3.64 8.23 1.85
N ILE A 58 -3.38 8.69 0.63
CA ILE A 58 -2.19 8.27 -0.10
C ILE A 58 -1.43 9.46 -0.65
N GLN A 59 -0.11 9.46 -0.44
CA GLN A 59 0.74 10.55 -0.91
C GLN A 59 1.28 10.26 -2.30
N GLU A 60 2.02 11.21 -2.85
CA GLU A 60 2.59 11.06 -4.19
C GLU A 60 3.32 9.72 -4.32
N GLN A 61 4.04 9.35 -3.27
CA GLN A 61 4.78 8.10 -3.26
C GLN A 61 3.91 6.94 -2.78
N GLY A 62 2.67 6.90 -3.26
CA GLY A 62 1.75 5.85 -2.87
C GLY A 62 1.87 5.51 -1.39
N THR A 63 2.21 6.51 -0.58
CA THR A 63 2.36 6.30 0.86
C THR A 63 1.01 6.34 1.56
N LEU A 64 0.57 5.18 2.04
CA LEU A 64 -0.71 5.07 2.73
C LEU A 64 -0.56 5.41 4.21
N GLN A 65 -1.12 6.54 4.62
CA GLN A 65 -1.04 6.96 6.01
C GLN A 65 -2.41 6.89 6.69
N ILE A 66 -2.52 5.99 7.65
CA ILE A 66 -3.78 5.82 8.38
C ILE A 66 -3.72 6.45 9.77
N LYS A 67 -4.72 7.28 10.08
CA LYS A 67 -4.77 7.95 11.37
C LYS A 67 -5.93 7.41 12.20
N ASN A 68 -5.72 7.35 13.52
CA ASN A 68 -6.74 6.86 14.43
C ASN A 68 -6.96 5.35 14.26
N LEU A 69 -5.86 4.62 14.18
CA LEU A 69 -5.91 3.17 14.01
C LEU A 69 -6.85 2.54 15.06
N ARG A 70 -7.32 1.33 14.77
CA ARG A 70 -8.20 0.62 15.68
C ARG A 70 -7.85 -0.86 15.74
N ILE A 71 -8.25 -1.51 16.84
CA ILE A 71 -7.98 -2.93 17.01
C ILE A 71 -8.56 -3.76 15.88
N SER A 72 -9.49 -3.16 15.14
CA SER A 72 -10.14 -3.84 14.03
C SER A 72 -9.36 -3.62 12.73
N ASP A 73 -8.51 -2.61 12.72
CA ASP A 73 -7.70 -2.29 11.55
C ASP A 73 -6.77 -3.46 11.20
N THR A 74 -6.33 -4.18 12.21
CA THR A 74 -5.44 -5.32 12.01
C THR A 74 -5.94 -6.23 10.89
N GLY A 75 -5.16 -6.33 9.82
CA GLY A 75 -5.54 -7.17 8.70
C GLY A 75 -4.38 -7.48 7.79
N THR A 76 -4.44 -6.99 6.56
CA THR A 76 -3.38 -7.24 5.59
C THR A 76 -3.52 -6.30 4.38
N TYR A 77 -2.49 -5.51 4.14
CA TYR A 77 -2.50 -4.57 3.02
C TYR A 77 -1.83 -5.19 1.80
N THR A 78 -2.29 -4.79 0.61
CA THR A 78 -1.74 -5.29 -0.64
C THR A 78 -1.48 -4.16 -1.63
N CYS A 79 -0.21 -3.78 -1.75
CA CYS A 79 0.18 -2.70 -2.66
C CYS A 79 0.22 -3.20 -4.10
N VAL A 80 -0.67 -2.68 -4.94
CA VAL A 80 -0.73 -3.07 -6.34
C VAL A 80 -0.59 -1.86 -7.25
N ALA A 81 0.28 -1.97 -8.25
CA ALA A 81 0.50 -0.89 -9.20
C ALA A 81 0.23 -1.34 -10.63
N THR A 82 -0.95 -0.99 -11.14
CA THR A 82 -1.34 -1.36 -12.49
C THR A 82 -0.81 -0.35 -13.51
N SER A 83 -0.64 -0.81 -14.75
CA SER A 83 -0.13 0.05 -15.81
C SER A 83 -0.17 -0.67 -17.15
N SER A 84 -0.40 0.10 -18.22
CA SER A 84 -0.46 -0.48 -19.57
C SER A 84 0.57 -1.59 -19.73
N SER A 85 1.77 -1.36 -19.22
CA SER A 85 2.84 -2.35 -19.31
C SER A 85 2.38 -3.69 -18.75
N GLY A 86 2.13 -3.72 -17.44
CA GLY A 86 1.70 -4.95 -16.79
C GLY A 86 0.96 -4.69 -15.50
N GLU A 87 1.33 -5.41 -14.44
CA GLU A 87 0.70 -5.25 -13.14
C GLU A 87 1.42 -6.08 -12.08
N THR A 88 1.42 -5.58 -10.85
CA THR A 88 2.07 -6.28 -9.74
C THR A 88 1.40 -5.95 -8.42
N SER A 89 1.62 -6.81 -7.43
CA SER A 89 1.03 -6.61 -6.11
C SER A 89 2.04 -6.93 -5.01
N TRP A 90 1.76 -6.46 -3.80
CA TRP A 90 2.65 -6.69 -2.66
C TRP A 90 1.87 -7.26 -1.47
N SER A 91 2.60 -7.81 -0.51
CA SER A 91 1.98 -8.39 0.68
C SER A 91 2.53 -7.74 1.94
N ALA A 92 1.67 -7.58 2.94
CA ALA A 92 2.07 -6.98 4.21
C ALA A 92 1.00 -7.19 5.28
N VAL A 93 1.42 -7.35 6.53
CA VAL A 93 0.50 -7.54 7.64
C VAL A 93 0.68 -6.47 8.70
N LEU A 94 -0.39 -5.71 8.96
CA LEU A 94 -0.34 -4.66 9.96
C LEU A 94 -0.95 -5.13 11.28
N ASP A 95 -0.13 -5.12 12.33
CA ASP A 95 -0.59 -5.55 13.65
C ASP A 95 -0.81 -4.34 14.56
N VAL A 96 -2.07 -4.13 14.94
CA VAL A 96 -2.43 -3.02 15.81
C VAL A 96 -2.66 -3.48 17.24
N THR A 97 -1.87 -2.95 18.18
CA THR A 97 -2.00 -3.32 19.58
C THR A 97 -2.46 -2.14 20.42
N GLU A 98 -2.59 -2.34 21.72
CA GLU A 98 -3.03 -1.30 22.64
C GLU A 98 -1.84 -0.59 23.28
N SER A 99 -0.67 -1.23 23.19
CA SER A 99 0.55 -0.67 23.77
C SER A 99 1.54 -0.28 22.68
N GLY A 100 1.85 -1.23 21.80
CA GLY A 100 2.78 -0.97 20.72
C GLY A 100 4.01 -0.21 21.19
N GLY A 1 5.11 -15.48 -21.08
CA GLY A 1 4.56 -14.30 -21.73
C GLY A 1 5.59 -13.58 -22.58
N SER A 2 5.14 -13.02 -23.71
CA SER A 2 6.02 -12.30 -24.61
C SER A 2 6.51 -11.00 -23.97
N SER A 3 7.69 -11.06 -23.36
CA SER A 3 8.26 -9.89 -22.71
C SER A 3 9.70 -9.66 -23.17
N GLY A 4 10.18 -8.42 -23.01
CA GLY A 4 11.52 -8.09 -23.42
C GLY A 4 11.92 -6.68 -23.05
N SER A 5 12.10 -5.83 -24.06
CA SER A 5 12.48 -4.44 -23.83
C SER A 5 11.65 -3.83 -22.70
N SER A 6 10.34 -3.92 -22.83
CA SER A 6 9.44 -3.37 -21.81
C SER A 6 8.78 -4.48 -21.02
N GLY A 7 8.57 -4.24 -19.72
CA GLY A 7 7.95 -5.22 -18.86
C GLY A 7 6.98 -4.61 -17.87
N PRO A 8 6.46 -5.44 -16.96
CA PRO A 8 5.51 -5.00 -15.94
C PRO A 8 6.15 -4.08 -14.90
N PRO A 9 5.32 -3.29 -14.21
CA PRO A 9 5.79 -2.36 -13.17
C PRO A 9 6.29 -3.08 -11.93
N ILE A 10 7.51 -2.75 -11.52
CA ILE A 10 8.10 -3.37 -10.34
C ILE A 10 7.99 -2.45 -9.12
N ILE A 11 8.08 -3.04 -7.93
CA ILE A 11 7.99 -2.28 -6.70
C ILE A 11 9.34 -2.20 -6.01
N LEU A 12 10.11 -1.16 -6.31
CA LEU A 12 11.42 -0.97 -5.72
C LEU A 12 11.39 -1.23 -4.22
N GLN A 13 10.36 -0.72 -3.55
CA GLN A 13 10.21 -0.91 -2.11
C GLN A 13 8.73 -0.85 -1.71
N GLY A 14 8.20 -1.99 -1.26
CA GLY A 14 6.82 -2.05 -0.85
C GLY A 14 6.66 -2.08 0.66
N PRO A 15 5.45 -2.42 1.12
CA PRO A 15 5.14 -2.50 2.55
C PRO A 15 5.84 -3.67 3.23
N ALA A 16 5.56 -3.87 4.52
CA ALA A 16 6.16 -4.95 5.28
C ALA A 16 5.39 -5.20 6.58
N ASN A 17 5.51 -6.41 7.11
CA ASN A 17 4.83 -6.78 8.34
C ASN A 17 5.30 -5.91 9.50
N GLN A 18 4.49 -4.92 9.86
CA GLN A 18 4.82 -4.01 10.96
C GLN A 18 3.77 -4.07 12.06
N THR A 19 4.21 -3.97 13.31
CA THR A 19 3.31 -4.02 14.44
C THR A 19 3.33 -2.71 15.22
N LEU A 20 2.32 -1.87 15.00
CA LEU A 20 2.24 -0.58 15.68
C LEU A 20 1.09 -0.59 16.69
N ALA A 21 0.96 0.52 17.42
CA ALA A 21 -0.08 0.65 18.43
C ALA A 21 -1.32 1.34 17.85
N VAL A 22 -2.42 1.27 18.58
CA VAL A 22 -3.67 1.89 18.13
C VAL A 22 -3.72 3.36 18.53
N ASP A 23 -4.45 4.14 17.74
CA ASP A 23 -4.58 5.57 18.01
C ASP A 23 -3.31 6.31 17.61
N GLY A 24 -2.68 5.88 16.52
CA GLY A 24 -1.47 6.51 16.06
C GLY A 24 -1.51 6.85 14.58
N THR A 25 -0.54 6.33 13.82
CA THR A 25 -0.46 6.58 12.40
C THR A 25 0.41 5.55 11.69
N ALA A 26 -0.16 4.87 10.70
CA ALA A 26 0.57 3.86 9.95
C ALA A 26 1.00 4.39 8.59
N LEU A 27 2.29 4.66 8.46
CA LEU A 27 2.84 5.17 7.20
C LEU A 27 3.41 4.05 6.35
N LEU A 28 2.61 3.58 5.40
CA LEU A 28 3.04 2.49 4.51
C LEU A 28 3.95 3.02 3.41
N LYS A 29 5.10 2.39 3.25
CA LYS A 29 6.06 2.79 2.23
C LYS A 29 5.95 1.90 0.99
N CYS A 30 5.59 2.50 -0.14
CA CYS A 30 5.44 1.77 -1.39
C CYS A 30 5.92 2.60 -2.57
N LYS A 31 6.85 2.05 -3.34
CA LYS A 31 7.39 2.75 -4.51
C LYS A 31 7.45 1.81 -5.71
N ALA A 32 6.88 2.26 -6.82
CA ALA A 32 6.87 1.46 -8.04
C ALA A 32 7.38 2.28 -9.23
N THR A 33 8.03 1.60 -10.18
CA THR A 33 8.57 2.26 -11.35
C THR A 33 8.05 1.61 -12.64
N GLY A 34 7.68 2.44 -13.61
CA GLY A 34 7.17 1.92 -14.87
C GLY A 34 6.60 3.01 -15.76
N ASP A 35 6.29 2.66 -17.00
CA ASP A 35 5.74 3.62 -17.94
C ASP A 35 4.59 2.99 -18.73
N PRO A 36 3.42 3.66 -18.71
CA PRO A 36 3.25 4.92 -17.98
C PRO A 36 3.27 4.72 -16.47
N LEU A 37 3.35 5.82 -15.73
CA LEU A 37 3.39 5.77 -14.27
C LEU A 37 2.24 4.91 -13.74
N PRO A 38 2.60 3.85 -13.00
CA PRO A 38 1.63 2.94 -12.41
C PRO A 38 0.82 3.58 -11.28
N VAL A 39 -0.42 3.15 -11.11
CA VAL A 39 -1.29 3.68 -10.07
C VAL A 39 -1.19 2.86 -8.80
N ILE A 40 -0.72 3.49 -7.72
CA ILE A 40 -0.58 2.81 -6.44
C ILE A 40 -1.94 2.60 -5.77
N SER A 41 -2.39 1.35 -5.75
CA SER A 41 -3.67 1.01 -5.15
C SER A 41 -3.51 -0.06 -4.08
N TRP A 42 -4.11 0.16 -2.92
CA TRP A 42 -4.03 -0.79 -1.82
C TRP A 42 -5.34 -1.55 -1.65
N LEU A 43 -5.25 -2.83 -1.34
CA LEU A 43 -6.43 -3.67 -1.14
C LEU A 43 -6.39 -4.38 0.20
N LYS A 44 -7.38 -4.11 1.04
CA LYS A 44 -7.45 -4.73 2.36
C LYS A 44 -8.16 -6.07 2.29
N GLU A 45 -7.38 -7.15 2.39
CA GLU A 45 -7.93 -8.50 2.34
C GLU A 45 -8.69 -8.73 1.04
N GLY A 46 -8.14 -8.22 -0.07
CA GLY A 46 -8.78 -8.37 -1.35
C GLY A 46 -9.96 -7.45 -1.53
N PHE A 47 -10.03 -6.41 -0.70
CA PHE A 47 -11.13 -5.45 -0.76
C PHE A 47 -10.59 -4.04 -0.99
N THR A 48 -11.47 -3.16 -1.49
CA THR A 48 -11.08 -1.78 -1.76
C THR A 48 -10.41 -1.14 -0.55
N PHE A 49 -9.46 -0.25 -0.80
CA PHE A 49 -8.74 0.43 0.27
C PHE A 49 -7.86 1.55 -0.29
N PRO A 50 -7.85 2.69 0.41
CA PRO A 50 -8.63 2.89 1.62
C PRO A 50 -10.13 2.96 1.35
N GLY A 51 -10.50 3.64 0.28
CA GLY A 51 -11.90 3.78 -0.08
C GLY A 51 -12.55 5.01 0.53
N ARG A 52 -12.32 6.15 -0.09
CA ARG A 52 -12.89 7.41 0.40
C ARG A 52 -12.94 7.42 1.92
N ASP A 53 -11.81 7.12 2.55
CA ASP A 53 -11.72 7.10 4.00
C ASP A 53 -11.28 8.45 4.54
N PRO A 54 -11.86 8.86 5.67
CA PRO A 54 -11.54 10.14 6.32
C PRO A 54 -10.14 10.14 6.93
N ARG A 55 -9.82 9.07 7.64
CA ARG A 55 -8.51 8.95 8.29
C ARG A 55 -7.50 8.29 7.35
N ALA A 56 -7.97 7.29 6.60
CA ALA A 56 -7.11 6.57 5.67
C ALA A 56 -6.99 7.32 4.34
N THR A 57 -5.77 7.70 3.99
CA THR A 57 -5.53 8.43 2.75
C THR A 57 -4.25 7.94 2.08
N ILE A 58 -4.03 8.38 0.84
CA ILE A 58 -2.86 7.99 0.08
C ILE A 58 -2.03 9.20 -0.32
N GLN A 59 -0.71 9.04 -0.36
CA GLN A 59 0.19 10.12 -0.73
C GLN A 59 0.38 10.17 -2.24
N GLU A 60 0.61 11.38 -2.76
CA GLU A 60 0.81 11.56 -4.19
C GLU A 60 1.71 10.46 -4.77
N GLN A 61 2.54 9.88 -3.91
CA GLN A 61 3.45 8.82 -4.33
C GLN A 61 2.79 7.45 -4.17
N GLY A 62 2.04 7.28 -3.08
CA GLY A 62 1.38 6.01 -2.84
C GLY A 62 1.43 5.59 -1.39
N THR A 63 2.25 6.30 -0.60
CA THR A 63 2.39 6.00 0.81
C THR A 63 1.05 6.06 1.53
N LEU A 64 0.47 4.90 1.83
CA LEU A 64 -0.81 4.83 2.51
C LEU A 64 -0.67 5.24 3.97
N GLN A 65 -1.55 6.12 4.42
CA GLN A 65 -1.52 6.60 5.79
C GLN A 65 -2.89 6.46 6.45
N ILE A 66 -2.92 5.79 7.60
CA ILE A 66 -4.17 5.59 8.33
C ILE A 66 -4.10 6.18 9.74
N LYS A 67 -4.61 7.40 9.87
CA LYS A 67 -4.61 8.08 11.17
C LYS A 67 -5.69 7.52 12.09
N ASN A 68 -5.47 7.63 13.39
CA ASN A 68 -6.42 7.13 14.37
C ASN A 68 -6.65 5.63 14.19
N LEU A 69 -5.56 4.86 14.19
CA LEU A 69 -5.65 3.41 14.01
C LEU A 69 -6.68 2.82 14.98
N ARG A 70 -6.99 1.54 14.78
CA ARG A 70 -7.96 0.86 15.62
C ARG A 70 -7.75 -0.65 15.56
N ILE A 71 -8.02 -1.33 16.67
CA ILE A 71 -7.86 -2.78 16.74
C ILE A 71 -8.58 -3.47 15.59
N SER A 72 -9.64 -2.83 15.10
CA SER A 72 -10.42 -3.39 13.99
C SER A 72 -9.72 -3.14 12.66
N ASP A 73 -8.88 -2.12 12.63
CA ASP A 73 -8.14 -1.78 11.40
C ASP A 73 -7.15 -2.88 11.05
N THR A 74 -6.73 -3.65 12.05
CA THR A 74 -5.78 -4.73 11.85
C THR A 74 -6.20 -5.61 10.68
N GLY A 75 -5.48 -5.47 9.56
CA GLY A 75 -5.79 -6.26 8.38
C GLY A 75 -4.58 -6.51 7.52
N THR A 76 -4.80 -6.96 6.29
CA THR A 76 -3.71 -7.25 5.36
C THR A 76 -3.91 -6.50 4.05
N TYR A 77 -3.20 -5.37 3.91
CA TYR A 77 -3.29 -4.56 2.70
C TYR A 77 -2.42 -5.14 1.59
N THR A 78 -2.64 -4.65 0.36
CA THR A 78 -1.87 -5.12 -0.78
C THR A 78 -1.59 -3.98 -1.76
N CYS A 79 -0.36 -3.51 -1.78
CA CYS A 79 0.05 -2.43 -2.66
C CYS A 79 0.25 -2.93 -4.08
N VAL A 80 -0.53 -2.42 -5.02
CA VAL A 80 -0.44 -2.82 -6.42
C VAL A 80 -0.25 -1.60 -7.32
N ALA A 81 0.52 -1.79 -8.39
CA ALA A 81 0.80 -0.71 -9.34
C ALA A 81 0.36 -1.10 -10.74
N THR A 82 -0.89 -0.80 -11.08
CA THR A 82 -1.43 -1.11 -12.40
C THR A 82 -0.91 -0.14 -13.45
N SER A 83 -0.66 -0.65 -14.65
CA SER A 83 -0.16 0.18 -15.74
C SER A 83 -0.22 -0.58 -17.07
N SER A 84 -0.43 0.15 -18.16
CA SER A 84 -0.52 -0.44 -19.48
C SER A 84 0.50 -1.56 -19.64
N SER A 85 1.73 -1.31 -19.16
CA SER A 85 2.79 -2.29 -19.24
C SER A 85 2.40 -3.60 -18.56
N GLY A 86 2.22 -3.54 -17.24
CA GLY A 86 1.84 -4.73 -16.50
C GLY A 86 1.08 -4.39 -15.24
N GLU A 87 1.32 -5.17 -14.18
CA GLU A 87 0.65 -4.95 -12.90
C GLU A 87 1.23 -5.85 -11.82
N THR A 88 1.86 -5.24 -10.83
CA THR A 88 2.46 -5.99 -9.73
C THR A 88 1.77 -5.69 -8.41
N SER A 89 1.82 -6.64 -7.49
CA SER A 89 1.19 -6.48 -6.18
C SER A 89 2.13 -6.91 -5.06
N TRP A 90 1.92 -6.36 -3.88
CA TRP A 90 2.76 -6.69 -2.72
C TRP A 90 1.89 -7.08 -1.53
N SER A 91 2.35 -8.06 -0.76
CA SER A 91 1.62 -8.53 0.41
C SER A 91 2.26 -8.00 1.69
N ALA A 92 1.42 -7.64 2.65
CA ALA A 92 1.89 -7.11 3.93
C ALA A 92 0.78 -7.11 4.97
N VAL A 93 1.17 -7.27 6.23
CA VAL A 93 0.20 -7.29 7.33
C VAL A 93 0.51 -6.21 8.35
N LEU A 94 -0.54 -5.70 9.01
CA LEU A 94 -0.38 -4.65 10.01
C LEU A 94 -1.05 -5.04 11.31
N ASP A 95 -0.26 -5.30 12.34
CA ASP A 95 -0.78 -5.68 13.65
C ASP A 95 -0.90 -4.47 14.56
N VAL A 96 -2.14 -4.19 14.98
CA VAL A 96 -2.39 -3.05 15.87
C VAL A 96 -2.69 -3.51 17.28
N THR A 97 -1.80 -3.15 18.21
CA THR A 97 -1.97 -3.53 19.61
C THR A 97 -2.54 -2.38 20.43
N GLU A 98 -2.65 -2.58 21.73
CA GLU A 98 -3.17 -1.55 22.62
C GLU A 98 -2.05 -0.81 23.34
N SER A 99 -0.87 -1.44 23.38
CA SER A 99 0.29 -0.84 24.03
C SER A 99 1.45 -0.70 23.07
N GLY A 100 1.61 -1.71 22.20
CA GLY A 100 2.68 -1.68 21.22
C GLY A 100 3.95 -1.07 21.79
N GLY A 1 9.69 -11.54 -13.29
CA GLY A 1 9.59 -11.57 -14.74
C GLY A 1 10.92 -11.35 -15.43
N SER A 2 11.09 -10.18 -16.03
CA SER A 2 12.34 -9.85 -16.72
C SER A 2 12.89 -8.50 -16.26
N SER A 3 14.05 -8.53 -15.62
CA SER A 3 14.68 -7.31 -15.12
C SER A 3 14.94 -6.33 -16.25
N GLY A 4 15.27 -5.09 -15.89
CA GLY A 4 15.53 -4.08 -16.89
C GLY A 4 14.52 -2.94 -16.84
N SER A 5 15.01 -1.72 -17.01
CA SER A 5 14.14 -0.54 -16.99
C SER A 5 12.84 -0.81 -17.74
N SER A 6 12.97 -1.31 -18.96
CA SER A 6 11.81 -1.61 -19.79
C SER A 6 11.10 -2.87 -19.31
N GLY A 7 9.78 -2.77 -19.14
CA GLY A 7 9.01 -3.91 -18.68
C GLY A 7 7.82 -3.49 -17.83
N PRO A 8 7.20 -4.47 -17.16
CA PRO A 8 6.04 -4.23 -16.30
C PRO A 8 6.41 -3.47 -15.03
N PRO A 9 5.39 -2.98 -14.31
CA PRO A 9 5.58 -2.22 -13.06
C PRO A 9 6.09 -3.10 -11.93
N ILE A 10 7.16 -2.66 -11.28
CA ILE A 10 7.75 -3.41 -10.17
C ILE A 10 7.83 -2.55 -8.91
N ILE A 11 7.55 -3.17 -7.76
CA ILE A 11 7.59 -2.46 -6.50
C ILE A 11 8.98 -2.55 -5.86
N LEU A 12 9.86 -1.64 -6.26
CA LEU A 12 11.21 -1.61 -5.73
C LEU A 12 11.21 -1.69 -4.21
N GLN A 13 10.54 -0.74 -3.57
CA GLN A 13 10.46 -0.71 -2.11
C GLN A 13 9.01 -0.64 -1.66
N GLY A 14 8.36 -1.81 -1.60
CA GLY A 14 6.97 -1.86 -1.17
C GLY A 14 6.83 -1.85 0.34
N PRO A 15 5.60 -2.08 0.82
CA PRO A 15 5.30 -2.10 2.26
C PRO A 15 5.91 -3.30 2.96
N ALA A 16 5.67 -3.41 4.26
CA ALA A 16 6.18 -4.52 5.05
C ALA A 16 5.34 -4.75 6.30
N ASN A 17 5.45 -5.95 6.87
CA ASN A 17 4.70 -6.29 8.08
C ASN A 17 5.21 -5.50 9.28
N GLN A 18 4.40 -4.55 9.73
CA GLN A 18 4.76 -3.72 10.88
C GLN A 18 3.72 -3.83 11.99
N THR A 19 4.17 -3.66 13.22
CA THR A 19 3.27 -3.75 14.37
C THR A 19 3.25 -2.44 15.16
N LEU A 20 2.26 -1.60 14.87
CA LEU A 20 2.14 -0.31 15.55
C LEU A 20 1.13 -0.39 16.68
N ALA A 21 0.98 0.70 17.42
CA ALA A 21 0.04 0.75 18.54
C ALA A 21 -1.20 1.56 18.17
N VAL A 22 -2.36 1.09 18.61
CA VAL A 22 -3.63 1.76 18.33
C VAL A 22 -3.50 3.26 18.58
N ASP A 23 -4.38 4.03 17.93
CA ASP A 23 -4.38 5.47 18.09
C ASP A 23 -3.06 6.08 17.61
N GLY A 24 -2.52 5.51 16.53
CA GLY A 24 -1.27 6.00 15.99
C GLY A 24 -1.39 6.39 14.53
N THR A 25 -0.51 5.86 13.70
CA THR A 25 -0.51 6.16 12.27
C THR A 25 0.30 5.13 11.49
N ALA A 26 -0.37 4.44 10.57
CA ALA A 26 0.29 3.43 9.75
C ALA A 26 0.85 4.04 8.46
N LEU A 27 2.17 4.06 8.35
CA LEU A 27 2.83 4.62 7.17
C LEU A 27 3.31 3.51 6.24
N LEU A 28 2.38 2.98 5.44
CA LEU A 28 2.71 1.92 4.49
C LEU A 28 3.16 2.50 3.15
N LYS A 29 4.47 2.50 2.92
CA LYS A 29 5.02 3.01 1.68
C LYS A 29 5.02 1.94 0.58
N CYS A 30 4.67 2.34 -0.63
CA CYS A 30 4.63 1.41 -1.76
C CYS A 30 5.29 2.02 -2.99
N LYS A 31 6.61 1.90 -3.06
CA LYS A 31 7.37 2.44 -4.18
C LYS A 31 7.30 1.49 -5.39
N ALA A 32 7.14 2.06 -6.57
CA ALA A 32 7.07 1.27 -7.79
C ALA A 32 7.62 2.06 -8.99
N THR A 33 8.19 1.34 -9.94
CA THR A 33 8.76 1.96 -11.14
C THR A 33 8.12 1.41 -12.40
N GLY A 34 8.00 2.25 -13.42
CA GLY A 34 7.41 1.84 -14.67
C GLY A 34 7.01 3.00 -15.55
N ASP A 35 6.65 2.72 -16.80
CA ASP A 35 6.25 3.76 -17.73
C ASP A 35 5.09 3.27 -18.61
N PRO A 36 3.97 4.00 -18.57
CA PRO A 36 3.84 5.20 -17.73
C PRO A 36 3.80 4.87 -16.25
N LEU A 37 3.86 5.90 -15.41
CA LEU A 37 3.83 5.72 -13.96
C LEU A 37 2.63 4.86 -13.56
N PRO A 38 2.91 3.82 -12.75
CA PRO A 38 1.87 2.91 -12.27
C PRO A 38 0.94 3.57 -11.25
N VAL A 39 -0.32 3.15 -11.25
CA VAL A 39 -1.31 3.69 -10.33
C VAL A 39 -1.33 2.91 -9.02
N ILE A 40 -0.67 3.45 -8.01
CA ILE A 40 -0.63 2.80 -6.70
C ILE A 40 -2.03 2.58 -6.14
N SER A 41 -2.24 1.42 -5.54
CA SER A 41 -3.55 1.09 -4.96
C SER A 41 -3.38 0.30 -3.66
N TRP A 42 -4.51 -0.06 -3.05
CA TRP A 42 -4.48 -0.82 -1.80
C TRP A 42 -5.75 -1.65 -1.65
N LEU A 43 -5.59 -2.89 -1.23
CA LEU A 43 -6.72 -3.80 -1.05
C LEU A 43 -6.68 -4.44 0.34
N LYS A 44 -7.65 -4.07 1.18
CA LYS A 44 -7.73 -4.62 2.53
C LYS A 44 -8.50 -5.93 2.55
N GLU A 45 -7.78 -7.04 2.70
CA GLU A 45 -8.40 -8.36 2.74
C GLU A 45 -9.28 -8.57 1.51
N GLY A 46 -8.78 -8.17 0.34
CA GLY A 46 -9.53 -8.32 -0.89
C GLY A 46 -10.71 -7.38 -0.97
N PHE A 47 -10.51 -6.14 -0.52
CA PHE A 47 -11.57 -5.13 -0.55
C PHE A 47 -10.99 -3.75 -0.80
N THR A 48 -11.83 -2.85 -1.31
CA THR A 48 -11.40 -1.48 -1.60
C THR A 48 -10.81 -0.82 -0.37
N PHE A 49 -9.77 -0.02 -0.58
CA PHE A 49 -9.10 0.68 0.51
C PHE A 49 -8.02 1.63 -0.02
N PRO A 50 -7.96 2.83 0.56
CA PRO A 50 -8.86 3.25 1.64
C PRO A 50 -10.29 3.45 1.16
N GLY A 51 -10.49 3.30 -0.14
CA GLY A 51 -11.82 3.46 -0.71
C GLY A 51 -12.33 4.89 -0.58
N ARG A 52 -13.40 5.06 0.19
CA ARG A 52 -13.99 6.38 0.39
C ARG A 52 -13.96 6.76 1.87
N ASP A 53 -12.76 6.71 2.46
CA ASP A 53 -12.60 7.05 3.88
C ASP A 53 -11.83 8.36 4.03
N PRO A 54 -12.35 9.24 4.90
CA PRO A 54 -11.73 10.55 5.16
C PRO A 54 -10.40 10.43 5.91
N ARG A 55 -10.43 9.69 7.01
CA ARG A 55 -9.23 9.49 7.82
C ARG A 55 -8.09 8.90 6.98
N ALA A 56 -8.37 7.77 6.33
CA ALA A 56 -7.38 7.11 5.50
C ALA A 56 -7.11 7.91 4.23
N THR A 57 -5.84 7.95 3.82
CA THR A 57 -5.46 8.68 2.62
C THR A 57 -4.14 8.14 2.05
N ILE A 58 -3.84 8.52 0.81
CA ILE A 58 -2.63 8.07 0.16
C ILE A 58 -1.82 9.26 -0.35
N GLN A 59 -0.65 9.48 0.25
CA GLN A 59 0.22 10.58 -0.13
C GLN A 59 0.73 10.40 -1.55
N GLU A 60 1.43 11.41 -2.07
CA GLU A 60 1.97 11.34 -3.42
C GLU A 60 2.81 10.10 -3.61
N GLN A 61 3.59 9.75 -2.59
CA GLN A 61 4.45 8.57 -2.65
C GLN A 61 3.68 7.31 -2.24
N GLY A 62 2.48 7.16 -2.79
CA GLY A 62 1.66 6.00 -2.47
C GLY A 62 1.84 5.55 -1.03
N THR A 63 1.98 6.51 -0.13
CA THR A 63 2.15 6.21 1.29
C THR A 63 0.82 6.11 2.01
N LEU A 64 0.29 4.91 2.12
CA LEU A 64 -0.99 4.69 2.79
C LEU A 64 -0.91 5.10 4.25
N GLN A 65 -1.32 6.34 4.53
CA GLN A 65 -1.30 6.86 5.89
C GLN A 65 -2.69 6.79 6.53
N ILE A 66 -2.79 6.05 7.63
CA ILE A 66 -4.06 5.92 8.33
C ILE A 66 -3.98 6.43 9.75
N LYS A 67 -4.69 7.52 10.02
CA LYS A 67 -4.71 8.12 11.35
C LYS A 67 -5.81 7.52 12.21
N ASN A 68 -5.63 7.60 13.53
CA ASN A 68 -6.62 7.08 14.47
C ASN A 68 -6.78 5.57 14.29
N LEU A 69 -5.66 4.86 14.23
CA LEU A 69 -5.67 3.41 14.06
C LEU A 69 -6.55 2.75 15.12
N ARG A 70 -6.99 1.53 14.84
CA ARG A 70 -7.82 0.78 15.76
C ARG A 70 -7.53 -0.70 15.70
N ILE A 71 -7.52 -1.36 16.86
CA ILE A 71 -7.25 -2.79 16.93
C ILE A 71 -7.89 -3.53 15.76
N SER A 72 -8.97 -2.97 15.23
CA SER A 72 -9.67 -3.59 14.12
C SER A 72 -8.89 -3.40 12.82
N ASP A 73 -8.37 -2.20 12.60
CA ASP A 73 -7.60 -1.89 11.41
C ASP A 73 -6.77 -3.09 10.99
N THR A 74 -6.24 -3.82 11.96
CA THR A 74 -5.42 -4.99 11.69
C THR A 74 -5.91 -5.73 10.46
N GLY A 75 -4.98 -6.09 9.58
CA GLY A 75 -5.34 -6.81 8.37
C GLY A 75 -4.18 -6.92 7.39
N THR A 76 -4.40 -7.65 6.30
CA THR A 76 -3.37 -7.84 5.30
C THR A 76 -3.55 -6.88 4.13
N TYR A 77 -2.64 -5.92 4.00
CA TYR A 77 -2.71 -4.93 2.93
C TYR A 77 -2.05 -5.47 1.66
N THR A 78 -2.56 -5.04 0.50
CA THR A 78 -2.03 -5.47 -0.78
C THR A 78 -1.96 -4.32 -1.77
N CYS A 79 -0.76 -3.81 -2.00
CA CYS A 79 -0.56 -2.70 -2.93
C CYS A 79 -0.47 -3.20 -4.37
N VAL A 80 -1.42 -2.79 -5.20
CA VAL A 80 -1.44 -3.19 -6.59
C VAL A 80 -1.07 -2.03 -7.52
N ALA A 81 -0.04 -2.23 -8.32
CA ALA A 81 0.41 -1.19 -9.25
C ALA A 81 0.12 -1.59 -10.69
N THR A 82 -0.96 -1.03 -11.24
CA THR A 82 -1.35 -1.32 -12.62
C THR A 82 -0.79 -0.29 -13.57
N SER A 83 -0.55 -0.70 -14.82
CA SER A 83 -0.01 0.19 -15.84
C SER A 83 0.05 -0.51 -17.19
N SER A 84 -0.03 0.28 -18.26
CA SER A 84 0.01 -0.26 -19.62
C SER A 84 1.12 -1.31 -19.75
N SER A 85 2.18 -1.13 -18.98
CA SER A 85 3.31 -2.05 -19.02
C SER A 85 2.90 -3.44 -18.53
N GLY A 86 2.34 -3.49 -17.32
CA GLY A 86 1.92 -4.76 -16.75
C GLY A 86 1.12 -4.58 -15.47
N GLU A 87 1.50 -5.31 -14.44
CA GLU A 87 0.81 -5.23 -13.15
C GLU A 87 1.52 -6.09 -12.10
N THR A 88 1.57 -5.57 -10.88
CA THR A 88 2.22 -6.28 -9.78
C THR A 88 1.47 -6.08 -8.47
N SER A 89 1.84 -6.85 -7.46
CA SER A 89 1.19 -6.77 -6.15
C SER A 89 2.17 -7.13 -5.03
N TRP A 90 2.03 -6.47 -3.89
CA TRP A 90 2.89 -6.73 -2.75
C TRP A 90 2.11 -7.41 -1.62
N SER A 91 2.83 -7.78 -0.56
CA SER A 91 2.21 -8.44 0.58
C SER A 91 2.67 -7.80 1.89
N ALA A 92 1.71 -7.39 2.71
CA ALA A 92 2.01 -6.77 3.99
C ALA A 92 0.96 -7.12 5.04
N VAL A 93 1.32 -6.97 6.31
CA VAL A 93 0.41 -7.28 7.40
C VAL A 93 0.55 -6.27 8.53
N LEU A 94 -0.48 -5.45 8.74
CA LEU A 94 -0.46 -4.44 9.79
C LEU A 94 -1.08 -4.99 11.08
N ASP A 95 -0.29 -4.98 12.15
CA ASP A 95 -0.77 -5.47 13.44
C ASP A 95 -0.88 -4.32 14.45
N VAL A 96 -2.11 -3.97 14.80
CA VAL A 96 -2.35 -2.89 15.76
C VAL A 96 -2.59 -3.45 17.16
N THR A 97 -1.71 -3.08 18.09
CA THR A 97 -1.83 -3.54 19.47
C THR A 97 -2.05 -2.37 20.42
N GLU A 98 -2.53 -2.67 21.61
CA GLU A 98 -2.79 -1.64 22.61
C GLU A 98 -1.48 -1.11 23.19
N SER A 99 -0.53 -2.00 23.41
CA SER A 99 0.77 -1.62 23.96
C SER A 99 1.90 -2.19 23.11
N GLY A 100 1.93 -1.83 21.84
CA GLY A 100 2.96 -2.31 20.95
C GLY A 100 3.37 -3.74 21.25
N GLY A 1 14.86 -10.17 -17.56
CA GLY A 1 15.65 -10.30 -18.77
C GLY A 1 15.51 -9.09 -19.68
N SER A 2 14.27 -8.73 -20.00
CA SER A 2 14.01 -7.59 -20.88
C SER A 2 13.61 -6.36 -20.06
N SER A 3 14.29 -6.16 -18.94
CA SER A 3 13.99 -5.03 -18.07
C SER A 3 13.92 -3.74 -18.87
N GLY A 4 13.30 -2.72 -18.28
CA GLY A 4 13.17 -1.44 -18.95
C GLY A 4 11.91 -1.34 -19.80
N SER A 5 12.08 -1.37 -21.11
CA SER A 5 10.96 -1.29 -22.02
C SER A 5 10.19 -2.61 -22.06
N SER A 6 8.93 -2.53 -22.47
CA SER A 6 8.08 -3.72 -22.55
C SER A 6 8.15 -4.52 -21.25
N GLY A 7 8.12 -3.82 -20.12
CA GLY A 7 8.19 -4.48 -18.83
C GLY A 7 7.11 -4.01 -17.88
N PRO A 8 6.61 -4.93 -17.04
CA PRO A 8 5.55 -4.62 -16.07
C PRO A 8 6.05 -3.72 -14.94
N PRO A 9 5.10 -3.13 -14.20
CA PRO A 9 5.42 -2.24 -13.08
C PRO A 9 6.02 -2.99 -11.89
N ILE A 10 7.32 -2.82 -11.69
CA ILE A 10 8.02 -3.47 -10.59
C ILE A 10 8.01 -2.60 -9.34
N ILE A 11 7.65 -3.20 -8.21
CA ILE A 11 7.60 -2.48 -6.94
C ILE A 11 8.96 -2.50 -6.25
N LEU A 12 9.79 -1.52 -6.56
CA LEU A 12 11.12 -1.42 -5.96
C LEU A 12 11.11 -1.91 -4.51
N GLN A 13 10.07 -1.52 -3.77
CA GLN A 13 9.94 -1.92 -2.38
C GLN A 13 8.56 -1.57 -1.83
N GLY A 14 7.72 -2.58 -1.65
CA GLY A 14 6.39 -2.36 -1.13
C GLY A 14 6.35 -2.31 0.38
N PRO A 15 5.15 -2.56 0.95
CA PRO A 15 4.95 -2.55 2.41
C PRO A 15 5.64 -3.71 3.09
N ALA A 16 5.35 -3.89 4.38
CA ALA A 16 5.94 -4.98 5.15
C ALA A 16 5.18 -5.21 6.45
N ASN A 17 5.49 -6.31 7.13
CA ASN A 17 4.83 -6.65 8.39
C ASN A 17 5.40 -5.84 9.54
N GLN A 18 4.65 -4.85 10.02
CA GLN A 18 5.09 -4.01 11.11
C GLN A 18 4.04 -3.95 12.22
N THR A 19 4.48 -3.97 13.46
CA THR A 19 3.58 -3.92 14.61
C THR A 19 3.54 -2.52 15.22
N LEU A 20 2.49 -1.78 14.94
CA LEU A 20 2.34 -0.42 15.47
C LEU A 20 1.30 -0.38 16.57
N ALA A 21 1.06 0.81 17.12
CA ALA A 21 0.07 0.98 18.18
C ALA A 21 -1.27 1.42 17.61
N VAL A 22 -2.31 1.39 18.45
CA VAL A 22 -3.64 1.78 18.03
C VAL A 22 -3.88 3.27 18.29
N ASP A 23 -4.92 3.81 17.67
CA ASP A 23 -5.27 5.22 17.84
C ASP A 23 -4.08 6.12 17.48
N GLY A 24 -3.26 5.66 16.53
CA GLY A 24 -2.11 6.43 16.11
C GLY A 24 -2.11 6.70 14.61
N THR A 25 -0.95 6.52 13.99
CA THR A 25 -0.80 6.74 12.55
C THR A 25 0.06 5.67 11.91
N ALA A 26 -0.49 4.99 10.92
CA ALA A 26 0.23 3.93 10.22
C ALA A 26 0.72 4.41 8.85
N LEU A 27 2.03 4.40 8.66
CA LEU A 27 2.63 4.84 7.41
C LEU A 27 3.24 3.66 6.65
N LEU A 28 2.72 3.39 5.46
CA LEU A 28 3.22 2.29 4.64
C LEU A 28 3.95 2.82 3.41
N LYS A 29 5.14 2.28 3.15
CA LYS A 29 5.93 2.70 2.00
C LYS A 29 5.71 1.75 0.82
N CYS A 30 5.51 2.33 -0.35
CA CYS A 30 5.28 1.55 -1.57
C CYS A 30 5.86 2.26 -2.79
N LYS A 31 6.90 1.69 -3.36
CA LYS A 31 7.55 2.26 -4.54
C LYS A 31 7.35 1.37 -5.76
N ALA A 32 7.46 1.96 -6.94
CA ALA A 32 7.29 1.22 -8.19
C ALA A 32 7.89 1.98 -9.36
N THR A 33 8.55 1.26 -10.26
CA THR A 33 9.16 1.87 -11.44
C THR A 33 8.57 1.30 -12.73
N GLY A 34 8.21 2.18 -13.65
CA GLY A 34 7.65 1.76 -14.92
C GLY A 34 7.16 2.91 -15.76
N ASP A 35 6.67 2.60 -16.95
CA ASP A 35 6.17 3.62 -17.86
C ASP A 35 4.93 3.13 -18.62
N PRO A 36 3.84 3.88 -18.51
CA PRO A 36 3.78 5.11 -17.71
C PRO A 36 3.86 4.83 -16.22
N LEU A 37 3.81 5.89 -15.42
CA LEU A 37 3.88 5.76 -13.96
C LEU A 37 2.70 4.96 -13.44
N PRO A 38 2.99 3.87 -12.71
CA PRO A 38 1.97 3.01 -12.13
C PRO A 38 1.20 3.68 -10.99
N VAL A 39 -0.09 3.43 -10.92
CA VAL A 39 -0.92 4.01 -9.87
C VAL A 39 -0.89 3.17 -8.60
N ILE A 40 -0.25 3.68 -7.56
CA ILE A 40 -0.14 2.98 -6.30
C ILE A 40 -1.50 2.84 -5.63
N SER A 41 -1.92 1.60 -5.39
CA SER A 41 -3.21 1.34 -4.76
C SER A 41 -3.03 0.48 -3.50
N TRP A 42 -4.15 0.11 -2.89
CA TRP A 42 -4.12 -0.69 -1.68
C TRP A 42 -5.40 -1.52 -1.54
N LEU A 43 -5.24 -2.79 -1.17
CA LEU A 43 -6.39 -3.68 -1.01
C LEU A 43 -6.41 -4.27 0.39
N LYS A 44 -7.43 -3.90 1.17
CA LYS A 44 -7.58 -4.38 2.54
C LYS A 44 -8.27 -5.75 2.55
N GLU A 45 -7.47 -6.81 2.69
CA GLU A 45 -8.00 -8.16 2.72
C GLU A 45 -8.74 -8.49 1.42
N GLY A 46 -8.13 -8.14 0.30
CA GLY A 46 -8.74 -8.40 -0.99
C GLY A 46 -9.98 -7.55 -1.23
N PHE A 47 -9.90 -6.27 -0.88
CA PHE A 47 -11.02 -5.35 -1.06
C PHE A 47 -10.54 -3.92 -1.20
N THR A 48 -11.34 -3.09 -1.85
CA THR A 48 -10.99 -1.68 -2.05
C THR A 48 -10.59 -1.03 -0.75
N PHE A 49 -9.56 -0.19 -0.81
CA PHE A 49 -9.07 0.51 0.38
C PHE A 49 -8.01 1.54 0.00
N PRO A 50 -8.08 2.72 0.64
CA PRO A 50 -9.11 3.02 1.64
C PRO A 50 -10.50 3.16 1.01
N GLY A 51 -10.59 3.94 -0.05
CA GLY A 51 -11.86 4.15 -0.72
C GLY A 51 -12.46 5.50 -0.42
N ARG A 52 -13.71 5.50 0.04
CA ARG A 52 -14.41 6.74 0.37
C ARG A 52 -14.32 7.03 1.86
N ASP A 53 -13.11 6.95 2.41
CA ASP A 53 -12.90 7.21 3.83
C ASP A 53 -11.98 8.41 4.03
N PRO A 54 -12.45 9.38 4.82
CA PRO A 54 -11.69 10.60 5.11
C PRO A 54 -10.48 10.33 5.99
N ARG A 55 -10.69 9.57 7.06
CA ARG A 55 -9.60 9.24 7.99
C ARG A 55 -8.36 8.79 7.23
N ALA A 56 -8.52 7.82 6.35
CA ALA A 56 -7.41 7.31 5.56
C ALA A 56 -7.12 8.21 4.38
N THR A 57 -5.92 8.07 3.81
CA THR A 57 -5.52 8.88 2.67
C THR A 57 -4.25 8.33 2.03
N ILE A 58 -3.98 8.76 0.80
CA ILE A 58 -2.79 8.31 0.09
C ILE A 58 -1.96 9.49 -0.40
N GLN A 59 -0.67 9.47 -0.11
CA GLN A 59 0.24 10.54 -0.51
C GLN A 59 0.43 10.54 -2.03
N GLU A 60 0.61 11.72 -2.60
CA GLU A 60 0.81 11.86 -4.04
C GLU A 60 1.67 10.72 -4.58
N GLN A 61 2.57 10.22 -3.73
CA GLN A 61 3.45 9.13 -4.13
C GLN A 61 2.76 7.78 -3.98
N GLY A 62 2.17 7.55 -2.81
CA GLY A 62 1.48 6.29 -2.57
C GLY A 62 1.45 5.92 -1.10
N THR A 63 2.32 6.56 -0.32
CA THR A 63 2.39 6.30 1.11
C THR A 63 1.01 6.32 1.75
N LEU A 64 0.54 5.16 2.18
CA LEU A 64 -0.78 5.04 2.82
C LEU A 64 -0.72 5.49 4.27
N GLN A 65 -1.41 6.59 4.57
CA GLN A 65 -1.43 7.13 5.92
C GLN A 65 -2.82 6.97 6.54
N ILE A 66 -2.90 6.19 7.61
CA ILE A 66 -4.16 5.95 8.30
C ILE A 66 -4.14 6.52 9.71
N LYS A 67 -5.11 7.38 10.01
CA LYS A 67 -5.21 8.00 11.32
C LYS A 67 -6.29 7.33 12.16
N ASN A 68 -6.19 7.49 13.48
CA ASN A 68 -7.16 6.89 14.39
C ASN A 68 -7.26 5.38 14.17
N LEU A 69 -6.11 4.71 14.18
CA LEU A 69 -6.07 3.27 13.98
C LEU A 69 -7.01 2.56 14.94
N ARG A 70 -7.22 1.27 14.72
CA ARG A 70 -8.11 0.48 15.57
C ARG A 70 -7.72 -1.00 15.52
N ILE A 71 -7.80 -1.66 16.67
CA ILE A 71 -7.46 -3.07 16.76
C ILE A 71 -8.03 -3.85 15.58
N SER A 72 -9.08 -3.30 14.97
CA SER A 72 -9.72 -3.94 13.83
C SER A 72 -8.93 -3.69 12.55
N ASP A 73 -8.41 -2.48 12.42
CA ASP A 73 -7.64 -2.10 11.24
C ASP A 73 -6.68 -3.22 10.84
N THR A 74 -6.14 -3.92 11.84
CA THR A 74 -5.21 -5.00 11.60
C THR A 74 -5.67 -5.88 10.44
N GLY A 75 -4.89 -5.88 9.36
CA GLY A 75 -5.22 -6.68 8.20
C GLY A 75 -4.06 -6.85 7.25
N THR A 76 -4.34 -7.34 6.05
CA THR A 76 -3.30 -7.55 5.05
C THR A 76 -3.41 -6.52 3.93
N TYR A 77 -2.50 -5.54 3.97
CA TYR A 77 -2.48 -4.48 2.97
C TYR A 77 -1.64 -4.89 1.76
N THR A 78 -2.29 -5.04 0.61
CA THR A 78 -1.60 -5.42 -0.61
C THR A 78 -1.49 -4.25 -1.58
N CYS A 79 -0.28 -3.72 -1.73
CA CYS A 79 -0.03 -2.60 -2.62
C CYS A 79 0.02 -3.06 -4.08
N VAL A 80 -0.97 -2.62 -4.87
CA VAL A 80 -1.03 -3.00 -6.27
C VAL A 80 -0.71 -1.80 -7.17
N ALA A 81 0.18 -2.01 -8.13
CA ALA A 81 0.56 -0.95 -9.06
C ALA A 81 0.14 -1.29 -10.49
N THR A 82 -0.98 -0.70 -10.91
CA THR A 82 -1.50 -0.93 -12.24
C THR A 82 -0.90 0.04 -13.25
N SER A 83 -0.67 -0.43 -14.47
CA SER A 83 -0.10 0.39 -15.52
C SER A 83 -0.23 -0.28 -16.88
N SER A 84 -0.41 0.53 -17.92
CA SER A 84 -0.56 0.02 -19.28
C SER A 84 0.31 -1.21 -19.49
N SER A 85 1.56 -1.14 -19.03
CA SER A 85 2.50 -2.24 -19.17
C SER A 85 1.90 -3.54 -18.64
N GLY A 86 1.55 -3.54 -17.36
CA GLY A 86 0.98 -4.72 -16.75
C GLY A 86 0.33 -4.43 -15.40
N GLU A 87 0.71 -5.21 -14.39
CA GLU A 87 0.16 -5.03 -13.05
C GLU A 87 0.83 -5.97 -12.05
N THR A 88 1.05 -5.48 -10.84
CA THR A 88 1.70 -6.26 -9.80
C THR A 88 1.06 -6.00 -8.44
N SER A 89 1.44 -6.80 -7.45
CA SER A 89 0.89 -6.67 -6.11
C SER A 89 1.90 -7.13 -5.06
N TRP A 90 1.72 -6.67 -3.83
CA TRP A 90 2.63 -7.04 -2.73
C TRP A 90 1.85 -7.64 -1.57
N SER A 91 2.56 -7.97 -0.50
CA SER A 91 1.94 -8.58 0.67
C SER A 91 2.51 -7.96 1.95
N ALA A 92 1.62 -7.62 2.88
CA ALA A 92 2.04 -7.04 4.15
C ALA A 92 1.01 -7.30 5.24
N VAL A 93 1.47 -7.33 6.50
CA VAL A 93 0.58 -7.57 7.63
C VAL A 93 0.82 -6.56 8.74
N LEU A 94 -0.13 -5.65 8.91
CA LEU A 94 -0.03 -4.62 9.93
C LEU A 94 -0.64 -5.10 11.25
N ASP A 95 0.19 -5.18 12.29
CA ASP A 95 -0.27 -5.62 13.59
C ASP A 95 -0.46 -4.42 14.53
N VAL A 96 -1.72 -4.02 14.71
CA VAL A 96 -2.04 -2.89 15.58
C VAL A 96 -2.34 -3.37 17.00
N THR A 97 -1.63 -2.78 17.97
CA THR A 97 -1.82 -3.15 19.37
C THR A 97 -2.29 -1.96 20.18
N GLU A 98 -2.41 -2.14 21.49
CA GLU A 98 -2.86 -1.08 22.38
C GLU A 98 -1.66 -0.41 23.07
N SER A 99 -0.62 -1.18 23.31
CA SER A 99 0.58 -0.67 23.96
C SER A 99 1.79 -0.79 23.05
N GLY A 100 1.59 -0.53 21.76
CA GLY A 100 2.67 -0.60 20.80
C GLY A 100 3.53 0.64 20.79
N GLY A 1 16.17 4.40 -30.01
CA GLY A 1 15.17 3.44 -29.62
C GLY A 1 15.78 2.16 -29.08
N SER A 2 16.35 2.24 -27.88
CA SER A 2 16.97 1.08 -27.25
C SER A 2 16.38 0.83 -25.87
N SER A 3 16.09 -0.44 -25.59
CA SER A 3 15.51 -0.82 -24.29
C SER A 3 14.29 0.02 -23.97
N GLY A 4 13.45 0.24 -24.99
CA GLY A 4 12.25 1.02 -24.81
C GLY A 4 11.38 0.50 -23.68
N SER A 5 10.93 -0.74 -23.81
CA SER A 5 10.09 -1.36 -22.80
C SER A 5 10.71 -2.65 -22.29
N SER A 6 10.89 -2.73 -20.97
CA SER A 6 11.48 -3.91 -20.36
C SER A 6 10.41 -4.96 -20.06
N GLY A 7 9.35 -4.54 -19.39
CA GLY A 7 8.26 -5.45 -19.05
C GLY A 7 7.22 -4.80 -18.17
N PRO A 8 6.58 -5.61 -17.31
CA PRO A 8 5.54 -5.12 -16.40
C PRO A 8 6.09 -4.24 -15.30
N PRO A 9 5.20 -3.58 -14.55
CA PRO A 9 5.59 -2.69 -13.45
C PRO A 9 6.16 -3.45 -12.26
N ILE A 10 7.31 -2.99 -11.78
CA ILE A 10 7.97 -3.63 -10.64
C ILE A 10 7.92 -2.73 -9.41
N ILE A 11 7.71 -3.35 -8.25
CA ILE A 11 7.65 -2.61 -6.99
C ILE A 11 9.01 -2.58 -6.30
N LEU A 12 9.78 -1.54 -6.58
CA LEU A 12 11.11 -1.40 -5.97
C LEU A 12 11.05 -1.58 -4.46
N GLN A 13 10.27 -0.73 -3.80
CA GLN A 13 10.12 -0.80 -2.35
C GLN A 13 8.65 -0.73 -1.94
N GLY A 14 8.08 -1.88 -1.61
CA GLY A 14 6.69 -1.93 -1.20
C GLY A 14 6.52 -1.85 0.29
N PRO A 15 5.31 -2.21 0.78
CA PRO A 15 4.99 -2.19 2.21
C PRO A 15 5.73 -3.27 2.98
N ALA A 16 5.57 -3.27 4.31
CA ALA A 16 6.21 -4.26 5.16
C ALA A 16 5.41 -4.51 6.42
N ASN A 17 5.56 -5.69 7.00
CA ASN A 17 4.84 -6.05 8.21
C ASN A 17 5.32 -5.22 9.40
N GLN A 18 4.52 -4.22 9.76
CA GLN A 18 4.87 -3.35 10.89
C GLN A 18 3.83 -3.47 12.01
N THR A 19 4.31 -3.53 13.24
CA THR A 19 3.43 -3.65 14.40
C THR A 19 3.45 -2.38 15.24
N LEU A 20 2.41 -1.56 15.07
CA LEU A 20 2.31 -0.31 15.81
C LEU A 20 1.24 -0.41 16.90
N ALA A 21 1.09 0.67 17.67
CA ALA A 21 0.10 0.71 18.74
C ALA A 21 -1.18 1.40 18.29
N VAL A 22 -2.32 0.94 18.82
CA VAL A 22 -3.60 1.52 18.47
C VAL A 22 -3.66 3.00 18.81
N ASP A 23 -4.57 3.73 18.16
CA ASP A 23 -4.72 5.15 18.41
C ASP A 23 -3.46 5.91 18.00
N GLY A 24 -2.86 5.50 16.88
CA GLY A 24 -1.66 6.16 16.41
C GLY A 24 -1.72 6.51 14.94
N THR A 25 -0.71 6.07 14.19
CA THR A 25 -0.65 6.34 12.76
C THR A 25 0.08 5.23 12.03
N ALA A 26 -0.48 4.81 10.90
CA ALA A 26 0.12 3.75 10.09
C ALA A 26 0.52 4.26 8.71
N LEU A 27 1.83 4.31 8.47
CA LEU A 27 2.35 4.79 7.19
C LEU A 27 2.90 3.63 6.36
N LEU A 28 2.27 3.37 5.23
CA LEU A 28 2.69 2.29 4.34
C LEU A 28 3.56 2.83 3.21
N LYS A 29 4.82 2.42 3.19
CA LYS A 29 5.76 2.87 2.16
C LYS A 29 5.65 1.97 0.92
N CYS A 30 5.43 2.59 -0.24
CA CYS A 30 5.30 1.85 -1.49
C CYS A 30 5.86 2.67 -2.65
N LYS A 31 6.46 1.99 -3.61
CA LYS A 31 7.03 2.65 -4.78
C LYS A 31 7.19 1.67 -5.94
N ALA A 32 6.61 2.00 -7.08
CA ALA A 32 6.69 1.15 -8.26
C ALA A 32 7.27 1.92 -9.44
N THR A 33 8.21 1.28 -10.15
CA THR A 33 8.84 1.90 -11.30
C THR A 33 8.40 1.24 -12.59
N GLY A 34 8.38 2.02 -13.68
CA GLY A 34 7.97 1.47 -14.97
C GLY A 34 7.51 2.56 -15.92
N ASP A 35 6.93 2.15 -17.04
CA ASP A 35 6.44 3.09 -18.05
C ASP A 35 5.35 2.45 -18.90
N PRO A 36 4.18 3.10 -18.95
CA PRO A 36 3.94 4.35 -18.23
C PRO A 36 3.88 4.14 -16.71
N LEU A 37 4.07 5.22 -15.96
CA LEU A 37 4.04 5.15 -14.50
C LEU A 37 2.81 4.40 -14.02
N PRO A 38 3.04 3.31 -13.27
CA PRO A 38 1.95 2.48 -12.73
C PRO A 38 1.16 3.19 -11.63
N VAL A 39 -0.15 3.01 -11.65
CA VAL A 39 -1.03 3.64 -10.67
C VAL A 39 -1.04 2.84 -9.36
N ILE A 40 -0.46 3.42 -8.32
CA ILE A 40 -0.41 2.78 -7.02
C ILE A 40 -1.81 2.61 -6.43
N SER A 41 -2.02 1.51 -5.70
CA SER A 41 -3.30 1.23 -5.09
C SER A 41 -3.14 0.34 -3.86
N TRP A 42 -4.15 0.35 -2.99
CA TRP A 42 -4.11 -0.45 -1.78
C TRP A 42 -5.42 -1.24 -1.61
N LEU A 43 -5.29 -2.54 -1.43
CA LEU A 43 -6.46 -3.41 -1.26
C LEU A 43 -6.44 -4.09 0.10
N LYS A 44 -7.43 -3.77 0.93
CA LYS A 44 -7.52 -4.36 2.26
C LYS A 44 -8.28 -5.68 2.23
N GLU A 45 -7.54 -6.78 2.32
CA GLU A 45 -8.15 -8.10 2.30
C GLU A 45 -9.00 -8.30 1.05
N GLY A 46 -8.51 -7.79 -0.08
CA GLY A 46 -9.24 -7.91 -1.33
C GLY A 46 -10.42 -6.96 -1.40
N PHE A 47 -10.18 -5.70 -1.06
CA PHE A 47 -11.23 -4.68 -1.10
C PHE A 47 -10.64 -3.29 -1.22
N THR A 48 -11.40 -2.39 -1.84
CA THR A 48 -10.95 -1.01 -2.02
C THR A 48 -10.33 -0.45 -0.74
N PHE A 49 -9.25 0.31 -0.90
CA PHE A 49 -8.57 0.90 0.25
C PHE A 49 -7.53 1.92 -0.20
N PRO A 50 -7.47 3.06 0.51
CA PRO A 50 -8.34 3.32 1.65
C PRO A 50 -9.79 3.54 1.25
N GLY A 51 -9.98 4.20 0.10
CA GLY A 51 -11.33 4.46 -0.39
C GLY A 51 -11.94 5.71 0.24
N ARG A 52 -13.25 5.86 0.07
CA ARG A 52 -13.95 7.01 0.63
C ARG A 52 -13.93 6.98 2.15
N ASP A 53 -12.86 7.49 2.74
CA ASP A 53 -12.72 7.52 4.19
C ASP A 53 -11.79 8.65 4.63
N PRO A 54 -12.23 9.41 5.63
CA PRO A 54 -11.46 10.55 6.17
C PRO A 54 -10.22 10.09 6.92
N ARG A 55 -10.40 9.16 7.86
CA ARG A 55 -9.29 8.63 8.65
C ARG A 55 -8.17 8.12 7.75
N ALA A 56 -8.51 7.19 6.86
CA ALA A 56 -7.54 6.62 5.94
C ALA A 56 -7.46 7.44 4.66
N THR A 57 -6.23 7.72 4.22
CA THR A 57 -6.02 8.49 3.00
C THR A 57 -4.58 8.34 2.50
N ILE A 58 -4.38 8.64 1.23
CA ILE A 58 -3.06 8.54 0.62
C ILE A 58 -2.33 9.88 0.65
N GLN A 59 -1.03 9.84 0.92
CA GLN A 59 -0.22 11.05 0.98
C GLN A 59 0.30 11.42 -0.40
N GLU A 60 1.22 10.61 -0.92
CA GLU A 60 1.79 10.85 -2.24
C GLU A 60 1.56 9.66 -3.17
N GLN A 61 0.30 9.45 -3.54
CA GLN A 61 -0.06 8.35 -4.43
C GLN A 61 0.78 7.12 -4.12
N GLY A 62 0.90 6.78 -2.84
CA GLY A 62 1.68 5.62 -2.44
C GLY A 62 1.79 5.49 -0.94
N THR A 63 2.29 6.54 -0.29
CA THR A 63 2.45 6.53 1.16
C THR A 63 1.10 6.62 1.86
N LEU A 64 0.48 5.47 2.09
CA LEU A 64 -0.83 5.42 2.75
C LEU A 64 -0.71 5.89 4.20
N GLN A 65 -1.80 6.47 4.71
CA GLN A 65 -1.81 6.96 6.09
C GLN A 65 -3.13 6.63 6.77
N ILE A 66 -3.06 6.16 8.00
CA ILE A 66 -4.26 5.80 8.77
C ILE A 66 -4.18 6.32 10.19
N LYS A 67 -5.02 7.30 10.51
CA LYS A 67 -5.05 7.89 11.84
C LYS A 67 -6.12 7.23 12.70
N ASN A 68 -5.99 7.37 14.02
CA ASN A 68 -6.94 6.79 14.94
C ASN A 68 -7.08 5.28 14.73
N LEU A 69 -5.93 4.61 14.58
CA LEU A 69 -5.91 3.17 14.37
C LEU A 69 -6.80 2.46 15.39
N ARG A 70 -7.15 1.22 15.08
CA ARG A 70 -8.00 0.43 15.98
C ARG A 70 -7.80 -1.06 15.74
N ILE A 71 -7.85 -1.84 16.81
CA ILE A 71 -7.67 -3.29 16.71
C ILE A 71 -8.26 -3.83 15.40
N SER A 72 -9.36 -3.24 14.97
CA SER A 72 -10.02 -3.65 13.74
C SER A 72 -9.10 -3.48 12.54
N ASP A 73 -8.52 -2.30 12.42
CA ASP A 73 -7.61 -2.01 11.31
C ASP A 73 -6.74 -3.21 10.98
N THR A 74 -6.23 -3.86 12.03
CA THR A 74 -5.38 -5.03 11.86
C THR A 74 -5.83 -5.87 10.66
N GLY A 75 -5.17 -5.66 9.52
CA GLY A 75 -5.51 -6.40 8.32
C GLY A 75 -4.34 -6.53 7.37
N THR A 76 -4.54 -7.25 6.27
CA THR A 76 -3.49 -7.46 5.28
C THR A 76 -3.64 -6.50 4.11
N TYR A 77 -2.65 -5.63 3.93
CA TYR A 77 -2.67 -4.66 2.84
C TYR A 77 -1.95 -5.19 1.62
N THR A 78 -2.36 -4.72 0.45
CA THR A 78 -1.76 -5.16 -0.81
C THR A 78 -1.54 -3.98 -1.75
N CYS A 79 -0.27 -3.62 -1.97
CA CYS A 79 0.06 -2.52 -2.85
C CYS A 79 0.12 -2.98 -4.31
N VAL A 80 -0.93 -2.69 -5.05
CA VAL A 80 -1.00 -3.07 -6.47
C VAL A 80 -0.68 -1.89 -7.37
N ALA A 81 0.16 -2.13 -8.38
CA ALA A 81 0.55 -1.09 -9.31
C ALA A 81 0.28 -1.52 -10.75
N THR A 82 -0.87 -1.12 -11.28
CA THR A 82 -1.25 -1.47 -12.64
C THR A 82 -0.65 -0.48 -13.65
N SER A 83 -0.49 -0.92 -14.89
CA SER A 83 0.07 -0.08 -15.94
C SER A 83 -0.02 -0.77 -17.29
N SER A 84 -0.17 0.03 -18.35
CA SER A 84 -0.29 -0.49 -19.70
C SER A 84 0.58 -1.74 -19.87
N SER A 85 1.81 -1.67 -19.37
CA SER A 85 2.74 -2.80 -19.46
C SER A 85 2.16 -4.05 -18.81
N GLY A 86 1.92 -3.96 -17.50
CA GLY A 86 1.37 -5.09 -16.78
C GLY A 86 0.78 -4.69 -15.44
N GLU A 87 0.89 -5.59 -14.46
CA GLU A 87 0.38 -5.32 -13.12
C GLU A 87 1.18 -6.08 -12.06
N THR A 88 1.41 -5.43 -10.93
CA THR A 88 2.17 -6.03 -9.85
C THR A 88 1.51 -5.77 -8.50
N SER A 89 1.80 -6.62 -7.53
CA SER A 89 1.23 -6.48 -6.20
C SER A 89 2.26 -6.84 -5.12
N TRP A 90 1.98 -6.43 -3.88
CA TRP A 90 2.89 -6.72 -2.78
C TRP A 90 2.11 -7.25 -1.57
N SER A 91 2.84 -7.81 -0.61
CA SER A 91 2.22 -8.37 0.59
C SER A 91 2.71 -7.65 1.83
N ALA A 92 1.79 -7.38 2.75
CA ALA A 92 2.13 -6.69 4.00
C ALA A 92 0.99 -6.80 5.01
N VAL A 93 1.29 -6.48 6.27
CA VAL A 93 0.29 -6.54 7.33
C VAL A 93 0.59 -5.53 8.42
N LEU A 94 -0.47 -4.98 9.03
CA LEU A 94 -0.31 -4.00 10.08
C LEU A 94 -0.92 -4.51 11.39
N ASP A 95 -0.08 -5.08 12.25
CA ASP A 95 -0.53 -5.61 13.53
C ASP A 95 -0.69 -4.48 14.54
N VAL A 96 -1.93 -4.19 14.91
CA VAL A 96 -2.23 -3.14 15.88
C VAL A 96 -2.44 -3.72 17.27
N THR A 97 -1.64 -3.26 18.23
CA THR A 97 -1.75 -3.72 19.61
C THR A 97 -2.17 -2.60 20.54
N GLU A 98 -2.75 -2.97 21.68
CA GLU A 98 -3.20 -1.99 22.67
C GLU A 98 -2.01 -1.39 23.41
N SER A 99 -1.04 -2.22 23.74
CA SER A 99 0.15 -1.78 24.46
C SER A 99 1.40 -1.91 23.59
N GLY A 100 1.28 -1.51 22.32
CA GLY A 100 2.40 -1.59 21.41
C GLY A 100 3.67 -1.03 22.00
N GLY A 1 1.12 -11.06 -25.17
CA GLY A 1 2.19 -10.10 -24.99
C GLY A 1 3.55 -10.76 -24.82
N SER A 2 4.27 -10.91 -25.93
CA SER A 2 5.59 -11.53 -25.89
C SER A 2 6.61 -10.62 -25.22
N SER A 3 7.27 -11.14 -24.19
CA SER A 3 8.27 -10.37 -23.46
C SER A 3 9.25 -9.70 -24.41
N GLY A 4 9.75 -8.54 -24.02
CA GLY A 4 10.70 -7.82 -24.85
C GLY A 4 11.60 -6.90 -24.05
N SER A 5 11.84 -5.70 -24.58
CA SER A 5 12.69 -4.73 -23.90
C SER A 5 12.07 -4.29 -22.58
N SER A 6 10.88 -3.72 -22.65
CA SER A 6 10.18 -3.26 -21.46
C SER A 6 9.41 -4.39 -20.80
N GLY A 7 9.16 -4.26 -19.49
CA GLY A 7 8.44 -5.28 -18.77
C GLY A 7 7.39 -4.70 -17.85
N PRO A 8 6.90 -5.54 -16.91
CA PRO A 8 5.87 -5.11 -15.95
C PRO A 8 6.42 -4.13 -14.92
N PRO A 9 5.51 -3.47 -14.19
CA PRO A 9 5.87 -2.50 -13.16
C PRO A 9 6.52 -3.14 -11.94
N ILE A 10 7.70 -2.67 -11.59
CA ILE A 10 8.44 -3.20 -10.44
C ILE A 10 8.31 -2.29 -9.23
N ILE A 11 8.11 -2.89 -8.06
CA ILE A 11 7.97 -2.13 -6.82
C ILE A 11 9.31 -1.98 -6.11
N LEU A 12 10.07 -0.96 -6.49
CA LEU A 12 11.38 -0.70 -5.88
C LEU A 12 11.37 -1.07 -4.41
N GLN A 13 10.27 -0.76 -3.74
CA GLN A 13 10.13 -1.06 -2.31
C GLN A 13 8.69 -0.92 -1.86
N GLY A 14 8.03 -2.04 -1.59
CA GLY A 14 6.66 -2.01 -1.15
C GLY A 14 6.52 -1.99 0.36
N PRO A 15 5.33 -2.32 0.87
CA PRO A 15 5.05 -2.34 2.30
C PRO A 15 5.77 -3.48 3.02
N ALA A 16 5.62 -3.54 4.33
CA ALA A 16 6.25 -4.59 5.13
C ALA A 16 5.51 -4.79 6.45
N ASN A 17 5.44 -6.05 6.88
CA ASN A 17 4.76 -6.39 8.13
C ASN A 17 5.26 -5.52 9.28
N GLN A 18 4.39 -4.69 9.81
CA GLN A 18 4.75 -3.80 10.92
C GLN A 18 3.76 -3.96 12.07
N THR A 19 4.25 -3.79 13.29
CA THR A 19 3.43 -3.91 14.49
C THR A 19 3.41 -2.61 15.28
N LEU A 20 2.33 -1.86 15.16
CA LEU A 20 2.19 -0.59 15.86
C LEU A 20 1.14 -0.70 16.98
N ALA A 21 0.88 0.42 17.65
CA ALA A 21 -0.10 0.46 18.73
C ALA A 21 -1.39 1.14 18.28
N VAL A 22 -2.49 0.82 18.94
CA VAL A 22 -3.78 1.40 18.61
C VAL A 22 -3.83 2.87 18.99
N ASP A 23 -4.60 3.65 18.23
CA ASP A 23 -4.73 5.08 18.48
C ASP A 23 -3.42 5.82 18.15
N GLY A 24 -2.91 5.57 16.96
CA GLY A 24 -1.67 6.21 16.54
C GLY A 24 -1.65 6.55 15.07
N THR A 25 -0.60 6.13 14.37
CA THR A 25 -0.48 6.40 12.94
C THR A 25 0.26 5.27 12.24
N ALA A 26 -0.31 4.80 11.13
CA ALA A 26 0.30 3.72 10.37
C ALA A 26 0.49 4.13 8.90
N LEU A 27 1.75 4.24 8.49
CA LEU A 27 2.07 4.63 7.12
C LEU A 27 2.62 3.44 6.33
N LEU A 28 2.25 3.37 5.06
CA LEU A 28 2.71 2.30 4.19
C LEU A 28 3.54 2.83 3.03
N LYS A 29 4.84 2.60 3.08
CA LYS A 29 5.74 3.06 2.03
C LYS A 29 5.66 2.15 0.80
N CYS A 30 5.55 2.76 -0.37
CA CYS A 30 5.46 2.01 -1.62
C CYS A 30 6.01 2.82 -2.78
N LYS A 31 6.87 2.20 -3.58
CA LYS A 31 7.46 2.86 -4.73
C LYS A 31 7.63 1.89 -5.90
N ALA A 32 7.11 2.27 -7.06
CA ALA A 32 7.21 1.44 -8.25
C ALA A 32 7.57 2.26 -9.48
N THR A 33 8.31 1.65 -10.40
CA THR A 33 8.71 2.33 -11.63
C THR A 33 8.09 1.69 -12.85
N GLY A 34 7.84 2.50 -13.88
CA GLY A 34 7.25 1.97 -15.10
C GLY A 34 6.65 3.07 -15.97
N ASP A 35 6.34 2.74 -17.22
CA ASP A 35 5.77 3.70 -18.15
C ASP A 35 4.67 3.06 -18.98
N PRO A 36 3.47 3.62 -18.92
CA PRO A 36 3.18 4.80 -18.10
C PRO A 36 3.22 4.48 -16.61
N LEU A 37 3.28 5.53 -15.79
CA LEU A 37 3.32 5.37 -14.34
C LEU A 37 2.20 4.45 -13.87
N PRO A 38 2.55 3.46 -13.03
CA PRO A 38 1.60 2.50 -12.48
C PRO A 38 0.63 3.13 -11.48
N VAL A 39 -0.55 2.56 -11.36
CA VAL A 39 -1.57 3.07 -10.43
C VAL A 39 -1.43 2.42 -9.06
N ILE A 40 -0.64 3.04 -8.19
CA ILE A 40 -0.44 2.52 -6.84
C ILE A 40 -1.74 2.48 -6.07
N SER A 41 -2.24 1.28 -5.81
CA SER A 41 -3.49 1.10 -5.07
C SER A 41 -3.28 0.20 -3.86
N TRP A 42 -4.31 0.07 -3.04
CA TRP A 42 -4.25 -0.77 -1.84
C TRP A 42 -5.53 -1.56 -1.66
N LEU A 43 -5.41 -2.84 -1.35
CA LEU A 43 -6.56 -3.71 -1.16
C LEU A 43 -6.56 -4.29 0.26
N LYS A 44 -7.49 -3.81 1.09
CA LYS A 44 -7.59 -4.28 2.46
C LYS A 44 -8.44 -5.55 2.53
N GLU A 45 -7.78 -6.69 2.68
CA GLU A 45 -8.48 -7.97 2.76
C GLU A 45 -9.26 -8.25 1.48
N GLY A 46 -8.71 -7.81 0.36
CA GLY A 46 -9.37 -8.02 -0.92
C GLY A 46 -10.56 -7.11 -1.12
N PHE A 47 -10.39 -5.84 -0.78
CA PHE A 47 -11.47 -4.87 -0.91
C PHE A 47 -10.91 -3.45 -1.06
N THR A 48 -11.61 -2.62 -1.82
CA THR A 48 -11.18 -1.24 -2.04
C THR A 48 -10.72 -0.60 -0.74
N PHE A 49 -9.55 0.05 -0.79
CA PHE A 49 -9.00 0.71 0.39
C PHE A 49 -7.86 1.65 0.00
N PRO A 50 -7.81 2.83 0.64
CA PRO A 50 -8.79 3.20 1.67
C PRO A 50 -10.17 3.47 1.08
N GLY A 51 -10.20 4.21 -0.01
CA GLY A 51 -11.47 4.53 -0.65
C GLY A 51 -12.01 5.88 -0.24
N ARG A 52 -13.26 5.91 0.20
CA ARG A 52 -13.90 7.15 0.62
C ARG A 52 -13.42 7.56 2.01
N ASP A 53 -13.19 6.58 2.87
CA ASP A 53 -12.73 6.82 4.22
C ASP A 53 -11.73 7.98 4.25
N PRO A 54 -12.18 9.14 4.74
CA PRO A 54 -11.33 10.34 4.82
C PRO A 54 -10.24 10.21 5.87
N ARG A 55 -10.47 9.35 6.86
CA ARG A 55 -9.51 9.13 7.93
C ARG A 55 -8.16 8.70 7.36
N ALA A 56 -8.19 7.95 6.27
CA ALA A 56 -6.97 7.48 5.63
C ALA A 56 -6.76 8.15 4.28
N THR A 57 -5.51 8.50 3.99
CA THR A 57 -5.17 9.17 2.74
C THR A 57 -3.78 8.76 2.26
N ILE A 58 -3.53 8.95 0.97
CA ILE A 58 -2.24 8.60 0.39
C ILE A 58 -1.61 9.81 -0.30
N GLN A 59 -0.38 10.14 0.12
CA GLN A 59 0.33 11.27 -0.46
C GLN A 59 0.60 11.05 -1.95
N GLU A 60 1.25 12.02 -2.58
CA GLU A 60 1.56 11.93 -4.00
C GLU A 60 2.66 10.91 -4.25
N GLN A 61 3.12 10.26 -3.19
CA GLN A 61 4.17 9.25 -3.29
C GLN A 61 3.63 7.87 -2.93
N GLY A 62 2.37 7.63 -3.24
CA GLY A 62 1.76 6.35 -2.94
C GLY A 62 1.92 5.96 -1.49
N THR A 63 2.21 6.93 -0.64
CA THR A 63 2.40 6.68 0.78
C THR A 63 1.07 6.74 1.52
N LEU A 64 0.51 5.57 1.82
CA LEU A 64 -0.77 5.48 2.52
C LEU A 64 -0.58 5.77 4.01
N GLN A 65 -1.50 6.55 4.57
CA GLN A 65 -1.44 6.90 5.99
C GLN A 65 -2.80 6.72 6.65
N ILE A 66 -2.79 6.17 7.86
CA ILE A 66 -4.03 5.94 8.60
C ILE A 66 -3.90 6.43 10.05
N LYS A 67 -4.81 7.31 10.44
CA LYS A 67 -4.79 7.85 11.81
C LYS A 67 -5.92 7.23 12.64
N ASN A 68 -5.79 7.35 13.96
CA ASN A 68 -6.79 6.80 14.87
C ASN A 68 -6.96 5.31 14.66
N LEU A 69 -5.84 4.60 14.53
CA LEU A 69 -5.87 3.16 14.32
C LEU A 69 -6.78 2.48 15.32
N ARG A 70 -7.12 1.22 15.06
CA ARG A 70 -8.00 0.46 15.94
C ARG A 70 -7.80 -1.04 15.75
N ILE A 71 -7.78 -1.77 16.85
CA ILE A 71 -7.59 -3.22 16.80
C ILE A 71 -8.26 -3.82 15.57
N SER A 72 -9.36 -3.21 15.15
CA SER A 72 -10.10 -3.69 13.98
C SER A 72 -9.29 -3.47 12.70
N ASP A 73 -8.75 -2.27 12.56
CA ASP A 73 -7.94 -1.92 11.38
C ASP A 73 -7.02 -3.07 11.01
N THR A 74 -6.49 -3.76 12.02
CA THR A 74 -5.59 -4.88 11.79
C THR A 74 -6.00 -5.69 10.57
N GLY A 75 -5.31 -5.46 9.45
CA GLY A 75 -5.61 -6.18 8.23
C GLY A 75 -4.40 -6.38 7.35
N THR A 76 -4.62 -6.95 6.17
CA THR A 76 -3.53 -7.20 5.23
C THR A 76 -3.66 -6.31 4.00
N TYR A 77 -2.81 -5.29 3.92
CA TYR A 77 -2.84 -4.37 2.79
C TYR A 77 -1.95 -4.87 1.66
N THR A 78 -2.39 -4.66 0.43
CA THR A 78 -1.64 -5.09 -0.74
C THR A 78 -1.41 -3.93 -1.70
N CYS A 79 -0.15 -3.52 -1.84
CA CYS A 79 0.21 -2.42 -2.73
C CYS A 79 0.40 -2.92 -4.16
N VAL A 80 -0.63 -2.73 -4.99
CA VAL A 80 -0.58 -3.16 -6.38
C VAL A 80 -0.41 -1.96 -7.31
N ALA A 81 0.45 -2.12 -8.31
CA ALA A 81 0.69 -1.05 -9.28
C ALA A 81 0.42 -1.53 -10.71
N THR A 82 -0.80 -1.31 -11.19
CA THR A 82 -1.18 -1.71 -12.53
C THR A 82 -0.73 -0.69 -13.56
N SER A 83 -0.54 -1.15 -14.80
CA SER A 83 -0.09 -0.28 -15.87
C SER A 83 -0.21 -0.98 -17.22
N SER A 84 -0.49 -0.20 -18.27
CA SER A 84 -0.63 -0.76 -19.61
C SER A 84 0.41 -1.83 -19.87
N SER A 85 1.62 -1.62 -19.36
CA SER A 85 2.71 -2.57 -19.55
C SER A 85 2.40 -3.88 -18.86
N GLY A 86 2.37 -3.86 -17.53
CA GLY A 86 2.09 -5.07 -16.77
C GLY A 86 1.35 -4.79 -15.48
N GLU A 87 1.66 -5.55 -14.43
CA GLU A 87 1.01 -5.37 -13.14
C GLU A 87 1.75 -6.14 -12.05
N THR A 88 1.75 -5.60 -10.85
CA THR A 88 2.42 -6.24 -9.71
C THR A 88 1.70 -5.93 -8.41
N SER A 89 1.77 -6.88 -7.48
CA SER A 89 1.11 -6.72 -6.18
C SER A 89 2.03 -7.18 -5.05
N TRP A 90 2.00 -6.47 -3.94
CA TRP A 90 2.83 -6.80 -2.79
C TRP A 90 1.98 -7.36 -1.65
N SER A 91 2.65 -7.90 -0.64
CA SER A 91 1.96 -8.49 0.51
C SER A 91 2.51 -7.93 1.81
N ALA A 92 1.63 -7.78 2.80
CA ALA A 92 2.02 -7.26 4.11
C ALA A 92 0.87 -7.31 5.09
N VAL A 93 1.16 -7.02 6.36
CA VAL A 93 0.13 -7.03 7.40
C VAL A 93 0.52 -6.12 8.55
N LEU A 94 -0.47 -5.46 9.14
CA LEU A 94 -0.24 -4.54 10.25
C LEU A 94 -0.91 -5.05 11.53
N ASP A 95 -0.10 -5.38 12.53
CA ASP A 95 -0.61 -5.88 13.79
C ASP A 95 -0.79 -4.74 14.79
N VAL A 96 -2.04 -4.37 15.03
CA VAL A 96 -2.35 -3.29 15.98
C VAL A 96 -2.60 -3.83 17.38
N THR A 97 -1.76 -3.42 18.32
CA THR A 97 -1.89 -3.86 19.71
C THR A 97 -2.33 -2.72 20.61
N GLU A 98 -2.59 -3.04 21.88
CA GLU A 98 -3.03 -2.04 22.85
C GLU A 98 -1.84 -1.45 23.60
N SER A 99 -0.76 -2.24 23.70
CA SER A 99 0.44 -1.81 24.39
C SER A 99 1.66 -1.94 23.50
N GLY A 100 1.44 -1.88 22.19
CA GLY A 100 2.54 -2.01 21.24
C GLY A 100 3.77 -1.23 21.68
N GLY A 1 21.03 7.97 -19.01
CA GLY A 1 19.72 7.61 -18.49
C GLY A 1 19.44 6.13 -18.59
N SER A 2 18.48 5.65 -17.81
CA SER A 2 18.12 4.24 -17.82
C SER A 2 17.44 3.85 -19.14
N SER A 3 17.94 2.80 -19.76
CA SER A 3 17.40 2.33 -21.03
C SER A 3 16.96 0.87 -20.94
N GLY A 4 15.83 0.55 -21.55
CA GLY A 4 15.33 -0.82 -21.53
C GLY A 4 14.45 -1.08 -20.32
N SER A 5 15.01 -1.77 -19.33
CA SER A 5 14.26 -2.10 -18.12
C SER A 5 12.79 -2.38 -18.44
N SER A 6 12.56 -3.12 -19.51
CA SER A 6 11.20 -3.46 -19.93
C SER A 6 10.55 -4.42 -18.94
N GLY A 7 9.24 -4.57 -19.05
CA GLY A 7 8.52 -5.46 -18.16
C GLY A 7 7.41 -4.75 -17.40
N PRO A 8 6.69 -5.50 -16.57
CA PRO A 8 5.58 -4.96 -15.76
C PRO A 8 6.08 -4.03 -14.66
N PRO A 9 5.14 -3.33 -14.02
CA PRO A 9 5.45 -2.38 -12.93
C PRO A 9 5.92 -3.10 -11.66
N ILE A 10 7.16 -2.88 -11.29
CA ILE A 10 7.73 -3.50 -10.10
C ILE A 10 7.77 -2.51 -8.93
N ILE A 11 7.54 -3.03 -7.73
CA ILE A 11 7.54 -2.19 -6.53
C ILE A 11 8.91 -2.24 -5.84
N LEU A 12 9.76 -1.28 -6.18
CA LEU A 12 11.10 -1.21 -5.59
C LEU A 12 11.04 -1.36 -4.07
N GLN A 13 10.17 -0.57 -3.44
CA GLN A 13 10.01 -0.62 -2.00
C GLN A 13 8.54 -0.66 -1.61
N GLY A 14 7.99 -1.86 -1.47
CA GLY A 14 6.60 -2.01 -1.12
C GLY A 14 6.38 -2.02 0.39
N PRO A 15 5.15 -2.32 0.81
CA PRO A 15 4.79 -2.36 2.23
C PRO A 15 5.44 -3.53 2.96
N ALA A 16 5.68 -3.36 4.25
CA ALA A 16 6.29 -4.41 5.06
C ALA A 16 5.44 -4.71 6.30
N ASN A 17 5.82 -5.76 7.03
CA ASN A 17 5.09 -6.14 8.23
C ASN A 17 5.55 -5.32 9.43
N GLN A 18 4.71 -4.38 9.85
CA GLN A 18 5.03 -3.52 10.98
C GLN A 18 3.99 -3.68 12.09
N THR A 19 4.46 -3.62 13.34
CA THR A 19 3.57 -3.76 14.49
C THR A 19 3.49 -2.46 15.27
N LEU A 20 2.44 -1.69 15.03
CA LEU A 20 2.24 -0.41 15.72
C LEU A 20 1.22 -0.55 16.83
N ALA A 21 0.88 0.57 17.46
CA ALA A 21 -0.10 0.57 18.55
C ALA A 21 -1.34 1.36 18.15
N VAL A 22 -2.51 0.74 18.36
CA VAL A 22 -3.78 1.38 18.03
C VAL A 22 -3.76 2.86 18.39
N ASP A 23 -4.67 3.63 17.80
CA ASP A 23 -4.76 5.05 18.07
C ASP A 23 -3.46 5.76 17.70
N GLY A 24 -2.83 5.31 16.62
CA GLY A 24 -1.58 5.91 16.19
C GLY A 24 -1.60 6.31 14.73
N THR A 25 -0.52 6.01 14.03
CA THR A 25 -0.41 6.34 12.61
C THR A 25 0.44 5.32 11.87
N ALA A 26 -0.16 4.62 10.92
CA ALA A 26 0.55 3.62 10.14
C ALA A 26 0.92 4.16 8.76
N LEU A 27 2.21 4.14 8.45
CA LEU A 27 2.69 4.62 7.16
C LEU A 27 3.18 3.47 6.29
N LEU A 28 2.41 3.16 5.24
CA LEU A 28 2.76 2.08 4.33
C LEU A 28 3.52 2.61 3.13
N LYS A 29 4.82 2.36 3.09
CA LYS A 29 5.67 2.81 2.00
C LYS A 29 5.53 1.88 0.79
N CYS A 30 5.15 2.46 -0.34
CA CYS A 30 4.99 1.68 -1.58
C CYS A 30 5.41 2.50 -2.79
N LYS A 31 6.46 2.04 -3.46
CA LYS A 31 6.97 2.74 -4.64
C LYS A 31 7.12 1.77 -5.81
N ALA A 32 6.64 2.17 -6.98
CA ALA A 32 6.72 1.33 -8.18
C ALA A 32 7.25 2.13 -9.37
N THR A 33 8.10 1.50 -10.17
CA THR A 33 8.67 2.15 -11.34
C THR A 33 8.10 1.57 -12.63
N GLY A 34 8.01 2.40 -13.66
CA GLY A 34 7.48 1.94 -14.94
C GLY A 34 6.88 3.08 -15.75
N ASP A 35 6.87 2.91 -17.07
CA ASP A 35 6.31 3.92 -17.96
C ASP A 35 5.26 3.32 -18.88
N PRO A 36 4.04 3.86 -18.83
CA PRO A 36 3.71 4.97 -17.93
C PRO A 36 3.70 4.55 -16.47
N LEU A 37 3.85 5.52 -15.58
CA LEU A 37 3.86 5.26 -14.14
C LEU A 37 2.61 4.49 -13.72
N PRO A 38 2.80 3.50 -12.84
CA PRO A 38 1.69 2.67 -12.33
C PRO A 38 0.76 3.45 -11.42
N VAL A 39 -0.43 2.89 -11.19
CA VAL A 39 -1.42 3.54 -10.33
C VAL A 39 -1.45 2.90 -8.95
N ILE A 40 -0.53 3.32 -8.09
CA ILE A 40 -0.44 2.79 -6.73
C ILE A 40 -1.83 2.66 -6.11
N SER A 41 -2.07 1.53 -5.45
CA SER A 41 -3.35 1.28 -4.81
C SER A 41 -3.17 0.46 -3.53
N TRP A 42 -4.28 0.23 -2.82
CA TRP A 42 -4.24 -0.53 -1.59
C TRP A 42 -5.49 -1.39 -1.44
N LEU A 43 -5.30 -2.67 -1.13
CA LEU A 43 -6.42 -3.59 -0.97
C LEU A 43 -6.42 -4.19 0.44
N LYS A 44 -7.50 -3.94 1.18
CA LYS A 44 -7.64 -4.45 2.53
C LYS A 44 -8.34 -5.80 2.53
N GLU A 45 -7.59 -6.86 2.79
CA GLU A 45 -8.14 -8.21 2.82
C GLU A 45 -8.95 -8.50 1.55
N GLY A 46 -8.42 -8.05 0.41
CA GLY A 46 -9.11 -8.27 -0.85
C GLY A 46 -10.30 -7.35 -1.03
N PHE A 47 -10.20 -6.13 -0.50
CA PHE A 47 -11.28 -5.16 -0.60
C PHE A 47 -10.72 -3.76 -0.86
N THR A 48 -11.54 -2.92 -1.50
CA THR A 48 -11.13 -1.56 -1.80
C THR A 48 -10.60 -0.84 -0.56
N PHE A 49 -9.55 -0.04 -0.75
CA PHE A 49 -8.96 0.70 0.35
C PHE A 49 -7.96 1.73 -0.17
N PRO A 50 -7.99 2.93 0.43
CA PRO A 50 -8.92 3.26 1.51
C PRO A 50 -10.36 3.36 1.02
N GLY A 51 -10.54 3.81 -0.21
CA GLY A 51 -11.86 3.94 -0.78
C GLY A 51 -12.76 4.83 0.06
N ARG A 52 -13.77 4.24 0.70
CA ARG A 52 -14.69 5.00 1.52
C ARG A 52 -14.08 5.32 2.88
N ASP A 53 -12.83 5.74 2.87
CA ASP A 53 -12.13 6.08 4.11
C ASP A 53 -11.41 7.42 3.98
N PRO A 54 -12.02 8.47 4.57
CA PRO A 54 -11.45 9.83 4.53
C PRO A 54 -10.19 9.95 5.37
N ARG A 55 -10.25 9.45 6.60
CA ARG A 55 -9.10 9.50 7.50
C ARG A 55 -7.83 9.05 6.80
N ALA A 56 -7.90 7.93 6.11
CA ALA A 56 -6.75 7.40 5.38
C ALA A 56 -6.53 8.15 4.07
N THR A 57 -5.32 8.04 3.53
CA THR A 57 -4.98 8.72 2.28
C THR A 57 -3.60 8.31 1.79
N ILE A 58 -3.34 8.51 0.50
CA ILE A 58 -2.06 8.17 -0.09
C ILE A 58 -1.32 9.41 -0.56
N GLN A 59 -0.09 9.58 -0.09
CA GLN A 59 0.73 10.73 -0.47
C GLN A 59 1.34 10.53 -1.85
N GLU A 60 1.89 11.60 -2.41
CA GLU A 60 2.50 11.55 -3.73
C GLU A 60 3.42 10.33 -3.85
N GLN A 61 4.16 10.05 -2.79
CA GLN A 61 5.08 8.92 -2.78
C GLN A 61 4.35 7.63 -2.40
N GLY A 62 3.14 7.46 -2.92
CA GLY A 62 2.36 6.28 -2.62
C GLY A 62 2.49 5.84 -1.18
N THR A 63 2.26 6.76 -0.26
CA THR A 63 2.36 6.47 1.16
C THR A 63 0.99 6.47 1.82
N LEU A 64 0.50 5.27 2.16
CA LEU A 64 -0.80 5.13 2.80
C LEU A 64 -0.73 5.49 4.28
N GLN A 65 -1.32 6.64 4.63
CA GLN A 65 -1.32 7.09 6.02
C GLN A 65 -2.71 6.97 6.63
N ILE A 66 -2.81 6.23 7.73
CA ILE A 66 -4.09 6.04 8.41
C ILE A 66 -4.03 6.57 9.84
N LYS A 67 -4.95 7.47 10.16
CA LYS A 67 -5.01 8.07 11.49
C LYS A 67 -6.11 7.42 12.33
N ASN A 68 -5.99 7.50 13.64
CA ASN A 68 -6.98 6.94 14.54
C ASN A 68 -7.14 5.44 14.30
N LEU A 69 -6.02 4.73 14.25
CA LEU A 69 -6.04 3.29 14.02
C LEU A 69 -6.97 2.59 15.00
N ARG A 70 -7.31 1.34 14.71
CA ARG A 70 -8.20 0.56 15.57
C ARG A 70 -7.88 -0.93 15.47
N ILE A 71 -8.14 -1.66 16.55
CA ILE A 71 -7.89 -3.10 16.57
C ILE A 71 -8.49 -3.79 15.35
N SER A 72 -9.59 -3.23 14.85
CA SER A 72 -10.26 -3.80 13.68
C SER A 72 -9.42 -3.61 12.43
N ASP A 73 -8.81 -2.44 12.30
CA ASP A 73 -7.97 -2.14 11.14
C ASP A 73 -7.02 -3.29 10.85
N THR A 74 -6.50 -3.91 11.90
CA THR A 74 -5.57 -5.02 11.75
C THR A 74 -5.95 -5.89 10.57
N GLY A 75 -4.98 -6.14 9.68
CA GLY A 75 -5.24 -6.96 8.51
C GLY A 75 -4.03 -7.07 7.61
N THR A 76 -4.27 -7.28 6.31
CA THR A 76 -3.19 -7.41 5.35
C THR A 76 -3.39 -6.47 4.17
N TYR A 77 -2.44 -5.57 3.96
CA TYR A 77 -2.51 -4.61 2.87
C TYR A 77 -1.71 -5.08 1.66
N THR A 78 -2.34 -5.08 0.50
CA THR A 78 -1.69 -5.51 -0.73
C THR A 78 -1.60 -4.37 -1.74
N CYS A 79 -0.41 -3.79 -1.85
CA CYS A 79 -0.18 -2.68 -2.78
C CYS A 79 -0.13 -3.19 -4.22
N VAL A 80 -1.06 -2.72 -5.04
CA VAL A 80 -1.13 -3.12 -6.44
C VAL A 80 -0.83 -1.94 -7.36
N ALA A 81 0.18 -2.09 -8.20
CA ALA A 81 0.55 -1.04 -9.15
C ALA A 81 0.20 -1.42 -10.58
N THR A 82 -0.98 -0.98 -11.02
CA THR A 82 -1.44 -1.28 -12.37
C THR A 82 -0.88 -0.28 -13.38
N SER A 83 -0.72 -0.72 -14.62
CA SER A 83 -0.20 0.14 -15.67
C SER A 83 -0.39 -0.50 -17.05
N SER A 84 -0.03 0.23 -18.10
CA SER A 84 -0.17 -0.26 -19.46
C SER A 84 0.74 -1.46 -19.70
N SER A 85 1.88 -1.47 -19.02
CA SER A 85 2.85 -2.55 -19.15
C SER A 85 2.52 -3.70 -18.20
N GLY A 86 1.34 -3.63 -17.60
CA GLY A 86 0.92 -4.66 -16.66
C GLY A 86 0.74 -4.14 -15.26
N GLU A 87 0.54 -5.05 -14.31
CA GLU A 87 0.34 -4.67 -12.92
C GLU A 87 1.11 -5.62 -11.98
N THR A 88 1.13 -5.27 -10.70
CA THR A 88 1.82 -6.07 -9.70
C THR A 88 1.11 -6.03 -8.36
N SER A 89 1.66 -6.72 -7.37
CA SER A 89 1.08 -6.76 -6.04
C SER A 89 2.14 -7.04 -4.98
N TRP A 90 1.87 -6.61 -3.76
CA TRP A 90 2.81 -6.81 -2.66
C TRP A 90 2.11 -7.45 -1.46
N SER A 91 2.89 -7.84 -0.46
CA SER A 91 2.34 -8.45 0.74
C SER A 91 2.82 -7.73 2.00
N ALA A 92 1.91 -7.52 2.94
CA ALA A 92 2.24 -6.83 4.18
C ALA A 92 1.08 -6.94 5.18
N VAL A 93 1.43 -6.92 6.46
CA VAL A 93 0.43 -7.02 7.53
C VAL A 93 0.68 -5.98 8.61
N LEU A 94 -0.37 -5.26 8.98
CA LEU A 94 -0.27 -4.22 10.00
C LEU A 94 -0.88 -4.70 11.31
N ASP A 95 -0.04 -5.21 12.21
CA ASP A 95 -0.51 -5.71 13.50
C ASP A 95 -0.71 -4.55 14.48
N VAL A 96 -1.96 -4.24 14.78
CA VAL A 96 -2.29 -3.16 15.69
C VAL A 96 -2.52 -3.69 17.10
N THR A 97 -1.63 -3.34 18.02
CA THR A 97 -1.74 -3.78 19.41
C THR A 97 -2.13 -2.63 20.32
N GLU A 98 -2.51 -2.96 21.55
CA GLU A 98 -2.92 -1.94 22.52
C GLU A 98 -1.69 -1.35 23.22
N SER A 99 -0.82 -2.23 23.70
CA SER A 99 0.39 -1.79 24.40
C SER A 99 1.61 -1.88 23.48
N GLY A 100 1.43 -1.46 22.23
CA GLY A 100 2.52 -1.50 21.28
C GLY A 100 3.44 -0.30 21.39
N GLY A 1 -1.46 2.59 -30.68
CA GLY A 1 -0.87 3.46 -29.68
C GLY A 1 0.61 3.24 -29.51
N SER A 2 1.11 3.41 -28.29
CA SER A 2 2.53 3.23 -28.01
C SER A 2 2.74 2.13 -26.98
N SER A 3 3.51 1.11 -27.37
CA SER A 3 3.79 -0.01 -26.48
C SER A 3 4.97 -0.83 -26.99
N GLY A 4 5.43 -1.77 -26.17
CA GLY A 4 6.55 -2.60 -26.56
C GLY A 4 6.99 -3.55 -25.46
N SER A 5 8.28 -3.59 -25.18
CA SER A 5 8.83 -4.45 -24.14
C SER A 5 9.53 -3.64 -23.07
N SER A 6 8.95 -2.49 -22.73
CA SER A 6 9.53 -1.61 -21.72
C SER A 6 9.74 -2.37 -20.41
N GLY A 7 8.67 -2.93 -19.87
CA GLY A 7 8.77 -3.67 -18.63
C GLY A 7 7.60 -3.38 -17.69
N PRO A 8 7.16 -4.42 -16.96
CA PRO A 8 6.05 -4.30 -16.02
C PRO A 8 6.41 -3.47 -14.79
N PRO A 9 5.38 -3.02 -14.05
CA PRO A 9 5.58 -2.22 -12.84
C PRO A 9 6.18 -3.02 -11.70
N ILE A 10 7.33 -2.57 -11.21
CA ILE A 10 8.01 -3.24 -10.11
C ILE A 10 8.01 -2.39 -8.85
N ILE A 11 7.54 -2.96 -7.75
CA ILE A 11 7.49 -2.26 -6.47
C ILE A 11 8.84 -2.28 -5.78
N LEU A 12 9.70 -1.33 -6.14
CA LEU A 12 11.04 -1.23 -5.54
C LEU A 12 10.97 -1.43 -4.04
N GLN A 13 10.15 -0.62 -3.38
CA GLN A 13 9.99 -0.70 -1.93
C GLN A 13 8.53 -0.77 -1.54
N GLY A 14 8.01 -1.99 -1.37
CA GLY A 14 6.63 -2.17 -1.00
C GLY A 14 6.43 -2.22 0.51
N PRO A 15 5.19 -2.53 0.93
CA PRO A 15 4.85 -2.62 2.35
C PRO A 15 5.49 -3.83 3.03
N ALA A 16 5.20 -4.00 4.31
CA ALA A 16 5.75 -5.12 5.08
C ALA A 16 5.03 -5.28 6.42
N ASN A 17 5.26 -6.41 7.07
CA ASN A 17 4.63 -6.68 8.36
C ASN A 17 5.24 -5.82 9.46
N GLN A 18 4.47 -4.86 9.95
CA GLN A 18 4.94 -3.96 11.00
C GLN A 18 3.97 -3.96 12.18
N THR A 19 4.52 -3.93 13.39
CA THR A 19 3.70 -3.93 14.60
C THR A 19 3.67 -2.54 15.23
N LEU A 20 2.65 -1.76 14.91
CA LEU A 20 2.51 -0.42 15.44
C LEU A 20 1.46 -0.39 16.56
N ALA A 21 1.22 0.80 17.11
CA ALA A 21 0.25 0.97 18.17
C ALA A 21 -1.09 1.47 17.62
N VAL A 22 -2.13 1.41 18.45
CA VAL A 22 -3.46 1.84 18.05
C VAL A 22 -3.65 3.33 18.31
N ASP A 23 -4.51 3.96 17.51
CA ASP A 23 -4.78 5.39 17.67
C ASP A 23 -3.54 6.22 17.33
N GLY A 24 -2.92 5.91 16.20
CA GLY A 24 -1.74 6.63 15.78
C GLY A 24 -1.71 6.90 14.29
N THR A 25 -0.62 6.52 13.63
CA THR A 25 -0.48 6.72 12.20
C THR A 25 0.43 5.66 11.58
N ALA A 26 -0.16 4.77 10.79
CA ALA A 26 0.60 3.71 10.13
C ALA A 26 1.03 4.12 8.73
N LEU A 27 2.28 4.52 8.59
CA LEU A 27 2.82 4.94 7.30
C LEU A 27 3.34 3.74 6.51
N LEU A 28 2.58 3.32 5.50
CA LEU A 28 2.98 2.19 4.67
C LEU A 28 3.78 2.65 3.46
N LYS A 29 4.99 2.13 3.33
CA LYS A 29 5.86 2.49 2.22
C LYS A 29 5.58 1.62 1.00
N CYS A 30 5.35 2.25 -0.14
CA CYS A 30 5.06 1.54 -1.38
C CYS A 30 5.48 2.37 -2.59
N LYS A 31 6.52 1.93 -3.27
CA LYS A 31 7.02 2.63 -4.46
C LYS A 31 7.18 1.67 -5.63
N ALA A 32 6.69 2.09 -6.79
CA ALA A 32 6.78 1.26 -8.00
C ALA A 32 7.32 2.06 -9.17
N THR A 33 8.01 1.38 -10.08
CA THR A 33 8.59 2.03 -11.25
C THR A 33 7.96 1.50 -12.54
N GLY A 34 7.87 2.36 -13.55
CA GLY A 34 7.28 1.96 -14.81
C GLY A 34 6.65 3.13 -15.56
N ASP A 35 6.79 3.13 -16.88
CA ASP A 35 6.23 4.19 -17.70
C ASP A 35 5.10 3.67 -18.57
N PRO A 36 3.90 4.26 -18.43
CA PRO A 36 3.68 5.37 -17.49
C PRO A 36 3.74 4.91 -16.04
N LEU A 37 3.76 5.87 -15.12
CA LEU A 37 3.81 5.57 -13.69
C LEU A 37 2.59 4.76 -13.26
N PRO A 38 2.83 3.69 -12.48
CA PRO A 38 1.76 2.83 -11.99
C PRO A 38 0.89 3.51 -10.94
N VAL A 39 -0.37 3.09 -10.85
CA VAL A 39 -1.30 3.66 -9.90
C VAL A 39 -1.27 2.90 -8.57
N ILE A 40 -0.50 3.42 -7.62
CA ILE A 40 -0.38 2.79 -6.31
C ILE A 40 -1.74 2.66 -5.64
N SER A 41 -2.18 1.41 -5.45
CA SER A 41 -3.47 1.14 -4.83
C SER A 41 -3.28 0.36 -3.53
N TRP A 42 -4.39 -0.01 -2.91
CA TRP A 42 -4.36 -0.76 -1.66
C TRP A 42 -5.64 -1.57 -1.47
N LEU A 43 -5.49 -2.86 -1.18
CA LEU A 43 -6.63 -3.73 -0.97
C LEU A 43 -6.62 -4.33 0.43
N LYS A 44 -7.63 -4.00 1.22
CA LYS A 44 -7.74 -4.51 2.58
C LYS A 44 -8.52 -5.82 2.62
N GLU A 45 -7.81 -6.92 2.86
CA GLU A 45 -8.43 -8.24 2.92
C GLU A 45 -9.31 -8.48 1.69
N GLY A 46 -8.78 -8.14 0.52
CA GLY A 46 -9.54 -8.32 -0.72
C GLY A 46 -10.72 -7.40 -0.81
N PHE A 47 -10.49 -6.11 -0.59
CA PHE A 47 -11.55 -5.11 -0.66
C PHE A 47 -10.99 -3.72 -0.89
N THR A 48 -11.72 -2.91 -1.64
CA THR A 48 -11.29 -1.54 -1.94
C THR A 48 -10.73 -0.86 -0.70
N PHE A 49 -9.62 -0.15 -0.88
CA PHE A 49 -8.97 0.56 0.23
C PHE A 49 -7.96 1.57 -0.29
N PRO A 50 -7.95 2.76 0.33
CA PRO A 50 -8.85 3.08 1.45
C PRO A 50 -10.30 3.22 1.00
N GLY A 51 -10.49 3.76 -0.20
CA GLY A 51 -11.84 3.94 -0.73
C GLY A 51 -12.64 4.96 0.07
N ARG A 52 -13.55 4.47 0.89
CA ARG A 52 -14.39 5.34 1.71
C ARG A 52 -13.82 5.49 3.12
N ASP A 53 -12.80 6.33 3.25
CA ASP A 53 -12.17 6.56 4.55
C ASP A 53 -11.54 7.95 4.61
N PRO A 54 -12.09 8.81 5.46
CA PRO A 54 -11.61 10.19 5.63
C PRO A 54 -10.25 10.23 6.32
N ARG A 55 -9.92 9.18 7.07
CA ARG A 55 -8.66 9.10 7.78
C ARG A 55 -7.57 8.54 6.88
N ALA A 56 -7.91 7.53 6.09
CA ALA A 56 -6.95 6.90 5.18
C ALA A 56 -6.77 7.74 3.92
N THR A 57 -5.61 7.64 3.31
CA THR A 57 -5.31 8.39 2.10
C THR A 57 -3.95 7.98 1.52
N ILE A 58 -3.78 8.21 0.22
CA ILE A 58 -2.53 7.87 -0.45
C ILE A 58 -1.80 9.13 -0.93
N GLN A 59 -0.48 9.11 -0.81
CA GLN A 59 0.33 10.25 -1.21
C GLN A 59 0.60 10.20 -2.71
N GLU A 60 1.21 11.27 -3.24
CA GLU A 60 1.52 11.36 -4.66
C GLU A 60 2.32 10.14 -5.11
N GLN A 61 3.23 9.69 -4.26
CA GLN A 61 4.06 8.52 -4.58
C GLN A 61 3.29 7.22 -4.38
N GLY A 62 2.54 7.16 -3.27
CA GLY A 62 1.76 5.96 -2.98
C GLY A 62 1.87 5.54 -1.53
N THR A 63 2.09 6.51 -0.64
CA THR A 63 2.22 6.23 0.78
C THR A 63 0.85 6.21 1.46
N LEU A 64 0.48 5.05 1.98
CA LEU A 64 -0.80 4.88 2.66
C LEU A 64 -0.69 5.33 4.12
N GLN A 65 -1.40 6.41 4.45
CA GLN A 65 -1.40 6.94 5.81
C GLN A 65 -2.77 6.79 6.45
N ILE A 66 -2.86 5.90 7.45
CA ILE A 66 -4.12 5.67 8.14
C ILE A 66 -4.05 6.19 9.58
N LYS A 67 -4.84 7.23 9.86
CA LYS A 67 -4.88 7.82 11.20
C LYS A 67 -5.98 7.19 12.03
N ASN A 68 -5.86 7.32 13.35
CA ASN A 68 -6.85 6.77 14.27
C ASN A 68 -6.92 5.25 14.13
N LEU A 69 -5.77 4.61 14.06
CA LEU A 69 -5.70 3.16 13.93
C LEU A 69 -6.56 2.48 15.00
N ARG A 70 -7.15 1.35 14.63
CA ARG A 70 -8.00 0.60 15.56
C ARG A 70 -7.66 -0.89 15.52
N ILE A 71 -7.82 -1.56 16.64
CA ILE A 71 -7.54 -2.99 16.74
C ILE A 71 -8.15 -3.74 15.56
N SER A 72 -9.16 -3.14 14.94
CA SER A 72 -9.84 -3.76 13.81
C SER A 72 -9.02 -3.58 12.53
N ASP A 73 -8.41 -2.42 12.39
CA ASP A 73 -7.59 -2.13 11.21
C ASP A 73 -6.65 -3.29 10.90
N THR A 74 -6.15 -3.93 11.95
CA THR A 74 -5.23 -5.06 11.78
C THR A 74 -5.66 -5.95 10.62
N GLY A 75 -5.00 -5.77 9.48
CA GLY A 75 -5.32 -6.56 8.31
C GLY A 75 -4.16 -6.67 7.33
N THR A 76 -4.40 -7.33 6.21
CA THR A 76 -3.35 -7.50 5.19
C THR A 76 -3.49 -6.46 4.10
N TYR A 77 -2.54 -5.53 4.06
CA TYR A 77 -2.54 -4.47 3.05
C TYR A 77 -1.79 -4.90 1.79
N THR A 78 -2.51 -4.98 0.68
CA THR A 78 -1.92 -5.38 -0.58
C THR A 78 -1.77 -4.18 -1.52
N CYS A 79 -0.52 -3.81 -1.81
CA CYS A 79 -0.24 -2.68 -2.70
C CYS A 79 -0.13 -3.15 -4.14
N VAL A 80 -1.06 -2.70 -4.98
CA VAL A 80 -1.06 -3.07 -6.39
C VAL A 80 -0.70 -1.88 -7.26
N ALA A 81 0.17 -2.12 -8.25
CA ALA A 81 0.59 -1.06 -9.16
C ALA A 81 0.18 -1.38 -10.60
N THR A 82 -0.95 -0.84 -11.02
CA THR A 82 -1.45 -1.08 -12.38
C THR A 82 -0.83 -0.10 -13.37
N SER A 83 -0.63 -0.56 -14.59
CA SER A 83 -0.04 0.27 -15.64
C SER A 83 -0.11 -0.42 -16.99
N SER A 84 -0.23 0.37 -18.05
CA SER A 84 -0.30 -0.17 -19.40
C SER A 84 0.71 -1.29 -19.60
N SER A 85 1.89 -1.12 -19.02
CA SER A 85 2.95 -2.11 -19.14
C SER A 85 2.51 -3.45 -18.53
N GLY A 86 2.12 -3.40 -17.26
CA GLY A 86 1.68 -4.61 -16.58
C GLY A 86 0.97 -4.32 -15.27
N GLU A 87 1.15 -5.20 -14.30
CA GLU A 87 0.51 -5.03 -12.99
C GLU A 87 1.16 -5.94 -11.96
N THR A 88 1.49 -5.37 -10.80
CA THR A 88 2.12 -6.12 -9.72
C THR A 88 1.41 -5.86 -8.39
N SER A 89 1.64 -6.75 -7.42
CA SER A 89 1.03 -6.63 -6.11
C SER A 89 2.00 -7.06 -5.02
N TRP A 90 1.88 -6.45 -3.84
CA TRP A 90 2.74 -6.78 -2.72
C TRP A 90 1.94 -7.39 -1.58
N SER A 91 2.64 -7.99 -0.62
CA SER A 91 1.99 -8.62 0.52
C SER A 91 2.50 -8.02 1.84
N ALA A 92 1.59 -7.84 2.78
CA ALA A 92 1.95 -7.27 4.08
C ALA A 92 0.79 -7.38 5.06
N VAL A 93 1.09 -7.26 6.35
CA VAL A 93 0.07 -7.34 7.39
C VAL A 93 0.41 -6.41 8.55
N LEU A 94 -0.50 -5.50 8.85
CA LEU A 94 -0.31 -4.55 9.95
C LEU A 94 -0.91 -5.09 11.25
N ASP A 95 -0.10 -5.13 12.29
CA ASP A 95 -0.55 -5.61 13.59
C ASP A 95 -0.69 -4.46 14.59
N VAL A 96 -1.88 -3.89 14.67
CA VAL A 96 -2.14 -2.78 15.58
C VAL A 96 -2.39 -3.28 16.99
N THR A 97 -1.58 -2.81 17.93
CA THR A 97 -1.72 -3.21 19.33
C THR A 97 -2.13 -2.03 20.20
N GLU A 98 -2.60 -2.33 21.41
CA GLU A 98 -3.02 -1.29 22.34
C GLU A 98 -1.82 -0.57 22.95
N SER A 99 -0.72 -1.31 23.13
CA SER A 99 0.49 -0.76 23.70
C SER A 99 1.50 -0.40 22.61
N GLY A 100 1.82 -1.39 21.77
CA GLY A 100 2.77 -1.16 20.70
C GLY A 100 3.91 -0.24 21.10
N GLY A 1 15.25 -9.68 -22.37
CA GLY A 1 15.87 -9.14 -21.16
C GLY A 1 14.93 -8.24 -20.38
N SER A 2 14.77 -8.55 -19.10
CA SER A 2 13.88 -7.76 -18.24
C SER A 2 14.40 -6.34 -18.11
N SER A 3 15.67 -6.19 -17.81
CA SER A 3 16.29 -4.87 -17.65
C SER A 3 16.56 -4.24 -19.01
N GLY A 4 16.34 -2.94 -19.10
CA GLY A 4 16.56 -2.23 -20.34
C GLY A 4 15.29 -1.58 -20.88
N SER A 5 14.75 -2.15 -21.95
CA SER A 5 13.55 -1.62 -22.56
C SER A 5 12.43 -1.47 -21.53
N SER A 6 11.63 -0.42 -21.66
CA SER A 6 10.53 -0.16 -20.75
C SER A 6 9.66 -1.42 -20.58
N GLY A 7 9.58 -1.92 -19.36
CA GLY A 7 8.80 -3.10 -19.09
C GLY A 7 7.64 -2.82 -18.14
N PRO A 8 7.16 -3.88 -17.48
CA PRO A 8 6.05 -3.78 -16.52
C PRO A 8 6.45 -3.05 -15.24
N PRO A 9 5.46 -2.68 -14.43
CA PRO A 9 5.69 -1.98 -13.16
C PRO A 9 6.35 -2.86 -12.12
N ILE A 10 7.29 -2.29 -11.37
CA ILE A 10 8.00 -3.03 -10.34
C ILE A 10 8.10 -2.22 -9.05
N ILE A 11 7.62 -2.79 -7.95
CA ILE A 11 7.67 -2.11 -6.66
C ILE A 11 9.09 -2.13 -6.08
N LEU A 12 9.82 -1.05 -6.31
CA LEU A 12 11.19 -0.94 -5.81
C LEU A 12 11.25 -1.28 -4.32
N GLN A 13 10.27 -0.79 -3.57
CA GLN A 13 10.21 -1.04 -2.14
C GLN A 13 8.77 -1.00 -1.63
N GLY A 14 8.22 -2.17 -1.33
CA GLY A 14 6.86 -2.23 -0.84
C GLY A 14 6.78 -2.14 0.68
N PRO A 15 5.57 -2.38 1.23
CA PRO A 15 5.34 -2.33 2.67
C PRO A 15 6.02 -3.48 3.41
N ALA A 16 5.74 -3.59 4.71
CA ALA A 16 6.32 -4.65 5.52
C ALA A 16 5.51 -4.86 6.80
N ASN A 17 5.70 -6.01 7.44
CA ASN A 17 4.98 -6.33 8.66
C ASN A 17 5.42 -5.41 9.80
N GLN A 18 4.55 -4.46 10.16
CA GLN A 18 4.85 -3.53 11.22
C GLN A 18 3.84 -3.66 12.36
N THR A 19 4.33 -3.59 13.60
CA THR A 19 3.47 -3.70 14.76
C THR A 19 3.25 -2.35 15.42
N LEU A 20 2.15 -1.69 15.06
CA LEU A 20 1.82 -0.38 15.61
C LEU A 20 0.89 -0.52 16.81
N ALA A 21 0.49 0.61 17.37
CA ALA A 21 -0.40 0.62 18.52
C ALA A 21 -1.66 1.42 18.23
N VAL A 22 -2.81 0.84 18.55
CA VAL A 22 -4.09 1.51 18.32
C VAL A 22 -3.98 3.01 18.52
N ASP A 23 -4.70 3.76 17.70
CA ASP A 23 -4.69 5.23 17.79
C ASP A 23 -3.28 5.76 17.52
N GLY A 24 -2.65 5.29 16.45
CA GLY A 24 -1.31 5.73 16.12
C GLY A 24 -1.22 6.29 14.71
N THR A 25 -0.29 5.78 13.93
CA THR A 25 -0.09 6.23 12.56
C THR A 25 0.57 5.16 11.71
N ALA A 26 -0.15 4.64 10.73
CA ALA A 26 0.37 3.61 9.85
C ALA A 26 0.92 4.21 8.56
N LEU A 27 2.25 4.27 8.46
CA LEU A 27 2.90 4.82 7.29
C LEU A 27 3.47 3.72 6.40
N LEU A 28 2.63 3.20 5.49
CA LEU A 28 3.05 2.14 4.59
C LEU A 28 3.66 2.72 3.32
N LYS A 29 4.95 2.47 3.12
CA LYS A 29 5.66 2.97 1.95
C LYS A 29 5.48 2.02 0.77
N CYS A 30 5.45 2.58 -0.44
CA CYS A 30 5.28 1.79 -1.65
C CYS A 30 5.72 2.57 -2.88
N LYS A 31 6.83 2.15 -3.48
CA LYS A 31 7.36 2.81 -4.67
C LYS A 31 7.44 1.84 -5.84
N ALA A 32 6.88 2.23 -6.98
CA ALA A 32 6.89 1.40 -8.18
C ALA A 32 7.32 2.19 -9.40
N THR A 33 8.21 1.61 -10.19
CA THR A 33 8.70 2.28 -11.40
C THR A 33 8.15 1.60 -12.66
N GLY A 34 7.79 2.42 -13.65
CA GLY A 34 7.26 1.88 -14.89
C GLY A 34 6.71 2.97 -15.79
N ASP A 35 6.32 2.58 -17.01
CA ASP A 35 5.77 3.51 -17.97
C ASP A 35 4.64 2.87 -18.78
N PRO A 36 3.45 3.49 -18.72
CA PRO A 36 3.22 4.70 -17.94
C PRO A 36 3.27 4.44 -16.44
N LEU A 37 3.29 5.53 -15.66
CA LEU A 37 3.33 5.41 -14.21
C LEU A 37 2.18 4.55 -13.69
N PRO A 38 2.51 3.57 -12.83
CA PRO A 38 1.51 2.67 -12.24
C PRO A 38 0.60 3.38 -11.25
N VAL A 39 -0.62 2.88 -11.12
CA VAL A 39 -1.60 3.46 -10.20
C VAL A 39 -1.65 2.69 -8.89
N ILE A 40 -0.77 3.06 -7.96
CA ILE A 40 -0.72 2.42 -6.66
C ILE A 40 -2.11 2.26 -6.05
N SER A 41 -2.42 1.07 -5.58
CA SER A 41 -3.72 0.78 -4.97
C SER A 41 -3.59 -0.25 -3.86
N TRP A 42 -4.30 -0.02 -2.77
CA TRP A 42 -4.28 -0.93 -1.62
C TRP A 42 -5.59 -1.70 -1.50
N LEU A 43 -5.49 -2.98 -1.19
CA LEU A 43 -6.67 -3.82 -1.03
C LEU A 43 -6.68 -4.51 0.32
N LYS A 44 -7.70 -4.22 1.13
CA LYS A 44 -7.82 -4.82 2.46
C LYS A 44 -8.53 -6.16 2.37
N GLU A 45 -7.76 -7.24 2.38
CA GLU A 45 -8.32 -8.59 2.31
C GLU A 45 -9.15 -8.77 1.04
N GLY A 46 -8.72 -8.12 -0.03
CA GLY A 46 -9.43 -8.22 -1.29
C GLY A 46 -10.61 -7.26 -1.36
N PHE A 47 -10.37 -6.01 -1.00
CA PHE A 47 -11.42 -5.00 -1.02
C PHE A 47 -10.82 -3.59 -1.16
N THR A 48 -11.54 -2.72 -1.86
CA THR A 48 -11.08 -1.35 -2.07
C THR A 48 -10.69 -0.69 -0.75
N PHE A 49 -9.57 0.02 -0.76
CA PHE A 49 -9.09 0.70 0.44
C PHE A 49 -8.00 1.70 0.09
N PRO A 50 -8.04 2.87 0.74
CA PRO A 50 -9.07 3.19 1.74
C PRO A 50 -10.44 3.38 1.10
N GLY A 51 -10.49 4.11 0.00
CA GLY A 51 -11.75 4.35 -0.68
C GLY A 51 -12.35 5.69 -0.34
N ARG A 52 -13.43 5.68 0.44
CA ARG A 52 -14.11 6.91 0.84
C ARG A 52 -13.50 7.46 2.13
N ASP A 53 -13.23 6.57 3.07
CA ASP A 53 -12.66 6.96 4.36
C ASP A 53 -11.66 8.11 4.18
N PRO A 54 -12.00 9.28 4.72
CA PRO A 54 -11.15 10.47 4.64
C PRO A 54 -9.89 10.33 5.48
N ARG A 55 -10.05 9.96 6.75
CA ARG A 55 -8.92 9.80 7.65
C ARG A 55 -7.77 9.07 6.96
N ALA A 56 -8.12 8.10 6.11
CA ALA A 56 -7.12 7.32 5.39
C ALA A 56 -6.78 7.99 4.05
N THR A 57 -5.54 8.44 3.93
CA THR A 57 -5.08 9.10 2.71
C THR A 57 -3.72 8.58 2.28
N ILE A 58 -3.40 8.75 1.00
CA ILE A 58 -2.11 8.30 0.47
C ILE A 58 -1.32 9.46 -0.10
N GLN A 59 -0.10 9.65 0.43
CA GLN A 59 0.76 10.73 -0.03
C GLN A 59 1.16 10.54 -1.49
N GLU A 60 1.62 11.60 -2.12
CA GLU A 60 2.04 11.54 -3.52
C GLU A 60 3.01 10.39 -3.75
N GLN A 61 3.60 9.88 -2.67
CA GLN A 61 4.54 8.78 -2.76
C GLN A 61 3.89 7.48 -2.30
N GLY A 62 2.71 7.20 -2.83
CA GLY A 62 2.00 5.98 -2.45
C GLY A 62 2.13 5.65 -0.99
N THR A 63 2.37 6.68 -0.17
CA THR A 63 2.53 6.50 1.27
C THR A 63 1.17 6.50 1.97
N LEU A 64 0.63 5.32 2.18
CA LEU A 64 -0.66 5.18 2.85
C LEU A 64 -0.56 5.55 4.32
N GLN A 65 -1.19 6.66 4.69
CA GLN A 65 -1.18 7.12 6.08
C GLN A 65 -2.56 7.01 6.71
N ILE A 66 -2.66 6.19 7.75
CA ILE A 66 -3.92 6.00 8.45
C ILE A 66 -3.83 6.45 9.90
N LYS A 67 -4.64 7.45 10.26
CA LYS A 67 -4.65 7.97 11.61
C LYS A 67 -5.76 7.32 12.45
N ASN A 68 -5.62 7.39 13.77
CA ASN A 68 -6.60 6.81 14.67
C ASN A 68 -6.78 5.31 14.39
N LEU A 69 -5.66 4.61 14.24
CA LEU A 69 -5.69 3.17 13.97
C LEU A 69 -6.54 2.45 14.99
N ARG A 70 -7.02 1.26 14.63
CA ARG A 70 -7.86 0.46 15.52
C ARG A 70 -7.58 -1.03 15.32
N ILE A 71 -7.62 -1.78 16.42
CA ILE A 71 -7.38 -3.22 16.37
C ILE A 71 -8.01 -3.83 15.14
N SER A 72 -9.19 -3.35 14.77
CA SER A 72 -9.90 -3.86 13.59
C SER A 72 -9.11 -3.59 12.33
N ASP A 73 -8.56 -2.39 12.22
CA ASP A 73 -7.77 -2.01 11.04
C ASP A 73 -6.79 -3.11 10.66
N THR A 74 -6.37 -3.90 11.65
CA THR A 74 -5.44 -4.99 11.42
C THR A 74 -5.89 -5.86 10.25
N GLY A 75 -4.96 -6.15 9.34
CA GLY A 75 -5.29 -6.97 8.19
C GLY A 75 -4.10 -7.20 7.29
N THR A 76 -4.36 -7.61 6.06
CA THR A 76 -3.30 -7.87 5.08
C THR A 76 -3.39 -6.93 3.90
N TYR A 77 -2.66 -5.82 3.98
CA TYR A 77 -2.67 -4.83 2.91
C TYR A 77 -1.96 -5.36 1.67
N THR A 78 -2.42 -4.93 0.50
CA THR A 78 -1.83 -5.37 -0.76
C THR A 78 -1.61 -4.20 -1.70
N CYS A 79 -0.37 -3.73 -1.78
CA CYS A 79 -0.02 -2.61 -2.64
C CYS A 79 0.20 -3.07 -4.07
N VAL A 80 -0.81 -2.84 -4.92
CA VAL A 80 -0.72 -3.24 -6.32
C VAL A 80 -0.56 -2.02 -7.22
N ALA A 81 0.25 -2.17 -8.27
CA ALA A 81 0.48 -1.08 -9.21
C ALA A 81 0.07 -1.49 -10.63
N THR A 82 -1.12 -1.06 -11.04
CA THR A 82 -1.62 -1.38 -12.37
C THR A 82 -1.08 -0.40 -13.41
N SER A 83 -0.92 -0.88 -14.64
CA SER A 83 -0.40 -0.06 -15.72
C SER A 83 -0.48 -0.80 -17.05
N SER A 84 -0.84 -0.08 -18.11
CA SER A 84 -0.96 -0.67 -19.44
C SER A 84 0.14 -1.72 -19.66
N SER A 85 1.34 -1.41 -19.20
CA SER A 85 2.47 -2.32 -19.35
C SER A 85 2.20 -3.65 -18.66
N GLY A 86 2.08 -3.61 -17.34
CA GLY A 86 1.81 -4.83 -16.57
C GLY A 86 1.15 -4.53 -15.24
N GLU A 87 1.44 -5.37 -14.25
CA GLU A 87 0.87 -5.20 -12.91
C GLU A 87 1.62 -6.03 -11.88
N THR A 88 1.74 -5.50 -10.67
CA THR A 88 2.44 -6.20 -9.60
C THR A 88 1.82 -5.88 -8.24
N SER A 89 1.65 -6.91 -7.43
CA SER A 89 1.06 -6.75 -6.11
C SER A 89 2.05 -7.15 -5.02
N TRP A 90 1.85 -6.62 -3.82
CA TRP A 90 2.72 -6.92 -2.69
C TRP A 90 1.94 -7.56 -1.54
N SER A 91 2.65 -7.95 -0.49
CA SER A 91 2.03 -8.58 0.66
C SER A 91 2.60 -8.02 1.96
N ALA A 92 1.71 -7.65 2.88
CA ALA A 92 2.13 -7.11 4.16
C ALA A 92 1.04 -7.27 5.21
N VAL A 93 1.31 -6.80 6.43
CA VAL A 93 0.34 -6.90 7.51
C VAL A 93 0.52 -5.75 8.50
N LEU A 94 -0.57 -5.39 9.18
CA LEU A 94 -0.54 -4.31 10.15
C LEU A 94 -1.12 -4.76 11.49
N ASP A 95 -0.26 -5.17 12.41
CA ASP A 95 -0.69 -5.62 13.72
C ASP A 95 -0.76 -4.46 14.70
N VAL A 96 -1.97 -4.02 15.01
CA VAL A 96 -2.19 -2.92 15.94
C VAL A 96 -2.45 -3.43 17.36
N THR A 97 -1.73 -2.85 18.33
CA THR A 97 -1.88 -3.23 19.72
C THR A 97 -2.38 -2.08 20.57
N GLU A 98 -3.44 -2.31 21.32
CA GLU A 98 -4.03 -1.29 22.18
C GLU A 98 -2.94 -0.60 23.02
N SER A 99 -2.07 -1.40 23.62
CA SER A 99 -0.99 -0.88 24.44
C SER A 99 0.35 -1.48 24.03
N GLY A 100 0.68 -1.36 22.75
CA GLY A 100 1.93 -1.90 22.25
C GLY A 100 3.09 -1.63 23.19
N GLY A 1 21.21 -3.18 -11.22
CA GLY A 1 21.28 -2.21 -12.29
C GLY A 1 19.93 -1.62 -12.64
N SER A 2 19.93 -0.54 -13.41
CA SER A 2 18.70 0.13 -13.81
C SER A 2 18.64 0.29 -15.32
N SER A 3 18.17 -0.75 -16.01
CA SER A 3 18.06 -0.72 -17.46
C SER A 3 16.61 -0.56 -17.89
N GLY A 4 16.40 -0.37 -19.19
CA GLY A 4 15.06 -0.20 -19.71
C GLY A 4 14.65 -1.33 -20.64
N SER A 5 13.89 -2.29 -20.11
CA SER A 5 13.44 -3.43 -20.90
C SER A 5 11.94 -3.64 -20.73
N SER A 6 11.22 -3.64 -21.85
CA SER A 6 9.77 -3.83 -21.83
C SER A 6 9.38 -4.84 -20.77
N GLY A 7 8.61 -4.40 -19.77
CA GLY A 7 8.17 -5.28 -18.71
C GLY A 7 7.14 -4.63 -17.81
N PRO A 8 6.55 -5.43 -16.91
CA PRO A 8 5.53 -4.96 -15.98
C PRO A 8 6.11 -4.03 -14.91
N PRO A 9 5.22 -3.38 -14.15
CA PRO A 9 5.62 -2.45 -13.08
C PRO A 9 6.25 -3.17 -11.90
N ILE A 10 7.32 -2.60 -11.37
CA ILE A 10 8.02 -3.18 -10.22
C ILE A 10 7.98 -2.24 -9.02
N ILE A 11 7.78 -2.82 -7.84
CA ILE A 11 7.73 -2.03 -6.62
C ILE A 11 9.10 -1.97 -5.93
N LEU A 12 9.90 -0.99 -6.33
CA LEU A 12 11.24 -0.83 -5.75
C LEU A 12 11.24 -1.13 -4.26
N GLN A 13 10.23 -0.62 -3.57
CA GLN A 13 10.10 -0.83 -2.12
C GLN A 13 8.65 -0.76 -1.68
N GLY A 14 8.07 -1.93 -1.38
CA GLY A 14 6.69 -1.97 -0.95
C GLY A 14 6.55 -1.97 0.56
N PRO A 15 5.35 -2.32 1.06
CA PRO A 15 5.07 -2.36 2.49
C PRO A 15 5.80 -3.49 3.19
N ALA A 16 5.48 -3.69 4.47
CA ALA A 16 6.11 -4.75 5.26
C ALA A 16 5.38 -4.95 6.59
N ASN A 17 5.58 -6.12 7.18
CA ASN A 17 4.93 -6.44 8.45
C ASN A 17 5.38 -5.48 9.55
N GLN A 18 4.50 -4.55 9.92
CA GLN A 18 4.82 -3.57 10.95
C GLN A 18 3.91 -3.76 12.17
N THR A 19 4.42 -3.43 13.35
CA THR A 19 3.67 -3.56 14.59
C THR A 19 3.45 -2.20 15.24
N LEU A 20 2.26 -1.64 15.02
CA LEU A 20 1.92 -0.33 15.60
C LEU A 20 0.97 -0.49 16.78
N ALA A 21 0.62 0.63 17.39
CA ALA A 21 -0.29 0.62 18.54
C ALA A 21 -1.55 1.43 18.25
N VAL A 22 -2.70 0.84 18.55
CA VAL A 22 -3.98 1.52 18.32
C VAL A 22 -3.86 3.02 18.57
N ASP A 23 -4.72 3.79 17.91
CA ASP A 23 -4.71 5.24 18.06
C ASP A 23 -3.35 5.82 17.70
N GLY A 24 -2.75 5.29 16.65
CA GLY A 24 -1.45 5.76 16.20
C GLY A 24 -1.47 6.29 14.79
N THR A 25 -0.50 5.86 13.99
CA THR A 25 -0.40 6.30 12.60
C THR A 25 0.36 5.28 11.75
N ALA A 26 -0.33 4.71 10.78
CA ALA A 26 0.28 3.72 9.89
C ALA A 26 0.79 4.37 8.61
N LEU A 27 2.10 4.32 8.41
CA LEU A 27 2.73 4.91 7.22
C LEU A 27 3.27 3.82 6.30
N LEU A 28 2.40 3.28 5.46
CA LEU A 28 2.79 2.24 4.52
C LEU A 28 3.55 2.83 3.33
N LYS A 29 4.77 2.34 3.12
CA LYS A 29 5.60 2.82 2.01
C LYS A 29 5.48 1.89 0.80
N CYS A 30 5.29 2.48 -0.36
CA CYS A 30 5.16 1.70 -1.59
C CYS A 30 5.50 2.55 -2.82
N LYS A 31 6.61 2.22 -3.47
CA LYS A 31 7.05 2.95 -4.65
C LYS A 31 7.28 2.00 -5.82
N ALA A 32 6.66 2.30 -6.96
CA ALA A 32 6.80 1.48 -8.15
C ALA A 32 7.29 2.30 -9.33
N THR A 33 7.99 1.66 -10.26
CA THR A 33 8.52 2.32 -11.43
C THR A 33 8.05 1.65 -12.71
N GLY A 34 8.04 2.40 -13.81
CA GLY A 34 7.62 1.84 -15.08
C GLY A 34 7.03 2.90 -16.01
N ASP A 35 6.94 2.58 -17.29
CA ASP A 35 6.39 3.50 -18.28
C ASP A 35 5.28 2.83 -19.09
N PRO A 36 4.06 3.39 -18.99
CA PRO A 36 3.80 4.57 -18.17
C PRO A 36 3.87 4.26 -16.67
N LEU A 37 3.74 5.29 -15.85
CA LEU A 37 3.80 5.13 -14.40
C LEU A 37 2.58 4.38 -13.89
N PRO A 38 2.81 3.41 -12.99
CA PRO A 38 1.74 2.59 -12.40
C PRO A 38 0.87 3.40 -11.45
N VAL A 39 -0.38 2.97 -11.31
CA VAL A 39 -1.33 3.65 -10.43
C VAL A 39 -1.41 2.97 -9.07
N ILE A 40 -0.42 3.26 -8.22
CA ILE A 40 -0.38 2.68 -6.88
C ILE A 40 -1.78 2.55 -6.29
N SER A 41 -1.97 1.51 -5.49
CA SER A 41 -3.26 1.26 -4.85
C SER A 41 -3.11 0.32 -3.66
N TRP A 42 -4.12 0.32 -2.79
CA TRP A 42 -4.10 -0.54 -1.61
C TRP A 42 -5.42 -1.29 -1.46
N LEU A 43 -5.32 -2.59 -1.21
CA LEU A 43 -6.51 -3.42 -1.06
C LEU A 43 -6.52 -4.10 0.31
N LYS A 44 -7.64 -3.96 1.02
CA LYS A 44 -7.78 -4.56 2.34
C LYS A 44 -8.55 -5.88 2.27
N GLU A 45 -7.82 -6.99 2.25
CA GLU A 45 -8.43 -8.31 2.18
C GLU A 45 -9.23 -8.46 0.89
N GLY A 46 -8.68 -7.96 -0.21
CA GLY A 46 -9.35 -8.06 -1.49
C GLY A 46 -10.51 -7.09 -1.61
N PHE A 47 -10.32 -5.87 -1.12
CA PHE A 47 -11.36 -4.85 -1.17
C PHE A 47 -10.75 -3.46 -1.29
N THR A 48 -11.51 -2.52 -1.87
CA THR A 48 -11.04 -1.15 -2.04
C THR A 48 -10.62 -0.54 -0.71
N PHE A 49 -9.49 0.14 -0.72
CA PHE A 49 -8.98 0.78 0.50
C PHE A 49 -7.84 1.74 0.17
N PRO A 50 -7.86 2.92 0.81
CA PRO A 50 -8.91 3.28 1.77
C PRO A 50 -10.25 3.51 1.10
N GLY A 51 -10.23 3.80 -0.20
CA GLY A 51 -11.46 4.04 -0.94
C GLY A 51 -11.97 5.45 -0.78
N ARG A 52 -13.00 5.62 0.04
CA ARG A 52 -13.60 6.93 0.27
C ARG A 52 -13.66 7.24 1.77
N ASP A 53 -12.56 6.99 2.46
CA ASP A 53 -12.49 7.24 3.90
C ASP A 53 -11.64 8.47 4.20
N PRO A 54 -12.24 9.45 4.90
CA PRO A 54 -11.56 10.69 5.26
C PRO A 54 -10.47 10.47 6.31
N ARG A 55 -10.63 9.42 7.11
CA ARG A 55 -9.67 9.10 8.16
C ARG A 55 -8.32 8.73 7.56
N ALA A 56 -8.35 7.92 6.51
CA ALA A 56 -7.13 7.48 5.84
C ALA A 56 -6.91 8.25 4.54
N THR A 57 -5.69 8.24 4.04
CA THR A 57 -5.35 8.93 2.81
C THR A 57 -4.01 8.46 2.26
N ILE A 58 -3.65 8.97 1.09
CA ILE A 58 -2.38 8.59 0.46
C ILE A 58 -1.62 9.84 -0.01
N GLN A 59 -0.33 9.87 0.30
CA GLN A 59 0.52 10.99 -0.08
C GLN A 59 0.97 10.86 -1.54
N GLU A 60 1.79 11.81 -1.97
CA GLU A 60 2.30 11.81 -3.34
C GLU A 60 3.11 10.54 -3.62
N GLN A 61 3.90 10.12 -2.64
CA GLN A 61 4.73 8.93 -2.77
C GLN A 61 3.97 7.69 -2.32
N GLY A 62 2.74 7.54 -2.81
CA GLY A 62 1.93 6.40 -2.45
C GLY A 62 2.11 6.00 -1.00
N THR A 63 2.21 6.99 -0.12
CA THR A 63 2.38 6.74 1.30
C THR A 63 1.04 6.71 2.03
N LEU A 64 0.51 5.51 2.26
CA LEU A 64 -0.76 5.35 2.93
C LEU A 64 -0.65 5.76 4.40
N GLN A 65 -1.39 6.79 4.78
CA GLN A 65 -1.38 7.29 6.15
C GLN A 65 -2.76 7.16 6.79
N ILE A 66 -2.84 6.36 7.85
CA ILE A 66 -4.09 6.13 8.56
C ILE A 66 -4.00 6.60 10.00
N LYS A 67 -4.95 7.44 10.42
CA LYS A 67 -4.97 7.95 11.79
C LYS A 67 -6.07 7.27 12.60
N ASN A 68 -5.91 7.28 13.92
CA ASN A 68 -6.90 6.68 14.81
C ASN A 68 -6.94 5.17 14.62
N LEU A 69 -5.77 4.57 14.41
CA LEU A 69 -5.67 3.13 14.21
C LEU A 69 -6.62 2.38 15.14
N ARG A 70 -7.04 1.20 14.72
CA ARG A 70 -7.95 0.38 15.52
C ARG A 70 -7.64 -1.10 15.36
N ILE A 71 -7.73 -1.84 16.46
CA ILE A 71 -7.46 -3.28 16.45
C ILE A 71 -8.00 -3.93 15.18
N SER A 72 -9.14 -3.44 14.71
CA SER A 72 -9.76 -3.99 13.51
C SER A 72 -8.89 -3.71 12.29
N ASP A 73 -8.36 -2.49 12.21
CA ASP A 73 -7.52 -2.11 11.09
C ASP A 73 -6.53 -3.21 10.75
N THR A 74 -6.05 -3.92 11.77
CA THR A 74 -5.10 -5.00 11.58
C THR A 74 -5.54 -5.93 10.45
N GLY A 75 -4.82 -5.88 9.33
CA GLY A 75 -5.15 -6.74 8.20
C GLY A 75 -3.96 -6.97 7.29
N THR A 76 -4.24 -7.52 6.10
CA THR A 76 -3.18 -7.80 5.14
C THR A 76 -3.21 -6.79 3.99
N TYR A 77 -2.37 -5.77 4.11
CA TYR A 77 -2.30 -4.72 3.08
C TYR A 77 -1.70 -5.27 1.79
N THR A 78 -2.24 -4.84 0.65
CA THR A 78 -1.77 -5.28 -0.64
C THR A 78 -1.59 -4.12 -1.60
N CYS A 79 -0.34 -3.80 -1.92
CA CYS A 79 -0.04 -2.70 -2.82
C CYS A 79 -0.05 -3.17 -4.27
N VAL A 80 -1.04 -2.70 -5.03
CA VAL A 80 -1.17 -3.07 -6.44
C VAL A 80 -0.83 -1.89 -7.34
N ALA A 81 0.05 -2.12 -8.30
CA ALA A 81 0.45 -1.09 -9.24
C ALA A 81 0.13 -1.49 -10.68
N THR A 82 -1.04 -1.11 -11.16
CA THR A 82 -1.46 -1.43 -12.52
C THR A 82 -0.87 -0.45 -13.52
N SER A 83 -0.54 -0.96 -14.71
CA SER A 83 0.03 -0.13 -15.76
C SER A 83 -0.14 -0.79 -17.13
N SER A 84 -0.22 0.04 -18.17
CA SER A 84 -0.39 -0.47 -19.53
C SER A 84 0.44 -1.73 -19.75
N SER A 85 1.63 -1.76 -19.15
CA SER A 85 2.53 -2.90 -19.28
C SER A 85 1.92 -4.14 -18.62
N GLY A 86 1.76 -4.07 -17.30
CA GLY A 86 1.19 -5.19 -16.57
C GLY A 86 0.65 -4.79 -15.22
N GLU A 87 0.71 -5.70 -14.26
CA GLU A 87 0.21 -5.44 -12.91
C GLU A 87 0.97 -6.26 -11.88
N THR A 88 1.36 -5.60 -10.79
CA THR A 88 2.09 -6.27 -9.71
C THR A 88 1.48 -5.97 -8.35
N SER A 89 1.47 -6.97 -7.48
CA SER A 89 0.92 -6.80 -6.14
C SER A 89 1.93 -7.22 -5.08
N TRP A 90 1.87 -6.57 -3.93
CA TRP A 90 2.78 -6.87 -2.83
C TRP A 90 2.05 -7.56 -1.69
N SER A 91 2.79 -7.92 -0.64
CA SER A 91 2.21 -8.59 0.52
C SER A 91 2.74 -7.99 1.81
N ALA A 92 1.84 -7.75 2.76
CA ALA A 92 2.22 -7.18 4.04
C ALA A 92 1.11 -7.36 5.07
N VAL A 93 1.35 -6.87 6.29
CA VAL A 93 0.36 -6.99 7.36
C VAL A 93 0.66 -5.99 8.47
N LEU A 94 -0.40 -5.49 9.11
CA LEU A 94 -0.26 -4.53 10.19
C LEU A 94 -0.75 -5.12 11.51
N ASP A 95 0.11 -5.10 12.52
CA ASP A 95 -0.23 -5.64 13.83
C ASP A 95 -0.46 -4.51 14.83
N VAL A 96 -1.72 -4.11 14.99
CA VAL A 96 -2.07 -3.04 15.91
C VAL A 96 -2.39 -3.60 17.30
N THR A 97 -1.65 -3.12 18.30
CA THR A 97 -1.84 -3.57 19.68
C THR A 97 -2.25 -2.41 20.58
N GLU A 98 -3.35 -2.59 21.30
CA GLU A 98 -3.86 -1.57 22.20
C GLU A 98 -2.73 -1.01 23.08
N SER A 99 -1.82 -1.90 23.48
CA SER A 99 -0.69 -1.51 24.33
C SER A 99 0.64 -1.86 23.66
N GLY A 100 0.84 -1.35 22.46
CA GLY A 100 2.07 -1.62 21.74
C GLY A 100 3.27 -0.88 22.32
N GLY A 1 11.61 -13.69 -11.95
CA GLY A 1 10.89 -12.87 -12.90
C GLY A 1 11.81 -12.20 -13.90
N SER A 2 11.24 -11.69 -14.98
CA SER A 2 12.02 -11.03 -16.02
C SER A 2 12.24 -9.56 -15.68
N SER A 3 13.49 -9.11 -15.78
CA SER A 3 13.83 -7.73 -15.48
C SER A 3 14.91 -7.22 -16.43
N GLY A 4 14.53 -6.28 -17.30
CA GLY A 4 15.47 -5.72 -18.25
C GLY A 4 15.50 -4.21 -18.21
N SER A 5 15.15 -3.59 -19.33
CA SER A 5 15.14 -2.13 -19.43
C SER A 5 13.78 -1.63 -19.90
N SER A 6 12.81 -2.52 -19.95
CA SER A 6 11.45 -2.17 -20.38
C SER A 6 10.50 -3.33 -20.16
N GLY A 7 9.61 -3.18 -19.19
CA GLY A 7 8.64 -4.22 -18.89
C GLY A 7 7.51 -3.73 -18.01
N PRO A 8 6.86 -4.66 -17.30
CA PRO A 8 5.74 -4.34 -16.40
C PRO A 8 6.19 -3.58 -15.17
N PRO A 9 5.21 -3.06 -14.41
CA PRO A 9 5.48 -2.29 -13.18
C PRO A 9 6.02 -3.17 -12.06
N ILE A 10 7.02 -2.66 -11.35
CA ILE A 10 7.63 -3.39 -10.25
C ILE A 10 7.76 -2.52 -9.01
N ILE A 11 7.41 -3.07 -7.85
CA ILE A 11 7.50 -2.35 -6.59
C ILE A 11 8.86 -2.55 -5.93
N LEU A 12 9.81 -1.69 -6.28
CA LEU A 12 11.16 -1.77 -5.72
C LEU A 12 11.11 -1.89 -4.20
N GLN A 13 10.49 -0.90 -3.56
CA GLN A 13 10.38 -0.90 -2.10
C GLN A 13 8.92 -0.73 -1.67
N GLY A 14 8.23 -1.86 -1.53
CA GLY A 14 6.84 -1.82 -1.13
C GLY A 14 6.66 -1.67 0.37
N PRO A 15 5.48 -2.05 0.88
CA PRO A 15 5.16 -1.97 2.31
C PRO A 15 5.95 -2.99 3.13
N ALA A 16 5.51 -3.20 4.37
CA ALA A 16 6.17 -4.15 5.26
C ALA A 16 5.34 -4.40 6.50
N ASN A 17 5.49 -5.58 7.09
CA ASN A 17 4.76 -5.95 8.29
C ASN A 17 5.25 -5.16 9.50
N GLN A 18 4.46 -4.17 9.92
CA GLN A 18 4.82 -3.34 11.07
C GLN A 18 3.83 -3.51 12.21
N THR A 19 4.33 -3.52 13.44
CA THR A 19 3.49 -3.68 14.61
C THR A 19 3.35 -2.36 15.37
N LEU A 20 2.28 -1.63 15.09
CA LEU A 20 2.03 -0.36 15.76
C LEU A 20 1.02 -0.52 16.89
N ALA A 21 0.65 0.60 17.51
CA ALA A 21 -0.31 0.58 18.60
C ALA A 21 -1.54 1.41 18.26
N VAL A 22 -2.72 0.87 18.57
CA VAL A 22 -3.97 1.57 18.29
C VAL A 22 -3.88 3.05 18.66
N ASP A 23 -4.61 3.88 17.93
CA ASP A 23 -4.60 5.32 18.18
C ASP A 23 -3.25 5.93 17.78
N GLY A 24 -2.67 5.43 16.71
CA GLY A 24 -1.38 5.93 16.26
C GLY A 24 -1.42 6.34 14.80
N THR A 25 -0.35 6.02 14.07
CA THR A 25 -0.26 6.37 12.65
C THR A 25 0.53 5.31 11.89
N ALA A 26 -0.13 4.71 10.90
CA ALA A 26 0.52 3.68 10.08
C ALA A 26 0.92 4.23 8.72
N LEU A 27 2.22 4.32 8.48
CA LEU A 27 2.73 4.83 7.21
C LEU A 27 3.23 3.69 6.33
N LEU A 28 2.43 3.34 5.33
CA LEU A 28 2.78 2.27 4.40
C LEU A 28 3.46 2.83 3.16
N LYS A 29 4.77 2.66 3.08
CA LYS A 29 5.54 3.15 1.93
C LYS A 29 5.48 2.15 0.78
N CYS A 30 5.39 2.67 -0.44
CA CYS A 30 5.33 1.82 -1.63
C CYS A 30 5.84 2.58 -2.85
N LYS A 31 7.04 2.21 -3.31
CA LYS A 31 7.64 2.85 -4.48
C LYS A 31 7.66 1.90 -5.66
N ALA A 32 6.99 2.29 -6.75
CA ALA A 32 6.94 1.48 -7.95
C ALA A 32 7.45 2.25 -9.16
N THR A 33 8.21 1.57 -10.02
CA THR A 33 8.76 2.20 -11.21
C THR A 33 8.23 1.53 -12.47
N GLY A 34 8.00 2.33 -13.51
CA GLY A 34 7.50 1.79 -14.76
C GLY A 34 7.00 2.88 -15.69
N ASP A 35 6.39 2.47 -16.79
CA ASP A 35 5.86 3.42 -17.78
C ASP A 35 4.76 2.77 -18.62
N PRO A 36 3.60 3.44 -18.67
CA PRO A 36 3.37 4.71 -17.97
C PRO A 36 3.31 4.52 -16.46
N LEU A 37 3.64 5.59 -15.73
CA LEU A 37 3.62 5.55 -14.27
C LEU A 37 2.47 4.68 -13.77
N PRO A 38 2.83 3.62 -13.03
CA PRO A 38 1.84 2.68 -12.47
C PRO A 38 1.02 3.31 -11.35
N VAL A 39 -0.26 2.96 -11.28
CA VAL A 39 -1.15 3.49 -10.26
C VAL A 39 -1.16 2.60 -9.02
N ILE A 40 -0.59 3.10 -7.93
CA ILE A 40 -0.53 2.34 -6.69
C ILE A 40 -1.92 2.21 -6.06
N SER A 41 -2.26 1.00 -5.63
CA SER A 41 -3.56 0.75 -5.02
C SER A 41 -3.42 -0.20 -3.83
N TRP A 42 -4.14 0.10 -2.76
CA TRP A 42 -4.10 -0.73 -1.55
C TRP A 42 -5.42 -1.47 -1.35
N LEU A 43 -5.35 -2.79 -1.25
CA LEU A 43 -6.54 -3.61 -1.06
C LEU A 43 -6.54 -4.24 0.33
N LYS A 44 -7.59 -3.97 1.10
CA LYS A 44 -7.71 -4.51 2.45
C LYS A 44 -8.47 -5.83 2.43
N GLU A 45 -7.74 -6.93 2.56
CA GLU A 45 -8.33 -8.26 2.55
C GLU A 45 -9.14 -8.49 1.28
N GLY A 46 -8.59 -8.03 0.16
CA GLY A 46 -9.27 -8.20 -1.12
C GLY A 46 -10.49 -7.30 -1.25
N PHE A 47 -10.30 -6.02 -0.96
CA PHE A 47 -11.40 -5.06 -1.04
C PHE A 47 -10.86 -3.63 -1.15
N THR A 48 -11.62 -2.77 -1.83
CA THR A 48 -11.22 -1.37 -2.00
C THR A 48 -10.77 -0.76 -0.68
N PHE A 49 -9.71 0.04 -0.73
CA PHE A 49 -9.17 0.69 0.45
C PHE A 49 -8.09 1.70 0.09
N PRO A 50 -8.11 2.85 0.78
CA PRO A 50 -9.09 3.15 1.82
C PRO A 50 -10.49 3.35 1.25
N GLY A 51 -10.57 4.00 0.08
CA GLY A 51 -11.84 4.24 -0.54
C GLY A 51 -12.25 5.71 -0.47
N ARG A 52 -13.30 5.98 0.30
CA ARG A 52 -13.80 7.35 0.46
C ARG A 52 -13.63 7.82 1.90
N ASP A 53 -12.95 7.02 2.71
CA ASP A 53 -12.72 7.35 4.11
C ASP A 53 -11.70 8.48 4.24
N PRO A 54 -12.10 9.58 4.89
CA PRO A 54 -11.24 10.75 5.10
C PRO A 54 -10.11 10.46 6.08
N ARG A 55 -10.38 9.61 7.06
CA ARG A 55 -9.39 9.26 8.06
C ARG A 55 -8.10 8.77 7.41
N ALA A 56 -8.24 7.89 6.42
CA ALA A 56 -7.09 7.35 5.71
C ALA A 56 -6.91 8.03 4.36
N THR A 57 -5.66 8.17 3.93
CA THR A 57 -5.35 8.81 2.66
C THR A 57 -4.02 8.31 2.10
N ILE A 58 -3.76 8.62 0.83
CA ILE A 58 -2.53 8.20 0.18
C ILE A 58 -1.66 9.40 -0.18
N GLN A 59 -0.37 9.29 0.09
CA GLN A 59 0.57 10.37 -0.21
C GLN A 59 1.60 9.93 -1.25
N GLU A 60 2.23 10.90 -1.90
CA GLU A 60 3.22 10.61 -2.92
C GLU A 60 2.76 9.48 -3.83
N GLN A 61 1.45 9.32 -3.94
CA GLN A 61 0.87 8.28 -4.78
C GLN A 61 1.38 6.89 -4.36
N GLY A 62 1.39 6.64 -3.05
CA GLY A 62 1.85 5.36 -2.55
C GLY A 62 1.91 5.34 -1.03
N THR A 63 2.64 6.28 -0.45
CA THR A 63 2.78 6.35 1.00
C THR A 63 1.42 6.50 1.67
N LEU A 64 0.79 5.38 1.98
CA LEU A 64 -0.52 5.39 2.63
C LEU A 64 -0.40 5.81 4.09
N GLN A 65 -1.41 6.53 4.58
CA GLN A 65 -1.42 7.00 5.97
C GLN A 65 -2.77 6.75 6.61
N ILE A 66 -2.76 6.18 7.81
CA ILE A 66 -3.99 5.89 8.54
C ILE A 66 -3.85 6.26 10.01
N LYS A 67 -4.73 7.15 10.48
CA LYS A 67 -4.72 7.59 11.86
C LYS A 67 -5.85 6.94 12.65
N ASN A 68 -5.99 7.32 13.92
CA ASN A 68 -7.04 6.79 14.77
C ASN A 68 -7.21 5.28 14.55
N LEU A 69 -6.10 4.61 14.27
CA LEU A 69 -6.12 3.17 14.03
C LEU A 69 -6.96 2.45 15.09
N ARG A 70 -7.30 1.20 14.82
CA ARG A 70 -8.09 0.41 15.76
C ARG A 70 -7.69 -1.06 15.70
N ILE A 71 -7.91 -1.77 16.81
CA ILE A 71 -7.57 -3.18 16.89
C ILE A 71 -8.19 -3.96 15.73
N SER A 72 -9.17 -3.35 15.07
CA SER A 72 -9.84 -3.99 13.95
C SER A 72 -9.08 -3.76 12.65
N ASP A 73 -8.65 -2.51 12.44
CA ASP A 73 -7.90 -2.16 11.24
C ASP A 73 -6.89 -3.25 10.88
N THR A 74 -6.31 -3.85 11.92
CA THR A 74 -5.32 -4.91 11.71
C THR A 74 -5.72 -5.83 10.56
N GLY A 75 -5.13 -5.61 9.40
CA GLY A 75 -5.43 -6.43 8.23
C GLY A 75 -4.22 -6.65 7.34
N THR A 76 -4.45 -7.28 6.19
CA THR A 76 -3.37 -7.55 5.25
C THR A 76 -3.54 -6.73 3.98
N TYR A 77 -2.91 -5.56 3.94
CA TYR A 77 -2.98 -4.69 2.78
C TYR A 77 -2.27 -5.30 1.59
N THR A 78 -2.52 -4.73 0.40
CA THR A 78 -1.91 -5.23 -0.82
C THR A 78 -1.61 -4.08 -1.79
N CYS A 79 -0.33 -3.76 -1.93
CA CYS A 79 0.09 -2.69 -2.82
C CYS A 79 0.25 -3.19 -4.25
N VAL A 80 -0.72 -2.88 -5.10
CA VAL A 80 -0.68 -3.30 -6.49
C VAL A 80 -0.58 -2.11 -7.42
N ALA A 81 0.31 -2.21 -8.41
CA ALA A 81 0.49 -1.13 -9.38
C ALA A 81 0.09 -1.58 -10.79
N THR A 82 -0.99 -1.00 -11.29
CA THR A 82 -1.48 -1.34 -12.63
C THR A 82 -1.03 -0.31 -13.65
N SER A 83 -0.77 -0.79 -14.88
CA SER A 83 -0.32 0.09 -15.95
C SER A 83 -0.56 -0.56 -17.31
N SER A 84 -0.16 0.15 -18.37
CA SER A 84 -0.34 -0.36 -19.73
C SER A 84 0.65 -1.49 -20.01
N SER A 85 1.72 -1.55 -19.22
CA SER A 85 2.74 -2.58 -19.40
C SER A 85 2.30 -3.89 -18.77
N GLY A 86 1.95 -3.83 -17.48
CA GLY A 86 1.52 -5.02 -16.78
C GLY A 86 0.92 -4.71 -15.42
N GLU A 87 1.31 -5.48 -14.41
CA GLU A 87 0.81 -5.28 -13.06
C GLU A 87 1.61 -6.09 -12.05
N THR A 88 1.72 -5.57 -10.83
CA THR A 88 2.46 -6.24 -9.78
C THR A 88 1.87 -5.95 -8.41
N SER A 89 1.63 -7.00 -7.63
CA SER A 89 1.05 -6.86 -6.30
C SER A 89 2.11 -7.13 -5.23
N TRP A 90 1.82 -6.69 -4.00
CA TRP A 90 2.74 -6.88 -2.89
C TRP A 90 2.01 -7.47 -1.68
N SER A 91 2.76 -7.76 -0.62
CA SER A 91 2.19 -8.32 0.59
C SER A 91 2.64 -7.54 1.82
N ALA A 92 1.73 -7.38 2.78
CA ALA A 92 2.03 -6.66 4.01
C ALA A 92 0.89 -6.78 5.01
N VAL A 93 1.23 -6.68 6.30
CA VAL A 93 0.23 -6.79 7.36
C VAL A 93 0.53 -5.80 8.49
N LEU A 94 -0.51 -5.09 8.92
CA LEU A 94 -0.35 -4.12 10.00
C LEU A 94 -0.92 -4.66 11.31
N ASP A 95 -0.03 -5.02 12.23
CA ASP A 95 -0.43 -5.55 13.53
C ASP A 95 -0.62 -4.42 14.54
N VAL A 96 -1.86 -4.08 14.81
CA VAL A 96 -2.18 -3.02 15.77
C VAL A 96 -2.57 -3.60 17.13
N THR A 97 -1.79 -3.26 18.15
CA THR A 97 -2.06 -3.75 19.50
C THR A 97 -2.35 -2.60 20.45
N GLU A 98 -2.87 -2.93 21.63
CA GLU A 98 -3.20 -1.92 22.63
C GLU A 98 -1.94 -1.36 23.27
N SER A 99 -0.94 -2.22 23.45
CA SER A 99 0.32 -1.81 24.06
C SER A 99 1.48 -1.97 23.08
N GLY A 100 1.22 -1.66 21.81
CA GLY A 100 2.24 -1.76 20.80
C GLY A 100 3.02 -3.06 20.89
#